data_7DBL
#
_entry.id   7DBL
#
_cell.length_a   64.819
_cell.length_b   92.785
_cell.length_c   160.756
_cell.angle_alpha   90.000
_cell.angle_beta   95.390
_cell.angle_gamma   90.000
#
_symmetry.space_group_name_H-M   'P 1 21 1'
#
loop_
_entity.id
_entity.type
_entity.pdbx_description
1 polymer "acyl-CoA hydrolase MpaH'"
2 non-polymer 'MYCOPHENOLIC ACID'
3 water water
#
_entity_poly.entity_id   1
_entity_poly.type   'polypeptide(L)'
_entity_poly.pdbx_seq_one_letter_code
;MSTEKFTITEHLVPGSHIREYPGSTVNQEDVLKIHVKQYTPKREGPVPDDAITFIATHGVGLPKELYEPLWDELLDQASG
FHIRAIWMADVASMNQSGIHNEDKLSMDCSWMDHARDLLLMINHFRDQMPRPLVGIGHAFGGNIITNLAYLHPRLFTTLL
LLDPLIQLSPPSLGFGTDAPSAINYTLWRDDVWPSREVAIRANRAIMQGMDPRCLDRMTKHFFRDLPTPLYPDVEAIKAL
FGTTADSTTTPVTLTTPKYHELVAQIRQNFNARDPKTGRIEVPRDTHADMDPLVAYIPLYRPEPRSTFRRLETLRPSCLW
VIAGATFLNIDEIREGVKICGSGIGGSGGVPDGRVREVVLPGFGHLMPFQEVKTVAETCIVWLQQEMDRFRQTERQWKED
RDGKSHLAVEENWYKVLKPIPSGRKKRNDKGKL
;
_entity_poly.pdbx_strand_id   A,B,C,D
#
# COMPACT_ATOMS: atom_id res chain seq x y z
N MET A 1 -27.86 7.52 -43.18
CA MET A 1 -26.39 7.60 -43.36
C MET A 1 -25.77 6.22 -43.17
N SER A 2 -24.54 6.06 -43.66
CA SER A 2 -23.89 4.76 -43.88
C SER A 2 -22.36 4.93 -43.96
N THR A 3 -21.61 3.97 -43.41
CA THR A 3 -20.18 3.70 -43.76
C THR A 3 -20.19 2.62 -44.86
N GLU A 4 -19.05 1.96 -45.14
CA GLU A 4 -18.99 0.84 -46.12
C GLU A 4 -20.00 -0.25 -45.69
N LYS A 5 -20.04 -0.62 -44.41
CA LYS A 5 -20.67 -1.88 -43.93
C LYS A 5 -21.88 -1.65 -43.01
N PHE A 6 -22.14 -0.43 -42.56
CA PHE A 6 -23.10 -0.16 -41.44
C PHE A 6 -24.17 0.86 -41.82
N THR A 7 -25.37 0.66 -41.27
CA THR A 7 -26.42 1.66 -40.99
C THR A 7 -25.96 2.52 -39.80
N ILE A 8 -26.18 3.83 -39.89
CA ILE A 8 -25.87 4.81 -38.82
C ILE A 8 -27.17 5.36 -38.27
N THR A 9 -27.38 5.29 -36.96
CA THR A 9 -28.44 6.01 -36.24
C THR A 9 -27.79 7.04 -35.32
N GLU A 10 -28.24 8.30 -35.37
CA GLU A 10 -27.74 9.37 -34.47
C GLU A 10 -28.66 9.49 -33.28
N HIS A 11 -28.12 9.78 -32.10
CA HIS A 11 -28.88 9.98 -30.86
C HIS A 11 -28.28 11.16 -30.10
N LEU A 12 -29.10 11.83 -29.32
CA LEU A 12 -28.67 12.90 -28.41
C LEU A 12 -29.24 12.50 -27.05
N VAL A 13 -28.40 12.11 -26.08
CA VAL A 13 -28.87 11.53 -24.79
C VAL A 13 -28.31 12.39 -23.67
N PRO A 14 -29.11 12.64 -22.61
CA PRO A 14 -28.64 13.37 -21.45
C PRO A 14 -27.49 12.62 -20.76
N GLY A 15 -26.47 13.37 -20.36
CA GLY A 15 -25.38 12.83 -19.52
C GLY A 15 -25.66 12.96 -18.03
N SER A 16 -24.63 12.65 -17.25
CA SER A 16 -24.61 12.49 -15.79
C SER A 16 -24.94 13.85 -15.12
N HIS A 17 -25.86 13.79 -14.19
CA HIS A 17 -26.26 14.90 -13.28
C HIS A 17 -25.15 15.21 -12.26
N ILE A 18 -24.73 16.48 -12.24
CA ILE A 18 -23.66 17.05 -11.39
C ILE A 18 -22.29 16.56 -11.90
N ARG A 19 -21.54 17.51 -12.45
CA ARG A 19 -20.23 17.25 -13.07
C ARG A 19 -19.18 17.20 -11.94
N GLU A 20 -18.12 16.44 -12.16
CA GLU A 20 -17.05 16.23 -11.17
C GLU A 20 -16.40 17.56 -10.76
N TYR A 21 -16.20 18.47 -11.70
CA TYR A 21 -15.66 19.83 -11.40
C TYR A 21 -16.78 20.84 -11.64
N PRO A 22 -17.04 21.74 -10.67
CA PRO A 22 -18.17 22.66 -10.74
C PRO A 22 -18.04 23.65 -11.92
N GLY A 23 -16.82 24.01 -12.32
CA GLY A 23 -16.59 24.97 -13.42
C GLY A 23 -16.61 24.31 -14.78
N SER A 24 -17.08 23.08 -14.90
CA SER A 24 -17.13 22.40 -16.22
C SER A 24 -18.37 22.88 -17.00
N THR A 25 -19.30 23.56 -16.33
CA THR A 25 -20.53 24.09 -16.98
C THR A 25 -20.83 25.47 -16.41
N VAL A 26 -21.71 26.20 -17.08
CA VAL A 26 -22.14 27.56 -16.61
C VAL A 26 -22.89 27.41 -15.27
N ASN A 27 -23.82 26.47 -15.18
CA ASN A 27 -24.63 26.22 -13.97
C ASN A 27 -24.40 24.77 -13.54
N GLN A 28 -24.27 24.51 -12.24
CA GLN A 28 -23.90 23.17 -11.73
C GLN A 28 -24.99 22.12 -12.04
N GLU A 29 -26.25 22.51 -12.24
CA GLU A 29 -27.33 21.55 -12.58
C GLU A 29 -27.55 21.43 -14.10
N ASP A 30 -26.68 22.02 -14.93
CA ASP A 30 -26.89 21.99 -16.40
C ASP A 30 -27.01 20.53 -16.85
N VAL A 31 -27.88 20.27 -17.79
CA VAL A 31 -28.04 18.94 -18.45
C VAL A 31 -27.20 18.95 -19.73
N LEU A 32 -26.02 18.35 -19.69
CA LEU A 32 -25.20 18.18 -20.91
C LEU A 32 -25.76 16.98 -21.68
N LYS A 33 -25.69 17.02 -23.00
CA LYS A 33 -26.07 15.89 -23.85
C LYS A 33 -24.83 15.32 -24.55
N ILE A 34 -24.88 14.04 -24.86
CA ILE A 34 -23.84 13.39 -25.68
C ILE A 34 -24.47 12.96 -27.02
N HIS A 35 -23.79 13.35 -28.09
CA HIS A 35 -24.12 12.95 -29.47
C HIS A 35 -23.49 11.59 -29.70
N VAL A 36 -24.31 10.61 -30.02
CA VAL A 36 -23.93 9.20 -30.19
C VAL A 36 -24.20 8.79 -31.63
N LYS A 37 -23.30 8.02 -32.20
CA LYS A 37 -23.60 7.27 -33.45
C LYS A 37 -23.60 5.79 -33.12
N GLN A 38 -24.67 5.13 -33.57
CA GLN A 38 -24.89 3.67 -33.45
C GLN A 38 -24.69 3.06 -34.84
N TYR A 39 -23.76 2.13 -34.94
CA TYR A 39 -23.34 1.49 -36.22
C TYR A 39 -23.85 0.06 -36.23
N THR A 40 -24.87 -0.23 -37.04
CA THR A 40 -25.50 -1.55 -37.12
C THR A 40 -25.10 -2.20 -38.44
N PRO A 41 -24.44 -3.37 -38.42
CA PRO A 41 -24.06 -4.03 -39.68
C PRO A 41 -25.27 -4.22 -40.60
N LYS A 42 -25.14 -3.86 -41.88
CA LYS A 42 -26.07 -4.34 -42.95
C LYS A 42 -25.92 -5.87 -42.98
N ARG A 43 -26.98 -6.63 -42.75
CA ARG A 43 -26.87 -8.10 -42.51
C ARG A 43 -28.07 -8.81 -43.11
N GLU A 44 -27.81 -9.92 -43.82
CA GLU A 44 -28.86 -10.82 -44.38
C GLU A 44 -29.48 -11.61 -43.23
N GLY A 45 -28.68 -12.41 -42.53
CA GLY A 45 -29.18 -13.37 -41.51
C GLY A 45 -29.74 -12.64 -40.29
N PRO A 46 -30.38 -13.37 -39.35
CA PRO A 46 -30.68 -12.81 -38.03
C PRO A 46 -29.38 -12.55 -37.27
N VAL A 47 -29.46 -11.73 -36.22
CA VAL A 47 -28.30 -11.39 -35.36
C VAL A 47 -28.05 -12.57 -34.40
N PRO A 48 -26.88 -13.23 -34.45
CA PRO A 48 -26.53 -14.25 -33.46
C PRO A 48 -26.71 -13.76 -32.01
N ASP A 49 -27.02 -14.68 -31.09
CA ASP A 49 -27.36 -14.38 -29.66
C ASP A 49 -26.17 -13.86 -28.84
N ASP A 50 -24.95 -14.12 -29.26
CA ASP A 50 -23.70 -13.72 -28.56
C ASP A 50 -23.01 -12.59 -29.35
N ALA A 51 -23.71 -11.95 -30.28
CA ALA A 51 -23.12 -10.82 -31.05
C ALA A 51 -22.72 -9.70 -30.07
N ILE A 52 -21.59 -9.04 -30.34
CA ILE A 52 -20.94 -8.09 -29.40
C ILE A 52 -21.52 -6.69 -29.57
N THR A 53 -21.85 -6.05 -28.45
CA THR A 53 -22.11 -4.59 -28.39
C THR A 53 -20.79 -3.90 -28.04
N PHE A 54 -20.27 -3.05 -28.91
CA PHE A 54 -19.04 -2.30 -28.65
C PHE A 54 -19.42 -0.90 -28.16
N ILE A 55 -18.79 -0.47 -27.06
CA ILE A 55 -18.89 0.92 -26.52
C ILE A 55 -17.52 1.54 -26.69
N ALA A 56 -17.42 2.58 -27.51
CA ALA A 56 -16.13 3.16 -27.93
C ALA A 56 -16.00 4.61 -27.46
N THR A 57 -14.78 5.02 -27.13
CA THR A 57 -14.44 6.39 -26.71
C THR A 57 -13.23 6.89 -27.48
N HIS A 58 -13.22 8.17 -27.81
CA HIS A 58 -12.23 8.81 -28.73
C HIS A 58 -11.12 9.50 -27.93
N GLY A 59 -10.10 10.00 -28.64
CA GLY A 59 -9.04 10.84 -28.06
C GLY A 59 -9.48 12.29 -28.01
N VAL A 60 -8.75 13.12 -27.27
CA VAL A 60 -9.06 14.55 -27.09
C VAL A 60 -9.17 15.24 -28.47
N GLY A 61 -10.32 15.85 -28.73
CA GLY A 61 -10.55 16.65 -29.93
C GLY A 61 -10.67 15.81 -31.19
N LEU A 62 -10.77 14.48 -31.08
CA LEU A 62 -10.80 13.59 -32.28
C LEU A 62 -12.23 13.18 -32.51
N PRO A 63 -12.87 13.67 -33.59
CA PRO A 63 -14.28 13.36 -33.83
C PRO A 63 -14.54 11.86 -33.93
N LYS A 64 -15.70 11.43 -33.38
CA LYS A 64 -16.06 10.01 -33.38
C LYS A 64 -16.03 9.46 -34.82
N GLU A 65 -16.37 10.28 -35.81
CA GLU A 65 -16.47 9.82 -37.22
C GLU A 65 -15.10 9.36 -37.73
N LEU A 66 -14.00 9.83 -37.16
CA LEU A 66 -12.64 9.37 -37.57
C LEU A 66 -12.50 7.87 -37.37
N TYR A 67 -13.28 7.25 -36.47
CA TYR A 67 -13.11 5.83 -36.10
C TYR A 67 -13.89 4.93 -37.09
N GLU A 68 -14.65 5.52 -38.01
CA GLU A 68 -15.54 4.76 -38.90
C GLU A 68 -14.76 3.80 -39.78
N PRO A 69 -13.60 4.16 -40.38
CA PRO A 69 -12.84 3.16 -41.15
C PRO A 69 -12.40 1.97 -40.27
N LEU A 70 -12.01 2.23 -39.03
CA LEU A 70 -11.66 1.16 -38.07
C LEU A 70 -12.88 0.25 -37.88
N TRP A 71 -14.09 0.81 -37.73
CA TRP A 71 -15.31 -0.01 -37.55
C TRP A 71 -15.50 -0.89 -38.80
N ASP A 72 -15.33 -0.30 -39.99
CA ASP A 72 -15.47 -1.03 -41.28
C ASP A 72 -14.49 -2.19 -41.30
N GLU A 73 -13.25 -1.97 -40.90
CA GLU A 73 -12.19 -3.00 -40.89
C GLU A 73 -12.54 -4.08 -39.87
N LEU A 74 -13.01 -3.72 -38.68
CA LEU A 74 -13.40 -4.73 -37.64
C LEU A 74 -14.45 -5.66 -38.26
N LEU A 75 -15.46 -5.10 -38.92
CA LEU A 75 -16.56 -5.91 -39.47
C LEU A 75 -16.02 -6.76 -40.63
N ASP A 76 -15.29 -6.13 -41.55
CA ASP A 76 -14.79 -6.83 -42.77
C ASP A 76 -13.92 -8.02 -42.37
N GLN A 77 -13.09 -7.89 -41.33
CA GLN A 77 -12.10 -8.92 -40.93
C GLN A 77 -12.64 -9.79 -39.77
N ALA A 78 -13.86 -9.58 -39.27
CA ALA A 78 -14.39 -10.30 -38.08
C ALA A 78 -14.29 -11.80 -38.34
N SER A 79 -13.73 -12.56 -37.40
CA SER A 79 -13.64 -14.04 -37.47
C SER A 79 -13.90 -14.64 -36.09
N GLY A 80 -14.94 -15.49 -35.95
CA GLY A 80 -15.26 -16.17 -34.68
C GLY A 80 -16.03 -15.28 -33.70
N PHE A 81 -16.59 -14.18 -34.19
CA PHE A 81 -17.50 -13.31 -33.41
C PHE A 81 -18.36 -12.53 -34.40
N HIS A 82 -19.48 -12.03 -33.91
CA HIS A 82 -20.41 -11.17 -34.67
C HIS A 82 -20.51 -9.83 -33.96
N ILE A 83 -20.82 -8.81 -34.73
CA ILE A 83 -20.99 -7.43 -34.23
C ILE A 83 -22.48 -7.18 -34.18
N ARG A 84 -23.03 -6.92 -33.00
CA ARG A 84 -24.45 -6.48 -32.92
C ARG A 84 -24.45 -5.01 -33.36
N ALA A 85 -23.59 -4.20 -32.76
CA ALA A 85 -23.49 -2.77 -33.10
C ALA A 85 -22.32 -2.15 -32.36
N ILE A 86 -21.83 -1.06 -32.94
CA ILE A 86 -20.78 -0.22 -32.33
C ILE A 86 -21.45 1.09 -31.97
N TRP A 87 -21.25 1.53 -30.74
CA TRP A 87 -21.79 2.83 -30.23
C TRP A 87 -20.60 3.70 -29.84
N MET A 88 -20.52 4.89 -30.40
CA MET A 88 -19.48 5.87 -30.04
C MET A 88 -20.16 7.22 -29.80
N ALA A 89 -19.92 7.80 -28.62
CA ALA A 89 -20.37 9.14 -28.26
C ALA A 89 -19.19 10.11 -28.32
N ASP A 90 -19.47 11.34 -28.75
CA ASP A 90 -18.59 12.50 -28.49
C ASP A 90 -18.69 12.91 -27.02
N VAL A 91 -17.54 13.03 -26.36
CA VAL A 91 -17.44 13.64 -25.01
C VAL A 91 -18.17 14.99 -25.01
N ALA A 92 -18.85 15.31 -23.90
CA ALA A 92 -19.83 16.42 -23.81
C ALA A 92 -19.23 17.74 -24.28
N SER A 93 -17.93 17.95 -24.10
CA SER A 93 -17.24 19.24 -24.30
C SER A 93 -16.52 19.28 -25.65
N MET A 94 -16.70 18.26 -26.51
CA MET A 94 -15.91 18.10 -27.74
C MET A 94 -16.79 17.75 -28.93
N ASN A 95 -16.31 18.04 -30.14
CA ASN A 95 -16.83 17.44 -31.38
C ASN A 95 -18.31 17.86 -31.50
N GLN A 96 -19.23 16.98 -31.89
CA GLN A 96 -20.67 17.35 -32.06
C GLN A 96 -21.38 17.61 -30.73
N SER A 97 -21.04 16.89 -29.66
CA SER A 97 -21.63 17.09 -28.32
C SER A 97 -21.33 18.54 -27.88
N GLY A 98 -20.10 19.02 -28.12
CA GLY A 98 -19.67 20.36 -27.66
C GLY A 98 -20.50 21.42 -28.36
N ILE A 99 -20.83 21.19 -29.62
CA ILE A 99 -21.71 22.11 -30.41
C ILE A 99 -23.08 22.13 -29.72
N HIS A 100 -23.69 20.96 -29.49
CA HIS A 100 -25.02 20.90 -28.82
C HIS A 100 -24.94 21.60 -27.46
N ASN A 101 -23.84 21.47 -26.71
CA ASN A 101 -23.71 21.99 -25.32
C ASN A 101 -23.07 23.37 -25.26
N GLU A 102 -22.83 24.04 -26.39
CA GLU A 102 -21.89 25.19 -26.47
C GLU A 102 -22.30 26.33 -25.53
N ASP A 103 -23.60 26.48 -25.23
CA ASP A 103 -24.07 27.57 -24.34
C ASP A 103 -24.01 27.16 -22.86
N LYS A 104 -23.65 25.91 -22.55
CA LYS A 104 -23.62 25.40 -21.16
C LYS A 104 -22.18 25.04 -20.72
N LEU A 105 -21.24 24.90 -21.64
CA LEU A 105 -19.85 24.49 -21.32
C LEU A 105 -19.13 25.63 -20.63
N SER A 106 -18.13 25.28 -19.82
CA SER A 106 -17.20 26.26 -19.19
C SER A 106 -15.83 25.62 -19.09
N MET A 107 -14.89 26.33 -18.47
CA MET A 107 -13.44 26.04 -18.62
C MET A 107 -12.96 25.03 -17.56
N ASP A 108 -13.54 23.82 -17.58
CA ASP A 108 -13.00 22.69 -16.79
C ASP A 108 -13.51 21.40 -17.45
N CYS A 109 -12.91 20.28 -17.06
CA CYS A 109 -13.18 18.96 -17.65
C CYS A 109 -12.61 17.89 -16.71
N SER A 110 -13.48 16.97 -16.26
CA SER A 110 -13.06 15.70 -15.61
C SER A 110 -13.32 14.56 -16.60
N TRP A 111 -12.33 13.72 -16.79
CA TRP A 111 -12.53 12.54 -17.67
C TRP A 111 -13.58 11.61 -17.06
N MET A 112 -13.74 11.63 -15.73
CA MET A 112 -14.63 10.69 -15.01
C MET A 112 -16.09 10.91 -15.46
N ASP A 113 -16.45 12.14 -15.84
CA ASP A 113 -17.83 12.47 -16.26
C ASP A 113 -18.24 11.62 -17.45
N HIS A 114 -17.38 11.44 -18.45
CA HIS A 114 -17.74 10.65 -19.66
C HIS A 114 -17.99 9.19 -19.29
N ALA A 115 -17.30 8.65 -18.28
CA ALA A 115 -17.56 7.28 -17.81
C ALA A 115 -18.99 7.18 -17.28
N ARG A 116 -19.43 8.19 -16.50
CA ARG A 116 -20.82 8.20 -15.98
C ARG A 116 -21.81 8.46 -17.12
N ASP A 117 -21.47 9.35 -18.07
CA ASP A 117 -22.31 9.62 -19.26
C ASP A 117 -22.54 8.32 -20.02
N LEU A 118 -21.51 7.51 -20.19
CA LEU A 118 -21.61 6.24 -20.96
C LEU A 118 -22.43 5.22 -20.16
N LEU A 119 -22.28 5.19 -18.83
CA LEU A 119 -23.09 4.25 -18.02
C LEU A 119 -24.58 4.59 -18.23
N LEU A 120 -24.94 5.88 -18.18
CA LEU A 120 -26.33 6.34 -18.42
C LEU A 120 -26.78 5.92 -19.84
N MET A 121 -25.95 6.17 -20.84
CA MET A 121 -26.25 5.82 -22.25
C MET A 121 -26.57 4.33 -22.37
N ILE A 122 -25.77 3.47 -21.75
CA ILE A 122 -25.95 2.00 -21.84
C ILE A 122 -27.29 1.61 -21.22
N ASN A 123 -27.65 2.21 -20.09
CA ASN A 123 -28.93 1.94 -19.40
C ASN A 123 -30.08 2.43 -20.26
N HIS A 124 -29.92 3.57 -20.93
CA HIS A 124 -30.94 4.13 -21.84
C HIS A 124 -31.19 3.13 -22.98
N PHE A 125 -30.16 2.55 -23.54
CA PHE A 125 -30.27 1.66 -24.75
C PHE A 125 -30.15 0.20 -24.33
N ARG A 126 -30.47 -0.14 -23.09
CA ARG A 126 -30.17 -1.51 -22.56
C ARG A 126 -30.84 -2.59 -23.43
N ASP A 127 -32.03 -2.34 -23.96
CA ASP A 127 -32.81 -3.34 -24.72
C ASP A 127 -32.05 -3.73 -26.00
N GLN A 128 -31.18 -2.86 -26.52
CA GLN A 128 -30.37 -3.10 -27.75
C GLN A 128 -28.94 -3.52 -27.37
N MET A 129 -28.64 -3.68 -26.09
CA MET A 129 -27.27 -3.95 -25.58
C MET A 129 -27.29 -5.13 -24.61
N PRO A 130 -27.71 -6.33 -25.04
CA PRO A 130 -27.54 -7.52 -24.21
C PRO A 130 -26.06 -7.87 -24.13
N ARG A 131 -25.67 -8.71 -23.18
CA ARG A 131 -24.29 -9.23 -23.12
C ARG A 131 -24.02 -10.02 -24.41
N PRO A 132 -22.78 -10.10 -24.91
CA PRO A 132 -21.63 -9.42 -24.32
C PRO A 132 -21.42 -7.98 -24.79
N LEU A 133 -20.95 -7.11 -23.87
CA LEU A 133 -20.44 -5.76 -24.20
C LEU A 133 -18.91 -5.80 -24.15
N VAL A 134 -18.28 -5.03 -25.03
CA VAL A 134 -16.82 -4.86 -25.13
C VAL A 134 -16.56 -3.36 -25.20
N GLY A 135 -15.58 -2.89 -24.45
CA GLY A 135 -15.16 -1.49 -24.44
C GLY A 135 -13.98 -1.29 -25.35
N ILE A 136 -13.97 -0.18 -26.11
CA ILE A 136 -12.81 0.28 -26.92
C ILE A 136 -12.52 1.73 -26.53
N GLY A 137 -11.28 2.05 -26.12
CA GLY A 137 -10.91 3.43 -25.83
C GLY A 137 -9.56 3.78 -26.41
N HIS A 138 -9.51 4.90 -27.12
CA HIS A 138 -8.28 5.51 -27.66
C HIS A 138 -7.85 6.68 -26.75
N ALA A 139 -6.59 6.64 -26.30
CA ALA A 139 -5.92 7.80 -25.67
C ALA A 139 -6.67 8.13 -24.38
N PHE A 140 -7.14 9.37 -24.15
CA PHE A 140 -7.86 9.64 -22.89
C PHE A 140 -9.15 8.79 -22.86
N GLY A 141 -9.67 8.39 -24.02
CA GLY A 141 -10.79 7.44 -24.08
C GLY A 141 -10.42 6.09 -23.49
N GLY A 142 -9.16 5.67 -23.63
CA GLY A 142 -8.65 4.42 -23.00
C GLY A 142 -8.73 4.53 -21.49
N ASN A 143 -8.38 5.69 -20.95
CA ASN A 143 -8.52 5.99 -19.52
C ASN A 143 -10.00 5.93 -19.14
N ILE A 144 -10.87 6.59 -19.91
CA ILE A 144 -12.31 6.70 -19.60
C ILE A 144 -12.93 5.30 -19.57
N ILE A 145 -12.69 4.47 -20.59
CA ILE A 145 -13.39 3.17 -20.67
C ILE A 145 -12.92 2.30 -19.51
N THR A 146 -11.67 2.46 -19.07
CA THR A 146 -11.16 1.71 -17.90
C THR A 146 -11.90 2.17 -16.64
N ASN A 147 -12.11 3.47 -16.48
CA ASN A 147 -12.88 3.99 -15.32
C ASN A 147 -14.34 3.53 -15.38
N LEU A 148 -14.92 3.41 -16.58
CA LEU A 148 -16.27 2.79 -16.72
C LEU A 148 -16.22 1.34 -16.18
N ALA A 149 -15.17 0.56 -16.52
CA ALA A 149 -15.01 -0.81 -16.01
C ALA A 149 -14.87 -0.80 -14.48
N TYR A 150 -14.24 0.22 -13.90
CA TYR A 150 -14.15 0.38 -12.42
C TYR A 150 -15.56 0.67 -11.84
N LEU A 151 -16.37 1.44 -12.55
CA LEU A 151 -17.73 1.83 -12.09
C LEU A 151 -18.62 0.58 -12.11
N HIS A 152 -18.37 -0.36 -13.03
CA HIS A 152 -19.28 -1.51 -13.29
C HIS A 152 -18.44 -2.70 -13.76
N PRO A 153 -17.75 -3.38 -12.80
CA PRO A 153 -16.75 -4.40 -13.12
C PRO A 153 -17.19 -5.49 -14.10
N ARG A 154 -18.44 -5.97 -14.00
CA ARG A 154 -18.88 -7.12 -14.84
C ARG A 154 -19.53 -6.62 -16.13
N LEU A 155 -19.64 -5.32 -16.36
CA LEU A 155 -20.28 -4.79 -17.59
C LEU A 155 -19.60 -5.29 -18.86
N PHE A 156 -18.26 -5.18 -18.95
CA PHE A 156 -17.52 -5.50 -20.20
C PHE A 156 -16.90 -6.89 -20.09
N THR A 157 -17.02 -7.68 -21.16
CA THR A 157 -16.35 -9.00 -21.29
C THR A 157 -14.85 -8.74 -21.47
N THR A 158 -14.48 -7.70 -22.20
CA THR A 158 -13.06 -7.36 -22.46
C THR A 158 -12.97 -5.89 -22.84
N LEU A 159 -11.77 -5.36 -22.72
CA LEU A 159 -11.44 -3.99 -23.15
C LEU A 159 -10.34 -4.07 -24.20
N LEU A 160 -10.45 -3.19 -25.18
CA LEU A 160 -9.44 -2.89 -26.22
C LEU A 160 -8.95 -1.48 -25.96
N LEU A 161 -7.73 -1.32 -25.44
CA LEU A 161 -7.16 0.00 -25.12
C LEU A 161 -6.16 0.34 -26.23
N LEU A 162 -6.40 1.45 -26.93
CA LEU A 162 -5.52 1.94 -28.02
C LEU A 162 -4.74 3.14 -27.48
N ASP A 163 -3.44 2.94 -27.20
CA ASP A 163 -2.57 3.99 -26.61
C ASP A 163 -3.27 4.70 -25.48
N PRO A 164 -3.70 3.97 -24.44
CA PRO A 164 -4.47 4.56 -23.34
C PRO A 164 -3.63 5.48 -22.47
N LEU A 165 -4.22 6.60 -22.06
CA LEU A 165 -3.54 7.57 -21.19
C LEU A 165 -3.67 7.12 -19.73
N ILE A 166 -2.87 6.11 -19.38
CA ILE A 166 -2.80 5.47 -18.05
C ILE A 166 -1.32 5.36 -17.70
N GLN A 167 -0.86 6.21 -16.80
CA GLN A 167 0.56 6.26 -16.40
C GLN A 167 0.64 7.10 -15.12
N LEU A 168 1.83 7.16 -14.52
CA LEU A 168 2.05 7.87 -13.23
C LEU A 168 2.59 9.28 -13.48
N SER A 169 3.49 9.46 -14.44
CA SER A 169 4.23 10.73 -14.64
C SER A 169 3.36 11.80 -15.29
N PRO A 170 3.48 13.05 -14.81
CA PRO A 170 2.86 14.18 -15.48
C PRO A 170 3.37 14.25 -16.91
N PRO A 171 2.62 14.89 -17.82
CA PRO A 171 3.16 15.17 -19.15
C PRO A 171 4.31 16.19 -19.09
N SER A 172 5.15 16.20 -20.12
CA SER A 172 6.09 17.30 -20.36
C SER A 172 5.27 18.57 -20.64
N LEU A 173 5.64 19.69 -20.05
CA LEU A 173 4.92 20.98 -20.18
C LEU A 173 5.89 22.14 -20.39
N GLY A 174 7.13 21.85 -20.78
CA GLY A 174 8.14 22.89 -21.04
C GLY A 174 8.63 23.58 -19.77
N PHE A 175 8.41 23.01 -18.58
CA PHE A 175 8.99 23.55 -17.32
C PHE A 175 10.51 23.30 -17.31
N GLY A 176 11.29 24.26 -16.80
CA GLY A 176 12.76 24.16 -16.71
C GLY A 176 13.37 23.82 -18.06
N THR A 177 14.08 22.70 -18.16
CA THR A 177 14.76 22.27 -19.42
C THR A 177 13.83 21.44 -20.30
N ASP A 178 12.65 21.06 -19.81
CA ASP A 178 11.76 20.12 -20.52
C ASP A 178 11.34 20.74 -21.86
N ALA A 179 11.22 19.89 -22.87
CA ALA A 179 10.63 20.24 -24.17
C ALA A 179 9.16 20.60 -23.98
N PRO A 180 8.65 21.65 -24.63
CA PRO A 180 7.20 21.88 -24.72
C PRO A 180 6.54 20.67 -25.40
N SER A 181 5.33 20.30 -24.98
CA SER A 181 4.58 19.14 -25.52
C SER A 181 3.41 19.64 -26.39
N ALA A 182 2.59 18.70 -26.89
CA ALA A 182 1.34 19.02 -27.60
C ALA A 182 0.45 19.90 -26.72
N ILE A 183 0.62 19.88 -25.40
CA ILE A 183 -0.21 20.71 -24.47
C ILE A 183 0.18 22.19 -24.62
N ASN A 184 1.46 22.51 -24.58
CA ASN A 184 1.94 23.89 -24.88
C ASN A 184 1.38 24.31 -26.24
N TYR A 185 1.49 23.43 -27.23
CA TYR A 185 1.07 23.72 -28.60
C TYR A 185 -0.42 24.08 -28.56
N THR A 186 -1.22 23.34 -27.77
CA THR A 186 -2.69 23.49 -27.75
C THR A 186 -3.07 24.89 -27.26
N LEU A 187 -2.42 25.39 -26.22
CA LEU A 187 -2.77 26.72 -25.67
C LEU A 187 -2.50 27.81 -26.72
N TRP A 188 -1.35 27.73 -27.38
CA TRP A 188 -0.82 28.86 -28.19
C TRP A 188 -1.23 28.78 -29.67
N ARG A 189 -1.82 27.66 -30.11
CA ARG A 189 -1.99 27.36 -31.54
C ARG A 189 -2.99 28.36 -32.16
N ASP A 190 -2.81 28.66 -33.44
CA ASP A 190 -3.85 29.33 -34.25
C ASP A 190 -5.14 28.52 -34.14
N ASP A 191 -6.29 29.18 -34.08
CA ASP A 191 -7.58 28.44 -34.00
C ASP A 191 -8.64 29.02 -34.93
N VAL A 192 -8.29 29.90 -35.86
CA VAL A 192 -9.26 30.41 -36.88
C VAL A 192 -8.50 30.71 -38.18
N TRP A 193 -9.12 30.45 -39.33
CA TRP A 193 -8.49 30.53 -40.66
C TRP A 193 -9.47 31.17 -41.64
N PRO A 194 -8.97 31.86 -42.70
CA PRO A 194 -9.83 32.48 -43.69
C PRO A 194 -10.69 31.49 -44.48
N SER A 195 -10.26 30.24 -44.60
CA SER A 195 -10.96 29.21 -45.40
C SER A 195 -10.67 27.82 -44.83
N ARG A 196 -11.50 26.84 -45.15
CA ARG A 196 -11.25 25.43 -44.75
C ARG A 196 -9.95 24.93 -45.41
N GLU A 197 -9.69 25.32 -46.66
CA GLU A 197 -8.45 24.87 -47.36
C GLU A 197 -7.23 25.35 -46.58
N VAL A 198 -7.24 26.58 -46.08
CA VAL A 198 -6.09 27.11 -45.29
C VAL A 198 -6.01 26.36 -43.94
N ALA A 199 -7.16 26.13 -43.30
CA ALA A 199 -7.20 25.44 -41.99
C ALA A 199 -6.59 24.04 -42.13
N ILE A 200 -6.91 23.32 -43.19
CA ILE A 200 -6.36 21.96 -43.44
C ILE A 200 -4.81 22.05 -43.49
N ARG A 201 -4.25 22.97 -44.26
CA ARG A 201 -2.78 23.12 -44.36
C ARG A 201 -2.20 23.45 -42.99
N ALA A 202 -2.82 24.36 -42.22
CA ALA A 202 -2.30 24.77 -40.91
C ALA A 202 -2.32 23.59 -39.92
N ASN A 203 -3.07 22.52 -40.21
CA ASN A 203 -3.27 21.38 -39.27
C ASN A 203 -2.60 20.11 -39.82
N ARG A 204 -1.61 20.25 -40.70
CA ARG A 204 -1.02 19.09 -41.43
C ARG A 204 -0.35 18.09 -40.50
N ALA A 205 0.20 18.50 -39.35
CA ALA A 205 0.88 17.57 -38.40
C ALA A 205 -0.10 16.48 -37.93
N ILE A 206 -1.32 16.87 -37.53
CA ILE A 206 -2.30 15.90 -36.97
C ILE A 206 -2.81 14.97 -38.09
N MET A 207 -2.68 15.36 -39.36
CA MET A 207 -3.27 14.62 -40.50
C MET A 207 -2.22 13.79 -41.25
N GLN A 208 -0.94 13.95 -40.93
CA GLN A 208 0.12 13.28 -41.74
C GLN A 208 0.02 11.76 -41.57
N GLY A 209 0.05 11.00 -42.67
CA GLY A 209 -0.04 9.55 -42.67
C GLY A 209 -1.46 9.02 -42.50
N MET A 210 -2.46 9.89 -42.34
CA MET A 210 -3.86 9.42 -42.16
C MET A 210 -4.32 8.66 -43.40
N ASP A 211 -5.01 7.55 -43.20
CA ASP A 211 -5.81 6.82 -44.21
C ASP A 211 -6.69 7.84 -44.93
N PRO A 212 -6.81 7.78 -46.27
CA PRO A 212 -7.65 8.75 -47.00
C PRO A 212 -9.10 8.84 -46.45
N ARG A 213 -9.67 7.73 -46.00
CA ARG A 213 -11.06 7.70 -45.46
C ARG A 213 -11.10 8.54 -44.18
N CYS A 214 -10.02 8.56 -43.39
CA CYS A 214 -9.95 9.37 -42.14
C CYS A 214 -9.72 10.82 -42.49
N LEU A 215 -8.89 11.10 -43.50
CA LEU A 215 -8.63 12.48 -43.99
C LEU A 215 -9.94 13.17 -44.35
N ASP A 216 -10.80 12.54 -45.15
CA ASP A 216 -12.09 13.16 -45.56
C ASP A 216 -12.92 13.51 -44.33
N ARG A 217 -12.97 12.63 -43.34
CA ARG A 217 -13.78 12.88 -42.11
C ARG A 217 -13.13 13.98 -41.29
N MET A 218 -11.80 14.04 -41.26
CA MET A 218 -11.06 15.10 -40.54
C MET A 218 -11.41 16.45 -41.15
N THR A 219 -11.33 16.60 -42.47
CA THR A 219 -11.53 17.93 -43.13
C THR A 219 -12.99 18.34 -42.95
N LYS A 220 -13.92 17.39 -42.85
CA LYS A 220 -15.36 17.70 -42.63
C LYS A 220 -15.63 18.06 -41.15
N HIS A 221 -15.09 17.31 -40.19
CA HIS A 221 -15.54 17.40 -38.78
C HIS A 221 -14.61 18.25 -37.91
N PHE A 222 -13.31 18.32 -38.23
CA PHE A 222 -12.34 18.99 -37.34
C PHE A 222 -12.52 20.51 -37.35
N PHE A 223 -13.16 21.05 -38.39
CA PHE A 223 -13.35 22.49 -38.61
C PHE A 223 -14.83 22.79 -38.73
N ARG A 224 -15.17 23.99 -38.23
CA ARG A 224 -16.55 24.50 -38.22
C ARG A 224 -16.57 25.90 -38.83
N ASP A 225 -17.52 26.16 -39.73
CA ASP A 225 -17.73 27.51 -40.30
C ASP A 225 -18.13 28.49 -39.18
N LEU A 226 -17.59 29.68 -39.21
CA LEU A 226 -18.07 30.81 -38.37
C LEU A 226 -19.51 31.07 -38.81
N PRO A 227 -20.37 31.65 -37.95
CA PRO A 227 -20.02 32.02 -36.59
C PRO A 227 -20.15 30.90 -35.56
N THR A 228 -19.35 30.99 -34.49
CA THR A 228 -19.44 30.13 -33.29
C THR A 228 -19.46 31.06 -32.10
N PRO A 229 -19.81 30.59 -30.88
CA PRO A 229 -19.70 31.43 -29.69
C PRO A 229 -18.33 32.12 -29.53
N LEU A 230 -17.23 31.41 -29.80
CA LEU A 230 -15.86 31.97 -29.63
C LEU A 230 -15.59 33.00 -30.72
N TYR A 231 -16.12 32.78 -31.93
CA TYR A 231 -15.91 33.62 -33.14
C TYR A 231 -17.27 33.98 -33.72
N PRO A 232 -18.04 34.86 -33.06
CA PRO A 232 -19.43 35.11 -33.44
C PRO A 232 -19.58 36.10 -34.60
N ASP A 233 -18.49 36.69 -35.07
CA ASP A 233 -18.54 37.78 -36.08
C ASP A 233 -17.76 37.39 -37.34
N VAL A 234 -18.45 36.89 -38.35
CA VAL A 234 -17.85 36.45 -39.64
C VAL A 234 -17.10 37.62 -40.26
N GLU A 235 -17.74 38.80 -40.33
CA GLU A 235 -17.19 39.93 -41.12
C GLU A 235 -15.94 40.49 -40.43
N ALA A 236 -15.94 40.53 -39.10
CA ALA A 236 -14.77 40.98 -38.31
C ALA A 236 -13.56 40.11 -38.63
N ILE A 237 -13.75 38.80 -38.81
CA ILE A 237 -12.65 37.85 -39.09
C ILE A 237 -12.24 37.95 -40.56
N LYS A 238 -13.17 38.08 -41.50
CA LYS A 238 -12.81 38.34 -42.92
C LYS A 238 -11.98 39.64 -43.00
N ALA A 239 -12.32 40.67 -42.22
CA ALA A 239 -11.59 41.95 -42.18
C ALA A 239 -10.17 41.69 -41.65
N LEU A 240 -10.05 40.93 -40.56
CA LEU A 240 -8.73 40.57 -39.97
C LEU A 240 -7.84 39.92 -41.03
N PHE A 241 -8.39 39.00 -41.83
CA PHE A 241 -7.60 38.22 -42.81
C PHE A 241 -7.52 38.95 -44.16
N GLY A 242 -8.22 40.07 -44.33
CA GLY A 242 -8.28 40.83 -45.59
C GLY A 242 -9.01 40.10 -46.70
N THR A 243 -10.06 39.34 -46.39
CA THR A 243 -10.83 38.55 -47.40
C THR A 243 -12.24 39.11 -47.55
N THR A 244 -12.52 40.31 -47.05
CA THR A 244 -13.88 40.95 -47.09
C THR A 244 -14.49 40.94 -48.50
N ALA A 245 -13.67 41.18 -49.52
CA ALA A 245 -14.13 41.32 -50.93
C ALA A 245 -14.46 39.93 -51.50
N ASP A 246 -14.00 38.86 -50.88
CA ASP A 246 -14.07 37.50 -51.45
C ASP A 246 -15.32 36.79 -50.90
N SER A 247 -16.41 36.76 -51.68
CA SER A 247 -17.71 36.20 -51.24
C SER A 247 -17.65 34.66 -51.25
N THR A 248 -16.60 34.07 -51.82
CA THR A 248 -16.50 32.61 -52.07
C THR A 248 -15.84 31.86 -50.90
N THR A 249 -15.23 32.56 -49.93
CA THR A 249 -14.53 31.93 -48.77
C THR A 249 -15.27 32.27 -47.48
N THR A 250 -15.49 31.27 -46.64
CA THR A 250 -16.06 31.40 -45.29
C THR A 250 -14.98 31.00 -44.29
N PRO A 251 -14.66 31.84 -43.30
CA PRO A 251 -13.66 31.49 -42.31
C PRO A 251 -14.17 30.28 -41.51
N VAL A 252 -13.23 29.49 -41.00
CA VAL A 252 -13.51 28.32 -40.14
C VAL A 252 -12.68 28.43 -38.88
N THR A 253 -13.13 27.74 -37.83
CA THR A 253 -12.43 27.61 -36.53
C THR A 253 -12.41 26.12 -36.15
N LEU A 254 -11.64 25.78 -35.14
CA LEU A 254 -11.63 24.40 -34.59
C LEU A 254 -13.03 24.07 -34.06
N THR A 255 -13.60 22.98 -34.51
CA THR A 255 -14.91 22.47 -34.03
C THR A 255 -14.88 22.31 -32.51
N THR A 256 -13.86 21.62 -32.01
CA THR A 256 -13.54 21.60 -30.56
C THR A 256 -12.62 22.77 -30.31
N PRO A 257 -13.08 23.82 -29.58
CA PRO A 257 -12.21 24.95 -29.26
C PRO A 257 -10.92 24.45 -28.63
N LYS A 258 -9.80 25.09 -28.98
CA LYS A 258 -8.50 24.70 -28.41
C LYS A 258 -8.59 24.67 -26.90
N TYR A 259 -9.40 25.55 -26.29
CA TYR A 259 -9.51 25.65 -24.82
C TYR A 259 -10.13 24.37 -24.24
N HIS A 260 -11.05 23.74 -24.97
CA HIS A 260 -11.72 22.51 -24.50
C HIS A 260 -10.79 21.31 -24.69
N GLU A 261 -9.91 21.34 -25.70
CA GLU A 261 -8.83 20.34 -25.78
C GLU A 261 -7.93 20.55 -24.56
N LEU A 262 -7.55 21.80 -24.30
CA LEU A 262 -6.52 22.13 -23.29
C LEU A 262 -6.99 21.66 -21.91
N VAL A 263 -8.20 22.01 -21.51
CA VAL A 263 -8.68 21.73 -20.12
C VAL A 263 -9.00 20.25 -19.93
N ALA A 264 -9.01 19.47 -21.02
CA ALA A 264 -9.06 17.98 -21.00
C ALA A 264 -7.64 17.41 -20.88
N GLN A 265 -6.67 18.02 -21.56
CA GLN A 265 -5.25 17.55 -21.55
C GLN A 265 -4.65 17.81 -20.18
N ILE A 266 -5.05 18.88 -19.50
CA ILE A 266 -4.32 19.34 -18.28
C ILE A 266 -5.26 20.24 -17.49
N ARG A 267 -5.03 20.34 -16.20
CA ARG A 267 -5.89 21.11 -15.28
C ARG A 267 -5.01 22.09 -14.50
N GLN A 268 -5.53 23.29 -14.28
CA GLN A 268 -4.83 24.31 -13.47
C GLN A 268 -4.62 23.76 -12.07
N ASN A 269 -3.42 24.03 -11.55
CA ASN A 269 -3.02 23.83 -10.15
C ASN A 269 -2.37 25.14 -9.68
N PHE A 270 -3.13 26.24 -9.69
CA PHE A 270 -2.58 27.60 -9.49
C PHE A 270 -2.52 27.97 -7.99
N ASN A 271 -2.91 27.09 -7.06
CA ASN A 271 -2.99 27.48 -5.64
C ASN A 271 -2.52 26.36 -4.70
N ALA A 272 -1.41 25.70 -4.99
CA ALA A 272 -0.97 24.50 -4.23
C ALA A 272 0.01 24.84 -3.10
N ARG A 273 0.63 26.03 -3.11
CA ARG A 273 1.71 26.38 -2.15
C ARG A 273 1.20 27.37 -1.09
N ASP A 274 1.38 27.05 0.19
CA ASP A 274 1.27 28.02 1.31
C ASP A 274 2.23 29.18 1.02
N PRO A 275 1.73 30.43 0.92
CA PRO A 275 2.58 31.56 0.52
C PRO A 275 3.65 31.87 1.60
N LYS A 276 3.41 31.46 2.85
CA LYS A 276 4.31 31.67 4.01
C LYS A 276 5.45 30.65 3.98
N THR A 277 5.13 29.35 4.08
CA THR A 277 6.11 28.24 4.23
C THR A 277 6.69 27.86 2.86
N GLY A 278 6.03 28.23 1.74
CA GLY A 278 6.35 27.72 0.40
C GLY A 278 6.02 26.25 0.25
N ARG A 279 5.42 25.63 1.26
CA ARG A 279 5.16 24.17 1.26
C ARG A 279 3.89 23.87 0.46
N ILE A 280 3.89 22.74 -0.26
CA ILE A 280 2.69 22.20 -0.94
C ILE A 280 1.65 21.85 0.14
N GLU A 281 0.44 22.37 -0.02
CA GLU A 281 -0.74 22.08 0.82
C GLU A 281 -1.89 21.93 -0.17
N VAL A 282 -2.30 20.70 -0.45
CA VAL A 282 -3.35 20.44 -1.45
C VAL A 282 -4.64 21.12 -0.97
N PRO A 283 -5.22 22.05 -1.76
CA PRO A 283 -6.50 22.65 -1.40
C PRO A 283 -7.66 21.71 -1.75
N ARG A 284 -8.27 21.15 -0.70
CA ARG A 284 -9.25 20.05 -0.83
C ARG A 284 -10.57 20.56 -1.42
N ASP A 285 -10.88 21.85 -1.32
CA ASP A 285 -12.13 22.40 -1.90
C ASP A 285 -12.11 22.25 -3.42
N THR A 286 -10.94 22.35 -4.08
CA THR A 286 -10.82 22.40 -5.55
C THR A 286 -9.96 21.25 -6.09
N HIS A 287 -9.00 20.74 -5.32
CA HIS A 287 -7.95 19.80 -5.78
C HIS A 287 -7.84 18.58 -4.86
N ALA A 288 -8.97 18.08 -4.30
CA ALA A 288 -8.91 16.92 -3.38
C ALA A 288 -8.30 15.74 -4.14
N ASP A 289 -8.50 15.67 -5.45
CA ASP A 289 -8.06 14.53 -6.31
C ASP A 289 -6.59 14.65 -6.72
N MET A 290 -5.85 15.64 -6.23
CA MET A 290 -4.45 15.87 -6.65
C MET A 290 -3.48 15.21 -5.67
N ASP A 291 -2.63 14.33 -6.17
CA ASP A 291 -1.50 13.73 -5.41
C ASP A 291 -0.52 14.84 -5.08
N PRO A 292 -0.21 15.11 -3.78
CA PRO A 292 0.76 16.15 -3.43
C PRO A 292 2.10 15.99 -4.16
N LEU A 293 2.47 14.75 -4.50
CA LEU A 293 3.73 14.48 -5.21
C LEU A 293 3.73 15.07 -6.61
N VAL A 294 2.58 15.39 -7.24
CA VAL A 294 2.57 16.00 -8.61
C VAL A 294 2.20 17.50 -8.53
N ALA A 295 2.04 18.05 -7.34
CA ALA A 295 1.52 19.42 -7.10
C ALA A 295 2.64 20.47 -7.13
N TYR A 296 3.89 20.06 -7.38
CA TYR A 296 5.12 20.88 -7.43
C TYR A 296 5.09 21.81 -8.66
N ILE A 297 4.27 21.50 -9.66
CA ILE A 297 4.08 22.36 -10.87
C ILE A 297 2.64 22.82 -10.89
N PRO A 298 2.38 24.00 -11.50
CA PRO A 298 1.05 24.63 -11.45
C PRO A 298 0.04 24.07 -12.45
N LEU A 299 0.30 22.87 -12.96
CA LEU A 299 -0.61 22.11 -13.86
C LEU A 299 -0.54 20.64 -13.47
N TYR A 300 -1.65 19.92 -13.57
CA TYR A 300 -1.69 18.48 -13.26
C TYR A 300 -2.81 17.81 -14.06
N ARG A 301 -2.72 16.49 -14.09
CA ARG A 301 -3.78 15.63 -14.66
C ARG A 301 -3.96 14.42 -13.76
N PRO A 302 -5.07 14.35 -12.99
CA PRO A 302 -5.18 13.31 -11.96
C PRO A 302 -5.48 11.90 -12.49
N GLU A 303 -6.25 11.82 -13.57
CA GLU A 303 -6.89 10.54 -13.96
C GLU A 303 -5.87 9.50 -14.44
N PRO A 304 -4.82 9.83 -15.22
CA PRO A 304 -3.87 8.79 -15.61
C PRO A 304 -3.31 8.07 -14.38
N ARG A 305 -2.97 8.83 -13.36
CA ARG A 305 -2.27 8.33 -12.15
C ARG A 305 -3.25 7.55 -11.26
N SER A 306 -4.44 8.05 -10.98
CA SER A 306 -5.44 7.33 -10.16
C SER A 306 -5.79 6.01 -10.85
N THR A 307 -5.93 6.06 -12.17
CA THR A 307 -6.39 4.89 -12.97
C THR A 307 -5.30 3.83 -12.91
N PHE A 308 -4.04 4.24 -13.08
CA PHE A 308 -2.88 3.34 -13.03
C PHE A 308 -2.88 2.60 -11.68
N ARG A 309 -3.08 3.35 -10.61
CA ARG A 309 -2.98 2.81 -9.24
C ARG A 309 -4.08 1.79 -8.94
N ARG A 310 -5.19 1.79 -9.70
CA ARG A 310 -6.31 0.86 -9.48
C ARG A 310 -6.27 -0.30 -10.47
N LEU A 311 -5.27 -0.35 -11.36
CA LEU A 311 -5.22 -1.38 -12.46
C LEU A 311 -5.29 -2.81 -11.93
N GLU A 312 -4.73 -3.11 -10.78
CA GLU A 312 -4.74 -4.50 -10.26
C GLU A 312 -6.19 -4.96 -10.04
N THR A 313 -7.14 -4.04 -9.84
CA THR A 313 -8.58 -4.34 -9.58
C THR A 313 -9.37 -4.48 -10.90
N LEU A 314 -8.81 -4.18 -12.07
CA LEU A 314 -9.58 -4.16 -13.34
C LEU A 314 -10.12 -5.56 -13.65
N ARG A 315 -11.45 -5.69 -13.75
CA ARG A 315 -12.13 -7.00 -13.90
C ARG A 315 -12.05 -7.54 -15.32
N PRO A 316 -12.44 -6.81 -16.38
CA PRO A 316 -12.39 -7.36 -17.72
C PRO A 316 -10.96 -7.73 -18.12
N SER A 317 -10.86 -8.75 -18.96
CA SER A 317 -9.62 -9.01 -19.69
C SER A 317 -9.27 -7.74 -20.48
N CYS A 318 -8.01 -7.57 -20.84
CA CYS A 318 -7.55 -6.27 -21.36
C CYS A 318 -6.44 -6.43 -22.37
N LEU A 319 -6.69 -5.93 -23.57
CA LEU A 319 -5.68 -5.81 -24.65
C LEU A 319 -5.13 -4.38 -24.64
N TRP A 320 -3.82 -4.24 -24.51
CA TRP A 320 -3.12 -2.94 -24.53
C TRP A 320 -2.39 -2.81 -25.87
N VAL A 321 -2.97 -2.08 -26.79
CA VAL A 321 -2.40 -1.83 -28.14
C VAL A 321 -1.63 -0.53 -28.04
N ILE A 322 -0.30 -0.60 -28.10
CA ILE A 322 0.61 0.56 -27.93
C ILE A 322 1.31 0.89 -29.24
N ALA A 323 1.26 2.16 -29.63
CA ALA A 323 1.98 2.69 -30.80
C ALA A 323 3.48 2.63 -30.50
N GLY A 324 4.21 1.99 -31.41
CA GLY A 324 5.60 2.35 -31.73
C GLY A 324 5.58 3.84 -32.03
N ALA A 325 6.42 4.59 -31.34
CA ALA A 325 6.51 6.04 -31.54
C ALA A 325 5.21 6.63 -30.98
N THR A 326 4.89 6.29 -29.74
CA THR A 326 3.81 6.94 -28.96
C THR A 326 4.42 8.12 -28.21
N PHE A 327 3.61 9.04 -27.70
CA PHE A 327 4.08 10.13 -26.81
C PHE A 327 3.82 9.72 -25.35
N LEU A 328 3.15 8.59 -25.10
CA LEU A 328 2.95 8.03 -23.74
C LEU A 328 4.30 7.62 -23.12
N ASN A 329 4.34 7.54 -21.79
CA ASN A 329 5.47 6.95 -21.05
C ASN A 329 5.38 5.43 -21.20
N ILE A 330 6.01 4.91 -22.25
CA ILE A 330 5.84 3.49 -22.64
C ILE A 330 6.30 2.57 -21.49
N ASP A 331 7.37 2.91 -20.78
CA ASP A 331 7.91 2.05 -19.69
C ASP A 331 6.89 2.00 -18.55
N GLU A 332 6.25 3.13 -18.19
CA GLU A 332 5.21 3.10 -17.13
C GLU A 332 4.03 2.26 -17.63
N ILE A 333 3.60 2.45 -18.88
CA ILE A 333 2.48 1.65 -19.47
C ILE A 333 2.77 0.15 -19.30
N ARG A 334 4.00 -0.27 -19.55
CA ARG A 334 4.35 -1.72 -19.51
C ARG A 334 4.32 -2.23 -18.06
N GLU A 335 4.63 -1.38 -17.08
CA GLU A 335 4.46 -1.75 -15.65
C GLU A 335 2.94 -1.87 -15.35
N GLY A 336 2.13 -0.97 -15.89
CA GLY A 336 0.66 -1.07 -15.76
C GLY A 336 0.13 -2.39 -16.32
N VAL A 337 0.60 -2.78 -17.51
CA VAL A 337 0.23 -4.08 -18.14
C VAL A 337 0.55 -5.20 -17.16
N LYS A 338 1.74 -5.17 -16.54
CA LYS A 338 2.21 -6.27 -15.68
C LYS A 338 1.26 -6.42 -14.49
N ILE A 339 0.80 -5.31 -13.89
CA ILE A 339 -0.04 -5.40 -12.66
C ILE A 339 -1.52 -5.54 -13.04
N CYS A 340 -1.92 -5.17 -14.25
CA CYS A 340 -3.35 -5.10 -14.69
C CYS A 340 -4.09 -6.39 -14.31
N GLY A 341 -5.12 -6.27 -13.47
CA GLY A 341 -6.00 -7.41 -13.13
C GLY A 341 -5.39 -8.41 -12.19
N SER A 342 -4.24 -8.12 -11.58
CA SER A 342 -3.50 -9.13 -10.78
C SER A 342 -3.99 -9.14 -9.34
N GLY A 343 -4.82 -8.20 -8.90
CA GLY A 343 -5.25 -8.15 -7.49
C GLY A 343 -6.73 -8.39 -7.28
N ILE A 344 -7.26 -7.88 -6.17
CA ILE A 344 -8.66 -8.17 -5.74
C ILE A 344 -9.60 -7.42 -6.69
N GLY A 345 -10.60 -8.11 -7.23
CA GLY A 345 -11.52 -7.58 -8.25
C GLY A 345 -11.01 -7.88 -9.67
N GLY A 346 -9.74 -8.29 -9.83
CA GLY A 346 -9.06 -8.33 -11.12
C GLY A 346 -9.36 -9.56 -11.94
N SER A 347 -9.17 -9.46 -13.25
CA SER A 347 -9.31 -10.54 -14.27
C SER A 347 -8.44 -11.77 -13.90
N GLY A 348 -7.31 -11.58 -13.20
CA GLY A 348 -6.21 -12.56 -13.10
C GLY A 348 -4.95 -12.11 -13.82
N GLY A 349 -5.08 -11.18 -14.76
CA GLY A 349 -3.97 -10.49 -15.40
C GLY A 349 -3.08 -11.38 -16.25
N VAL A 350 -1.83 -10.96 -16.44
CA VAL A 350 -0.89 -11.59 -17.40
C VAL A 350 -0.68 -13.06 -16.99
N PRO A 351 -0.50 -13.41 -15.70
CA PRO A 351 -0.28 -14.81 -15.34
C PRO A 351 -1.43 -15.76 -15.75
N ASP A 352 -2.65 -15.27 -15.87
CA ASP A 352 -3.82 -16.10 -16.29
C ASP A 352 -4.09 -15.92 -17.78
N GLY A 353 -3.27 -15.16 -18.52
CA GLY A 353 -3.47 -14.90 -19.95
C GLY A 353 -4.65 -13.99 -20.21
N ARG A 354 -5.03 -13.12 -19.25
CA ARG A 354 -6.22 -12.24 -19.35
C ARG A 354 -5.81 -10.82 -19.78
N VAL A 355 -4.50 -10.58 -19.90
CA VAL A 355 -3.95 -9.25 -20.25
C VAL A 355 -2.82 -9.48 -21.24
N ARG A 356 -2.80 -8.73 -22.33
CA ARG A 356 -1.79 -8.83 -23.39
C ARG A 356 -1.44 -7.41 -23.85
N GLU A 357 -0.16 -7.18 -24.08
CA GLU A 357 0.36 -5.95 -24.74
C GLU A 357 0.76 -6.33 -26.17
N VAL A 358 0.42 -5.48 -27.11
CA VAL A 358 0.92 -5.53 -28.50
C VAL A 358 1.43 -4.12 -28.77
N VAL A 359 2.76 -3.96 -28.66
CA VAL A 359 3.44 -2.66 -28.95
C VAL A 359 3.92 -2.78 -30.38
N LEU A 360 3.35 -1.98 -31.27
CA LEU A 360 3.49 -2.09 -32.74
C LEU A 360 4.63 -1.13 -33.11
N PRO A 361 5.85 -1.64 -33.45
CA PRO A 361 7.00 -0.79 -33.68
C PRO A 361 6.73 0.20 -34.82
N GLY A 362 7.16 1.45 -34.60
CA GLY A 362 7.04 2.58 -35.53
C GLY A 362 5.63 3.11 -35.81
N PHE A 363 4.58 2.87 -35.01
CA PHE A 363 3.16 3.16 -35.42
C PHE A 363 2.55 4.58 -35.20
N GLY A 364 2.81 5.34 -34.13
CA GLY A 364 2.19 6.68 -33.92
C GLY A 364 0.91 6.70 -33.05
N HIS A 365 0.73 7.69 -32.18
CA HIS A 365 -0.47 7.90 -31.33
C HIS A 365 -1.78 7.74 -32.13
N LEU A 366 -1.78 8.27 -33.37
CA LEU A 366 -2.93 8.35 -34.32
C LEU A 366 -3.06 7.06 -35.14
N MET A 367 -2.52 5.98 -34.61
CA MET A 367 -2.48 4.68 -35.35
C MET A 367 -3.90 4.19 -35.67
N PRO A 368 -4.99 4.53 -34.92
CA PRO A 368 -6.33 4.10 -35.34
C PRO A 368 -6.79 4.73 -36.65
N PHE A 369 -6.07 5.75 -37.14
CA PHE A 369 -6.39 6.48 -38.38
C PHE A 369 -5.28 6.32 -39.44
N GLN A 370 -4.14 5.74 -39.08
CA GLN A 370 -2.93 5.69 -39.94
C GLN A 370 -2.64 4.26 -40.38
N GLU A 371 -2.98 3.25 -39.59
CA GLU A 371 -2.72 1.81 -39.89
C GLU A 371 -4.01 1.03 -39.64
N VAL A 372 -5.10 1.44 -40.26
CA VAL A 372 -6.47 1.03 -39.83
C VAL A 372 -6.55 -0.50 -39.88
N LYS A 373 -6.09 -1.10 -40.97
CA LYS A 373 -6.24 -2.56 -41.20
C LYS A 373 -5.43 -3.36 -40.16
N THR A 374 -4.21 -2.96 -39.82
CA THR A 374 -3.36 -3.65 -38.83
C THR A 374 -3.93 -3.48 -37.42
N VAL A 375 -4.41 -2.29 -37.06
CA VAL A 375 -5.05 -2.08 -35.74
C VAL A 375 -6.26 -3.01 -35.62
N ALA A 376 -7.13 -3.04 -36.63
CA ALA A 376 -8.30 -3.92 -36.70
C ALA A 376 -7.87 -5.38 -36.52
N GLU A 377 -6.84 -5.81 -37.25
CA GLU A 377 -6.35 -7.21 -37.23
C GLU A 377 -5.94 -7.57 -35.80
N THR A 378 -5.20 -6.70 -35.12
CA THR A 378 -4.71 -6.93 -33.72
C THR A 378 -5.93 -7.13 -32.81
N CYS A 379 -6.97 -6.30 -32.99
CA CYS A 379 -8.22 -6.36 -32.19
C CYS A 379 -8.93 -7.69 -32.43
N ILE A 380 -9.04 -8.09 -33.69
CA ILE A 380 -9.81 -9.31 -34.07
C ILE A 380 -9.21 -10.56 -33.45
N VAL A 381 -7.88 -10.67 -33.42
CA VAL A 381 -7.18 -11.88 -32.90
C VAL A 381 -7.55 -12.02 -31.43
N TRP A 382 -7.48 -10.90 -30.69
CA TRP A 382 -7.84 -10.90 -29.25
C TRP A 382 -9.33 -11.23 -29.07
N LEU A 383 -10.20 -10.58 -29.86
CA LEU A 383 -11.65 -10.76 -29.74
C LEU A 383 -12.01 -12.24 -29.97
N GLN A 384 -11.40 -12.91 -30.94
CA GLN A 384 -11.78 -14.31 -31.23
C GLN A 384 -11.38 -15.18 -30.04
N GLN A 385 -10.22 -14.95 -29.44
CA GLN A 385 -9.80 -15.71 -28.24
C GLN A 385 -10.79 -15.43 -27.10
N GLU A 386 -11.14 -14.17 -26.88
CA GLU A 386 -12.02 -13.78 -25.74
C GLU A 386 -13.42 -14.32 -25.96
N MET A 387 -13.89 -14.35 -27.20
CA MET A 387 -15.27 -14.85 -27.47
C MET A 387 -15.33 -16.37 -27.31
N ASP A 388 -14.28 -17.11 -27.68
CA ASP A 388 -14.16 -18.56 -27.36
C ASP A 388 -14.29 -18.74 -25.83
N ARG A 389 -13.54 -17.97 -25.05
CA ARG A 389 -13.57 -18.06 -23.57
C ARG A 389 -14.98 -17.69 -23.06
N PHE A 390 -15.57 -16.64 -23.58
CA PHE A 390 -16.95 -16.21 -23.24
C PHE A 390 -17.93 -17.36 -23.45
N ARG A 391 -17.93 -17.96 -24.64
CA ARG A 391 -18.90 -19.04 -24.97
C ARG A 391 -18.74 -20.19 -23.98
N GLN A 392 -17.51 -20.59 -23.70
CA GLN A 392 -17.19 -21.72 -22.76
C GLN A 392 -17.63 -21.36 -21.34
N THR A 393 -17.29 -20.18 -20.84
CA THR A 393 -17.58 -19.81 -19.42
C THR A 393 -19.09 -19.65 -19.28
N GLU A 394 -19.78 -19.08 -20.29
CA GLU A 394 -21.27 -18.95 -20.28
C GLU A 394 -21.92 -20.34 -20.23
N ARG A 395 -21.44 -21.28 -21.05
CA ARG A 395 -22.00 -22.65 -21.09
C ARG A 395 -21.80 -23.31 -19.72
N GLN A 396 -20.58 -23.29 -19.18
CA GLN A 396 -20.24 -23.89 -17.86
C GLN A 396 -21.12 -23.28 -16.75
N TRP A 397 -21.33 -21.95 -16.76
CA TRP A 397 -22.25 -21.22 -15.84
C TRP A 397 -23.66 -21.83 -15.89
N LYS A 398 -24.25 -21.90 -17.08
CA LYS A 398 -25.62 -22.46 -17.28
C LYS A 398 -25.65 -23.90 -16.75
N GLU A 399 -24.68 -24.73 -17.16
CA GLU A 399 -24.59 -26.14 -16.69
C GLU A 399 -24.60 -26.18 -15.15
N ASP A 400 -23.71 -25.43 -14.49
CA ASP A 400 -23.55 -25.46 -13.01
C ASP A 400 -24.84 -24.99 -12.32
N ARG A 401 -25.63 -24.14 -12.97
CA ARG A 401 -26.85 -23.51 -12.37
C ARG A 401 -28.08 -24.40 -12.65
N ASP A 402 -27.96 -25.39 -13.54
CA ASP A 402 -29.11 -26.15 -14.11
C ASP A 402 -30.06 -26.70 -13.02
N GLY A 403 -29.58 -27.38 -11.98
CA GLY A 403 -30.54 -27.92 -10.98
C GLY A 403 -31.31 -26.85 -10.17
N LYS A 404 -30.86 -25.59 -10.12
CA LYS A 404 -30.90 -24.81 -8.85
C LYS A 404 -32.16 -23.93 -8.76
N SER A 405 -32.67 -23.79 -7.54
CA SER A 405 -33.80 -22.90 -7.17
C SER A 405 -33.41 -21.42 -7.31
N HIS A 406 -34.35 -20.61 -7.79
CA HIS A 406 -34.29 -19.12 -7.77
C HIS A 406 -34.85 -18.57 -6.44
N LEU A 407 -35.48 -19.42 -5.61
CA LEU A 407 -36.31 -18.97 -4.47
C LEU A 407 -35.64 -19.26 -3.13
N ALA A 408 -34.80 -20.28 -3.05
CA ALA A 408 -34.22 -20.76 -1.78
C ALA A 408 -32.79 -21.22 -2.05
N VAL A 409 -31.95 -21.18 -1.02
CA VAL A 409 -30.52 -21.54 -1.15
C VAL A 409 -30.36 -23.06 -1.26
N GLU A 410 -29.25 -23.47 -1.87
CA GLU A 410 -28.91 -24.89 -2.10
C GLU A 410 -28.53 -25.56 -0.77
N GLU A 411 -28.56 -26.89 -0.77
CA GLU A 411 -28.40 -27.76 0.43
C GLU A 411 -27.09 -27.46 1.15
N ASN A 412 -26.02 -27.13 0.41
CA ASN A 412 -24.68 -26.99 1.02
C ASN A 412 -24.73 -25.93 2.14
N TRP A 413 -25.60 -24.94 2.04
CA TRP A 413 -25.66 -23.86 3.05
C TRP A 413 -25.95 -24.44 4.44
N TYR A 414 -26.84 -25.43 4.53
CA TYR A 414 -27.25 -26.06 5.81
C TYR A 414 -26.12 -26.96 6.33
N LYS A 415 -25.20 -27.41 5.47
CA LYS A 415 -24.00 -28.15 5.90
C LYS A 415 -22.95 -27.20 6.50
N VAL A 416 -22.80 -25.98 5.99
CA VAL A 416 -21.65 -25.12 6.42
C VAL A 416 -22.09 -24.21 7.57
N LEU A 417 -23.35 -23.82 7.62
CA LEU A 417 -23.83 -22.81 8.59
C LEU A 417 -24.64 -23.53 9.68
N LYS A 418 -24.08 -23.71 10.86
CA LYS A 418 -24.77 -24.45 11.95
C LYS A 418 -25.92 -23.60 12.50
N PRO A 419 -26.97 -24.28 13.01
CA PRO A 419 -28.09 -23.59 13.66
C PRO A 419 -27.67 -22.98 15.00
N ILE A 420 -28.39 -21.97 15.47
CA ILE A 420 -28.17 -21.30 16.77
C ILE A 420 -28.43 -22.35 17.85
N PRO A 421 -27.65 -22.44 18.95
CA PRO A 421 -27.97 -23.41 20.00
C PRO A 421 -29.40 -23.15 20.51
N SER A 422 -30.26 -24.17 20.51
CA SER A 422 -31.53 -24.16 21.28
C SER A 422 -31.20 -24.19 22.78
N THR B 3 -44.59 11.00 7.34
CA THR B 3 -46.04 11.20 6.99
C THR B 3 -46.81 12.02 8.06
N GLU B 4 -46.28 12.22 9.28
CA GLU B 4 -46.78 13.35 10.15
C GLU B 4 -46.57 14.68 9.37
N LYS B 5 -45.42 14.87 8.72
CA LYS B 5 -44.96 16.18 8.21
C LYS B 5 -44.83 16.22 6.67
N PHE B 6 -45.00 15.09 5.96
CA PHE B 6 -44.65 14.95 4.51
C PHE B 6 -45.82 14.44 3.67
N THR B 7 -45.89 14.91 2.42
CA THR B 7 -46.53 14.25 1.25
C THR B 7 -45.63 13.11 0.79
N ILE B 8 -46.22 11.96 0.48
CA ILE B 8 -45.51 10.76 -0.01
C ILE B 8 -45.89 10.56 -1.48
N THR B 9 -44.90 10.48 -2.36
CA THR B 9 -45.09 10.05 -3.76
C THR B 9 -44.34 8.74 -3.97
N GLU B 10 -45.01 7.72 -4.52
CA GLU B 10 -44.41 6.40 -4.80
C GLU B 10 -43.93 6.38 -6.24
N HIS B 11 -42.82 5.72 -6.51
CA HIS B 11 -42.26 5.56 -7.87
C HIS B 11 -41.75 4.13 -8.00
N LEU B 12 -41.76 3.62 -9.21
CA LEU B 12 -41.13 2.34 -9.56
C LEU B 12 -40.16 2.65 -10.71
N VAL B 13 -38.85 2.58 -10.46
CA VAL B 13 -37.80 3.06 -11.40
C VAL B 13 -36.95 1.86 -11.82
N PRO B 14 -36.58 1.76 -13.10
CA PRO B 14 -35.67 0.72 -13.55
C PRO B 14 -34.30 0.88 -12.90
N GLY B 15 -33.71 -0.23 -12.47
CA GLY B 15 -32.34 -0.30 -11.96
C GLY B 15 -31.32 -0.58 -13.05
N SER B 16 -30.09 -0.75 -12.60
CA SER B 16 -28.85 -0.84 -13.40
C SER B 16 -28.89 -2.10 -14.28
N HIS B 17 -28.58 -1.91 -15.55
CA HIS B 17 -28.42 -2.98 -16.57
C HIS B 17 -27.16 -3.79 -16.31
N ILE B 18 -27.33 -5.11 -16.18
CA ILE B 18 -26.29 -6.15 -15.91
C ILE B 18 -25.93 -6.05 -14.44
N ARG B 19 -26.30 -7.10 -13.69
CA ARG B 19 -26.06 -7.14 -12.23
C ARG B 19 -24.63 -7.60 -12.02
N GLU B 20 -24.04 -7.22 -10.89
CA GLU B 20 -22.62 -7.54 -10.55
C GLU B 20 -22.41 -9.05 -10.51
N TYR B 21 -23.39 -9.82 -9.99
CA TYR B 21 -23.31 -11.30 -9.95
C TYR B 21 -24.37 -11.83 -10.89
N PRO B 22 -24.01 -12.77 -11.79
CA PRO B 22 -24.94 -13.24 -12.80
C PRO B 22 -26.14 -13.97 -12.18
N GLY B 23 -25.97 -14.65 -11.05
CA GLY B 23 -27.05 -15.43 -10.42
C GLY B 23 -27.95 -14.57 -9.55
N SER B 24 -27.85 -13.24 -9.63
CA SER B 24 -28.74 -12.37 -8.82
C SER B 24 -30.14 -12.26 -9.47
N THR B 25 -30.28 -12.70 -10.73
CA THR B 25 -31.59 -12.66 -11.44
C THR B 25 -31.73 -13.95 -12.27
N VAL B 26 -32.95 -14.23 -12.72
CA VAL B 26 -33.22 -15.44 -13.56
C VAL B 26 -32.47 -15.31 -14.90
N ASN B 27 -32.55 -14.15 -15.54
CA ASN B 27 -31.88 -13.89 -16.84
C ASN B 27 -30.97 -12.66 -16.66
N GLN B 28 -29.78 -12.71 -17.22
CA GLN B 28 -28.74 -11.66 -16.94
C GLN B 28 -29.18 -10.27 -17.45
N GLU B 29 -30.07 -10.19 -18.44
CA GLU B 29 -30.57 -8.90 -18.97
C GLU B 29 -31.86 -8.42 -18.26
N ASP B 30 -32.34 -9.14 -17.23
CA ASP B 30 -33.60 -8.77 -16.56
C ASP B 30 -33.53 -7.31 -16.10
N VAL B 31 -34.67 -6.63 -16.23
CA VAL B 31 -34.81 -5.23 -15.74
C VAL B 31 -35.42 -5.28 -14.33
N LEU B 32 -34.60 -5.13 -13.29
CA LEU B 32 -35.11 -5.00 -11.92
C LEU B 32 -35.58 -3.56 -11.72
N LYS B 33 -36.62 -3.40 -10.91
CA LYS B 33 -37.13 -2.06 -10.55
C LYS B 33 -36.91 -1.85 -9.07
N ILE B 34 -36.76 -0.58 -8.70
CA ILE B 34 -36.72 -0.18 -7.27
C ILE B 34 -37.95 0.66 -6.95
N HIS B 35 -38.60 0.29 -5.85
CA HIS B 35 -39.76 1.02 -5.30
C HIS B 35 -39.19 2.12 -4.43
N VAL B 36 -39.56 3.35 -4.74
CA VAL B 36 -39.03 4.57 -4.09
C VAL B 36 -40.19 5.30 -3.44
N LYS B 37 -39.97 5.78 -2.24
CA LYS B 37 -40.87 6.80 -1.65
C LYS B 37 -40.13 8.10 -1.58
N GLN B 38 -40.79 9.14 -2.08
CA GLN B 38 -40.32 10.54 -2.06
C GLN B 38 -41.15 11.28 -1.01
N TYR B 39 -40.48 11.86 -0.03
CA TYR B 39 -41.12 12.53 1.12
C TYR B 39 -40.89 14.04 0.95
N THR B 40 -41.94 14.79 0.63
CA THR B 40 -41.86 16.24 0.40
C THR B 40 -42.53 16.95 1.56
N PRO B 41 -41.81 17.80 2.33
CA PRO B 41 -42.43 18.48 3.46
C PRO B 41 -43.68 19.27 3.04
N LYS B 42 -44.78 19.14 3.78
CA LYS B 42 -45.97 20.02 3.64
C LYS B 42 -45.49 21.45 3.97
N ARG B 43 -45.62 22.40 3.05
CA ARG B 43 -44.98 23.73 3.18
C ARG B 43 -45.84 24.80 2.52
N GLU B 44 -46.09 25.90 3.23
CA GLU B 44 -46.81 27.09 2.71
C GLU B 44 -45.86 27.83 1.77
N GLY B 45 -44.72 28.29 2.29
CA GLY B 45 -43.77 29.15 1.55
C GLY B 45 -43.15 28.42 0.36
N PRO B 46 -42.44 29.12 -0.54
CA PRO B 46 -41.62 28.46 -1.55
C PRO B 46 -40.45 27.73 -0.89
N VAL B 47 -39.85 26.80 -1.62
CA VAL B 47 -38.73 25.96 -1.14
C VAL B 47 -37.45 26.80 -1.20
N PRO B 48 -36.76 27.04 -0.08
CA PRO B 48 -35.45 27.70 -0.10
C PRO B 48 -34.47 27.07 -1.11
N ASP B 49 -33.57 27.89 -1.66
CA ASP B 49 -32.68 27.50 -2.80
C ASP B 49 -31.59 26.50 -2.42
N ASP B 50 -31.27 26.37 -1.14
CA ASP B 50 -30.18 25.48 -0.62
C ASP B 50 -30.82 24.31 0.14
N ALA B 51 -32.13 24.08 -0.03
CA ALA B 51 -32.83 22.97 0.65
C ALA B 51 -32.18 21.66 0.23
N ILE B 52 -32.04 20.73 1.17
CA ILE B 52 -31.28 19.46 0.97
C ILE B 52 -32.16 18.40 0.33
N THR B 53 -31.65 17.71 -0.68
CA THR B 53 -32.18 16.42 -1.16
C THR B 53 -31.46 15.29 -0.42
N PHE B 54 -32.19 14.50 0.36
CA PHE B 54 -31.60 13.34 1.06
C PHE B 54 -31.86 12.10 0.22
N ILE B 55 -30.81 11.28 0.04
CA ILE B 55 -30.87 9.94 -0.62
C ILE B 55 -30.54 8.96 0.50
N ALA B 56 -31.50 8.11 0.87
CA ALA B 56 -31.38 7.23 2.05
C ALA B 56 -31.44 5.76 1.62
N THR B 57 -30.71 4.92 2.35
CA THR B 57 -30.64 3.45 2.14
C THR B 57 -30.83 2.72 3.47
N HIS B 58 -31.54 1.61 3.42
CA HIS B 58 -32.00 0.84 4.61
C HIS B 58 -31.04 -0.30 4.93
N GLY B 59 -31.24 -0.95 6.06
CA GLY B 59 -30.52 -2.18 6.44
C GLY B 59 -31.19 -3.41 5.81
N VAL B 60 -30.51 -4.53 5.86
CA VAL B 60 -30.99 -5.80 5.23
C VAL B 60 -32.37 -6.14 5.78
N GLY B 61 -33.36 -6.27 4.88
CA GLY B 61 -34.69 -6.77 5.25
C GLY B 61 -35.52 -5.74 6.01
N LEU B 62 -35.06 -4.49 6.10
CA LEU B 62 -35.75 -3.45 6.93
C LEU B 62 -36.51 -2.56 5.96
N PRO B 63 -37.86 -2.63 5.98
CA PRO B 63 -38.66 -1.84 5.03
C PRO B 63 -38.38 -0.35 5.13
N LYS B 64 -38.37 0.33 3.98
CA LYS B 64 -38.07 1.78 3.95
C LYS B 64 -39.05 2.52 4.87
N GLU B 65 -40.29 2.04 5.00
CA GLU B 65 -41.34 2.74 5.77
C GLU B 65 -40.95 2.80 7.26
N LEU B 66 -40.11 1.89 7.74
CA LEU B 66 -39.64 1.94 9.15
C LEU B 66 -38.88 3.24 9.44
N TYR B 67 -38.33 3.92 8.42
CA TYR B 67 -37.48 5.11 8.59
C TYR B 67 -38.34 6.39 8.64
N GLU B 68 -39.65 6.26 8.46
CA GLU B 68 -40.54 7.43 8.36
C GLU B 68 -40.52 8.24 9.66
N PRO B 69 -40.54 7.64 10.87
CA PRO B 69 -40.45 8.46 12.08
C PRO B 69 -39.14 9.25 12.15
N LEU B 70 -38.04 8.64 11.70
CA LEU B 70 -36.75 9.35 11.64
C LEU B 70 -36.89 10.56 10.70
N TRP B 71 -37.56 10.42 9.56
CA TRP B 71 -37.75 11.56 8.63
C TRP B 71 -38.54 12.66 9.33
N ASP B 72 -39.59 12.27 10.05
CA ASP B 72 -40.45 13.23 10.81
C ASP B 72 -39.60 13.98 11.82
N GLU B 73 -38.72 13.28 12.54
CA GLU B 73 -37.83 13.88 13.56
C GLU B 73 -36.82 14.80 12.87
N LEU B 74 -36.23 14.40 11.74
CA LEU B 74 -35.27 15.26 11.01
C LEU B 74 -35.94 16.58 10.67
N LEU B 75 -37.16 16.54 10.16
CA LEU B 75 -37.87 17.77 9.76
C LEU B 75 -38.22 18.58 11.00
N ASP B 76 -38.79 17.93 12.02
CA ASP B 76 -39.23 18.63 13.25
C ASP B 76 -38.05 19.34 13.92
N GLN B 77 -36.86 18.73 13.93
CA GLN B 77 -35.67 19.23 14.66
C GLN B 77 -34.74 20.01 13.71
N ALA B 78 -35.05 20.14 12.42
CA ALA B 78 -34.19 20.85 11.46
C ALA B 78 -33.89 22.26 11.99
N SER B 79 -32.62 22.67 11.99
CA SER B 79 -32.17 24.02 12.40
C SER B 79 -31.00 24.43 11.53
N GLY B 80 -31.13 25.55 10.81
CA GLY B 80 -30.08 26.07 9.91
C GLY B 80 -30.02 25.34 8.56
N PHE B 81 -31.06 24.57 8.21
CA PHE B 81 -31.16 23.93 6.88
C PHE B 81 -32.63 23.63 6.64
N HIS B 82 -32.98 23.45 5.37
CA HIS B 82 -34.33 23.01 4.92
C HIS B 82 -34.18 21.68 4.19
N ILE B 83 -35.26 20.93 4.20
CA ILE B 83 -35.38 19.64 3.50
C ILE B 83 -36.20 19.91 2.26
N ARG B 84 -35.60 19.68 1.08
CA ARG B 84 -36.38 19.70 -0.18
C ARG B 84 -37.19 18.42 -0.22
N ALA B 85 -36.54 17.28 -0.01
CA ALA B 85 -37.23 15.97 0.03
C ALA B 85 -36.27 14.89 0.48
N ILE B 86 -36.85 13.83 1.01
CA ILE B 86 -36.11 12.60 1.35
C ILE B 86 -36.60 11.53 0.37
N TRP B 87 -35.65 10.84 -0.25
CA TRP B 87 -35.91 9.74 -1.20
C TRP B 87 -35.28 8.48 -0.62
N MET B 88 -36.09 7.46 -0.42
CA MET B 88 -35.61 6.14 0.03
C MET B 88 -36.20 5.06 -0.89
N ALA B 89 -35.32 4.25 -1.44
CA ALA B 89 -35.68 3.09 -2.27
C ALA B 89 -35.47 1.82 -1.47
N ASP B 90 -36.36 0.85 -1.67
CA ASP B 90 -36.11 -0.56 -1.29
C ASP B 90 -35.11 -1.17 -2.27
N VAL B 91 -34.05 -1.77 -1.74
CA VAL B 91 -33.11 -2.59 -2.54
C VAL B 91 -33.90 -3.60 -3.38
N ALA B 92 -33.44 -3.87 -4.60
CA ALA B 92 -34.22 -4.60 -5.64
C ALA B 92 -34.72 -5.97 -5.12
N SER B 93 -33.97 -6.62 -4.22
CA SER B 93 -34.25 -8.02 -3.78
C SER B 93 -35.04 -8.03 -2.46
N MET B 94 -35.46 -6.87 -1.93
CA MET B 94 -36.01 -6.76 -0.57
C MET B 94 -37.28 -5.92 -0.55
N ASN B 95 -38.11 -6.14 0.47
CA ASN B 95 -39.19 -5.21 0.85
C ASN B 95 -40.15 -5.10 -0.35
N GLN B 96 -40.62 -3.91 -0.70
CA GLN B 96 -41.60 -3.75 -1.82
C GLN B 96 -40.97 -4.02 -3.19
N SER B 97 -39.70 -3.64 -3.40
CA SER B 97 -38.97 -3.89 -4.66
C SER B 97 -38.96 -5.40 -4.93
N GLY B 98 -38.69 -6.21 -3.90
CA GLY B 98 -38.59 -7.67 -4.04
C GLY B 98 -39.90 -8.26 -4.53
N ILE B 99 -41.00 -7.71 -4.05
CA ILE B 99 -42.37 -8.13 -4.48
C ILE B 99 -42.47 -7.82 -5.96
N HIS B 100 -42.21 -6.57 -6.37
CA HIS B 100 -42.31 -6.19 -7.81
C HIS B 100 -41.40 -7.10 -8.65
N ASN B 101 -40.20 -7.47 -8.16
CA ASN B 101 -39.17 -8.23 -8.94
C ASN B 101 -39.26 -9.74 -8.70
N GLU B 102 -40.29 -10.25 -8.01
CA GLU B 102 -40.29 -11.62 -7.44
C GLU B 102 -40.11 -12.69 -8.52
N ASP B 103 -40.52 -12.45 -9.77
CA ASP B 103 -40.39 -13.48 -10.84
C ASP B 103 -39.02 -13.35 -11.53
N LYS B 104 -38.21 -12.34 -11.18
CA LYS B 104 -36.89 -12.13 -11.82
C LYS B 104 -35.72 -12.35 -10.85
N LEU B 105 -35.98 -12.38 -9.54
CA LEU B 105 -34.88 -12.51 -8.54
C LEU B 105 -34.35 -13.93 -8.55
N SER B 106 -33.10 -14.07 -8.13
CA SER B 106 -32.45 -15.38 -7.92
C SER B 106 -31.49 -15.28 -6.73
N MET B 107 -30.77 -16.35 -6.44
CA MET B 107 -30.09 -16.54 -5.14
C MET B 107 -28.66 -15.96 -5.17
N ASP B 108 -28.54 -14.65 -5.43
CA ASP B 108 -27.27 -13.90 -5.22
C ASP B 108 -27.63 -12.43 -5.04
N CYS B 109 -26.67 -11.64 -4.61
CA CYS B 109 -26.86 -10.22 -4.24
C CYS B 109 -25.48 -9.55 -4.16
N SER B 110 -25.27 -8.48 -4.93
CA SER B 110 -24.13 -7.55 -4.72
C SER B 110 -24.66 -6.24 -4.17
N TRP B 111 -24.05 -5.74 -3.11
CA TRP B 111 -24.45 -4.42 -2.56
C TRP B 111 -24.15 -3.33 -3.58
N MET B 112 -23.16 -3.54 -4.46
CA MET B 112 -22.71 -2.51 -5.41
C MET B 112 -23.86 -2.18 -6.39
N ASP B 113 -24.75 -3.13 -6.68
CA ASP B 113 -25.85 -2.91 -7.66
C ASP B 113 -26.74 -1.78 -7.17
N HIS B 114 -27.06 -1.72 -5.88
CA HIS B 114 -27.96 -0.65 -5.36
C HIS B 114 -27.31 0.70 -5.49
N ALA B 115 -25.95 0.80 -5.40
CA ALA B 115 -25.25 2.08 -5.64
C ALA B 115 -25.54 2.54 -7.07
N ARG B 116 -25.45 1.63 -8.04
CA ARG B 116 -25.73 1.97 -9.45
C ARG B 116 -27.22 2.25 -9.66
N ASP B 117 -28.11 1.49 -9.02
CA ASP B 117 -29.58 1.72 -9.08
C ASP B 117 -29.87 3.14 -8.60
N LEU B 118 -29.24 3.58 -7.51
CA LEU B 118 -29.49 4.91 -6.94
C LEU B 118 -28.91 5.98 -7.88
N LEU B 119 -27.75 5.72 -8.51
CA LEU B 119 -27.18 6.72 -9.45
C LEU B 119 -28.20 6.94 -10.58
N LEU B 120 -28.77 5.87 -11.12
CA LEU B 120 -29.81 5.96 -12.19
C LEU B 120 -31.03 6.74 -11.68
N MET B 121 -31.53 6.41 -10.49
CA MET B 121 -32.69 7.09 -9.87
C MET B 121 -32.44 8.60 -9.81
N ILE B 122 -31.27 9.01 -9.36
CA ILE B 122 -30.93 10.45 -9.18
C ILE B 122 -30.94 11.14 -10.54
N ASN B 123 -30.43 10.49 -11.58
CA ASN B 123 -30.39 11.06 -12.93
C ASN B 123 -31.81 11.15 -13.49
N HIS B 124 -32.64 10.15 -13.20
CA HIS B 124 -34.07 10.14 -13.62
C HIS B 124 -34.78 11.35 -12.98
N PHE B 125 -34.54 11.63 -11.71
CA PHE B 125 -35.26 12.67 -10.96
C PHE B 125 -34.41 13.92 -10.81
N ARG B 126 -33.46 14.16 -11.72
CA ARG B 126 -32.47 15.24 -11.54
C ARG B 126 -33.15 16.61 -11.38
N ASP B 127 -34.25 16.85 -12.09
CA ASP B 127 -34.94 18.17 -12.07
C ASP B 127 -35.46 18.50 -10.67
N GLN B 128 -35.71 17.48 -9.83
CA GLN B 128 -36.21 17.64 -8.44
C GLN B 128 -35.07 17.50 -7.43
N MET B 129 -33.83 17.33 -7.89
CA MET B 129 -32.66 17.04 -7.02
C MET B 129 -31.49 17.96 -7.35
N PRO B 130 -31.65 19.30 -7.22
CA PRO B 130 -30.52 20.20 -7.37
C PRO B 130 -29.60 20.03 -6.15
N ARG B 131 -28.36 20.50 -6.23
CA ARG B 131 -27.45 20.51 -5.06
C ARG B 131 -28.10 21.38 -3.98
N PRO B 132 -27.88 21.15 -2.68
CA PRO B 132 -27.07 20.02 -2.20
C PRO B 132 -27.82 18.70 -2.00
N LEU B 133 -27.13 17.59 -2.30
CA LEU B 133 -27.58 16.22 -1.96
C LEU B 133 -26.79 15.72 -0.77
N VAL B 134 -27.44 14.96 0.09
CA VAL B 134 -26.84 14.34 1.30
C VAL B 134 -27.27 12.88 1.29
N GLY B 135 -26.32 11.99 1.55
CA GLY B 135 -26.58 10.55 1.64
C GLY B 135 -26.77 10.15 3.08
N ILE B 136 -27.73 9.25 3.33
CA ILE B 136 -27.97 8.61 4.67
C ILE B 136 -28.00 7.12 4.42
N GLY B 137 -27.17 6.33 5.12
CA GLY B 137 -27.21 4.89 5.02
C GLY B 137 -27.13 4.23 6.37
N HIS B 138 -28.07 3.32 6.62
CA HIS B 138 -28.10 2.43 7.82
C HIS B 138 -27.53 1.06 7.44
N ALA B 139 -26.54 0.58 8.19
CA ALA B 139 -26.07 -0.82 8.15
C ALA B 139 -25.50 -1.09 6.76
N PHE B 140 -25.94 -2.11 6.03
CA PHE B 140 -25.39 -2.36 4.68
C PHE B 140 -25.75 -1.16 3.78
N GLY B 141 -26.82 -0.41 4.11
CA GLY B 141 -27.12 0.85 3.43
C GLY B 141 -25.99 1.86 3.60
N GLY B 142 -25.34 1.88 4.77
CA GLY B 142 -24.16 2.74 5.01
C GLY B 142 -23.01 2.39 4.07
N ASN B 143 -22.80 1.12 3.84
CA ASN B 143 -21.81 0.63 2.86
C ASN B 143 -22.21 1.08 1.45
N ILE B 144 -23.46 0.89 1.09
CA ILE B 144 -23.95 1.20 -0.28
C ILE B 144 -23.81 2.71 -0.55
N ILE B 145 -24.22 3.57 0.38
CA ILE B 145 -24.21 5.02 0.12
C ILE B 145 -22.75 5.46 -0.03
N THR B 146 -21.83 4.83 0.73
CA THR B 146 -20.38 5.14 0.60
C THR B 146 -19.91 4.74 -0.81
N ASN B 147 -20.30 3.58 -1.29
CA ASN B 147 -19.91 3.14 -2.67
C ASN B 147 -20.52 4.05 -3.72
N LEU B 148 -21.71 4.59 -3.50
CA LEU B 148 -22.29 5.62 -4.41
C LEU B 148 -21.38 6.86 -4.42
N ALA B 149 -20.85 7.27 -3.26
CA ALA B 149 -19.92 8.42 -3.17
C ALA B 149 -18.63 8.10 -3.92
N TYR B 150 -18.20 6.82 -3.92
CA TYR B 150 -17.02 6.38 -4.72
C TYR B 150 -17.34 6.49 -6.22
N LEU B 151 -18.57 6.16 -6.62
CA LEU B 151 -19.00 6.17 -8.04
C LEU B 151 -19.04 7.63 -8.52
N HIS B 152 -19.33 8.58 -7.64
CA HIS B 152 -19.62 9.97 -8.01
C HIS B 152 -19.18 10.90 -6.86
N PRO B 153 -17.86 11.14 -6.75
CA PRO B 153 -17.27 11.83 -5.60
C PRO B 153 -17.93 13.15 -5.19
N ARG B 154 -18.34 13.98 -6.15
CA ARG B 154 -18.87 15.33 -5.85
C ARG B 154 -20.40 15.31 -5.74
N LEU B 155 -21.05 14.16 -5.89
CA LEU B 155 -22.52 14.08 -5.84
C LEU B 155 -23.06 14.58 -4.47
N PHE B 156 -22.53 14.06 -3.37
CA PHE B 156 -23.01 14.34 -2.00
C PHE B 156 -22.11 15.39 -1.35
N THR B 157 -22.76 16.34 -0.70
CA THR B 157 -22.11 17.36 0.16
C THR B 157 -21.59 16.64 1.40
N THR B 158 -22.35 15.69 1.93
CA THR B 158 -21.96 14.98 3.17
C THR B 158 -22.72 13.66 3.21
N LEU B 159 -22.21 12.76 4.03
CA LEU B 159 -22.84 11.45 4.30
C LEU B 159 -23.11 11.32 5.79
N LEU B 160 -24.22 10.67 6.10
CA LEU B 160 -24.67 10.31 7.46
C LEU B 160 -24.71 8.79 7.50
N LEU B 161 -23.75 8.15 8.18
CA LEU B 161 -23.68 6.68 8.26
C LEU B 161 -24.20 6.27 9.63
N LEU B 162 -25.24 5.43 9.63
CA LEU B 162 -25.86 4.89 10.87
C LEU B 162 -25.47 3.42 11.00
N ASP B 163 -24.53 3.12 11.91
CA ASP B 163 -24.01 1.76 12.14
C ASP B 163 -23.68 1.10 10.81
N PRO B 164 -22.78 1.73 10.00
CA PRO B 164 -22.45 1.23 8.67
C PRO B 164 -21.66 -0.08 8.70
N LEU B 165 -21.97 -0.96 7.76
CA LEU B 165 -21.26 -2.25 7.60
C LEU B 165 -20.02 -1.98 6.74
N ILE B 166 -19.01 -1.38 7.36
CA ILE B 166 -17.69 -1.08 6.78
C ILE B 166 -16.65 -1.54 7.78
N GLN B 167 -15.98 -2.64 7.49
CA GLN B 167 -14.99 -3.24 8.41
C GLN B 167 -14.16 -4.25 7.58
N LEU B 168 -13.12 -4.81 8.19
CA LEU B 168 -12.21 -5.76 7.51
C LEU B 168 -12.59 -7.22 7.79
N SER B 169 -12.99 -7.54 9.02
CA SER B 169 -13.10 -8.95 9.50
C SER B 169 -14.38 -9.58 9.01
N PRO B 170 -14.32 -10.86 8.61
CA PRO B 170 -15.53 -11.63 8.32
C PRO B 170 -16.40 -11.64 9.55
N PRO B 171 -17.72 -11.82 9.39
CA PRO B 171 -18.58 -12.03 10.55
C PRO B 171 -18.30 -13.38 11.20
N SER B 172 -18.69 -13.52 12.47
CA SER B 172 -18.86 -14.83 13.12
C SER B 172 -19.96 -15.60 12.38
N LEU B 173 -19.71 -16.86 12.10
CA LEU B 173 -20.60 -17.76 11.33
C LEU B 173 -20.68 -19.13 12.01
N GLY B 174 -20.28 -19.24 13.28
CA GLY B 174 -20.33 -20.50 14.03
C GLY B 174 -19.32 -21.54 13.56
N PHE B 175 -18.27 -21.15 12.82
CA PHE B 175 -17.17 -22.10 12.47
C PHE B 175 -16.33 -22.38 13.73
N GLY B 176 -15.89 -23.62 13.90
CA GLY B 176 -15.06 -24.07 15.04
C GLY B 176 -15.72 -23.70 16.35
N THR B 177 -15.08 -22.89 17.19
CA THR B 177 -15.59 -22.51 18.53
C THR B 177 -16.50 -21.28 18.45
N ASP B 178 -16.58 -20.62 17.29
CA ASP B 178 -17.26 -19.31 17.17
C ASP B 178 -18.74 -19.51 17.46
N ALA B 179 -19.35 -18.52 18.09
CA ALA B 179 -20.81 -18.46 18.30
C ALA B 179 -21.50 -18.29 16.96
N PRO B 180 -22.60 -19.03 16.69
CA PRO B 180 -23.48 -18.70 15.58
C PRO B 180 -24.02 -17.29 15.75
N SER B 181 -24.16 -16.54 14.64
CA SER B 181 -24.52 -15.11 14.61
C SER B 181 -25.93 -14.96 14.03
N ALA B 182 -26.35 -13.72 13.80
CA ALA B 182 -27.59 -13.36 13.09
C ALA B 182 -27.61 -14.04 11.73
N ILE B 183 -26.45 -14.35 11.14
CA ILE B 183 -26.39 -14.99 9.80
C ILE B 183 -26.87 -16.44 9.90
N ASN B 184 -26.33 -17.20 10.84
CA ASN B 184 -26.82 -18.57 11.14
C ASN B 184 -28.33 -18.52 11.41
N TYR B 185 -28.76 -17.56 12.21
CA TYR B 185 -30.16 -17.40 12.61
C TYR B 185 -30.98 -17.23 11.33
N THR B 186 -30.49 -16.44 10.38
CA THR B 186 -31.26 -16.07 9.17
C THR B 186 -31.54 -17.31 8.32
N LEU B 187 -30.56 -18.19 8.15
CA LEU B 187 -30.74 -19.39 7.32
C LEU B 187 -31.84 -20.28 7.94
N TRP B 188 -31.77 -20.49 9.24
CA TRP B 188 -32.54 -21.57 9.92
C TRP B 188 -33.89 -21.05 10.46
N ARG B 189 -34.15 -19.75 10.44
CA ARG B 189 -35.30 -19.14 11.18
C ARG B 189 -36.61 -19.64 10.58
N ASP B 190 -37.64 -19.68 11.42
CA ASP B 190 -39.05 -19.82 10.97
C ASP B 190 -39.33 -18.72 9.94
N ASP B 191 -40.01 -19.02 8.84
CA ASP B 191 -40.33 -17.97 7.85
C ASP B 191 -41.80 -18.02 7.41
N VAL B 192 -42.64 -18.81 8.09
CA VAL B 192 -44.08 -18.86 7.76
C VAL B 192 -44.86 -19.16 9.03
N TRP B 193 -46.02 -18.55 9.15
CA TRP B 193 -46.88 -18.62 10.36
C TRP B 193 -48.31 -18.82 9.90
N PRO B 194 -49.17 -19.49 10.70
CA PRO B 194 -50.57 -19.67 10.34
C PRO B 194 -51.38 -18.37 10.22
N SER B 195 -50.93 -17.29 10.86
CA SER B 195 -51.66 -15.99 10.84
C SER B 195 -50.69 -14.85 11.10
N ARG B 196 -51.08 -13.63 10.76
CA ARG B 196 -50.27 -12.41 11.04
C ARG B 196 -50.14 -12.26 12.56
N GLU B 197 -51.21 -12.55 13.30
CA GLU B 197 -51.22 -12.37 14.79
C GLU B 197 -50.14 -13.30 15.37
N VAL B 198 -50.02 -14.52 14.87
CA VAL B 198 -49.01 -15.48 15.39
C VAL B 198 -47.61 -15.01 14.95
N ALA B 199 -47.46 -14.55 13.70
CA ALA B 199 -46.16 -14.04 13.20
C ALA B 199 -45.68 -12.89 14.12
N ILE B 200 -46.55 -11.96 14.43
CA ILE B 200 -46.21 -10.76 15.28
C ILE B 200 -45.73 -11.28 16.66
N ARG B 201 -46.47 -12.18 17.31
CA ARG B 201 -46.07 -12.71 18.64
C ARG B 201 -44.72 -13.41 18.55
N ALA B 202 -44.50 -14.22 17.52
CA ALA B 202 -43.25 -14.97 17.33
C ALA B 202 -42.07 -14.02 17.09
N ASN B 203 -42.31 -12.78 16.69
CA ASN B 203 -41.23 -11.82 16.33
C ASN B 203 -41.18 -10.67 17.34
N ARG B 204 -41.62 -10.89 18.57
CA ARG B 204 -41.60 -9.88 19.67
C ARG B 204 -40.18 -9.33 19.89
N ALA B 205 -39.15 -10.18 19.75
CA ALA B 205 -37.74 -9.84 20.01
C ALA B 205 -37.31 -8.67 19.13
N ILE B 206 -37.59 -8.72 17.83
CA ILE B 206 -37.10 -7.68 16.87
C ILE B 206 -37.85 -6.36 17.13
N MET B 207 -39.01 -6.41 17.78
CA MET B 207 -39.88 -5.21 17.95
C MET B 207 -39.76 -4.62 19.36
N GLN B 208 -39.04 -5.29 20.26
CA GLN B 208 -38.82 -4.82 21.65
C GLN B 208 -38.00 -3.53 21.58
N GLY B 209 -38.45 -2.50 22.30
CA GLY B 209 -37.79 -1.18 22.33
C GLY B 209 -38.12 -0.31 21.11
N MET B 210 -38.83 -0.83 20.09
CA MET B 210 -39.16 -0.03 18.88
C MET B 210 -40.08 1.10 19.28
N ASP B 211 -39.83 2.28 18.75
CA ASP B 211 -40.75 3.43 18.79
C ASP B 211 -42.13 2.96 18.37
N PRO B 212 -43.22 3.37 19.07
CA PRO B 212 -44.58 2.95 18.68
C PRO B 212 -44.91 3.23 17.21
N ARG B 213 -44.41 4.35 16.66
CA ARG B 213 -44.65 4.71 15.22
C ARG B 213 -44.05 3.64 14.31
N CYS B 214 -42.93 3.01 14.70
CA CYS B 214 -42.28 1.96 13.90
C CYS B 214 -43.05 0.64 14.00
N LEU B 215 -43.66 0.35 15.15
CA LEU B 215 -44.38 -0.93 15.42
C LEU B 215 -45.42 -1.21 14.34
N ASP B 216 -46.30 -0.25 14.08
CA ASP B 216 -47.41 -0.40 13.12
C ASP B 216 -46.83 -0.69 11.72
N ARG B 217 -45.77 0.00 11.35
CA ARG B 217 -45.13 -0.16 10.03
C ARG B 217 -44.50 -1.56 9.96
N MET B 218 -43.88 -2.01 11.05
CA MET B 218 -43.26 -3.35 11.12
C MET B 218 -44.34 -4.42 10.89
N THR B 219 -45.46 -4.36 11.61
CA THR B 219 -46.48 -5.45 11.54
C THR B 219 -47.11 -5.45 10.14
N LYS B 220 -47.18 -4.30 9.48
CA LYS B 220 -47.79 -4.20 8.13
C LYS B 220 -46.77 -4.69 7.07
N HIS B 221 -45.51 -4.29 7.15
CA HIS B 221 -44.56 -4.46 6.01
C HIS B 221 -43.67 -5.69 6.18
N PHE B 222 -43.36 -6.11 7.39
CA PHE B 222 -42.40 -7.21 7.62
C PHE B 222 -42.97 -8.56 7.20
N PHE B 223 -44.31 -8.67 7.17
CA PHE B 223 -45.01 -9.95 6.86
C PHE B 223 -45.92 -9.72 5.64
N ARG B 224 -46.03 -10.75 4.83
CA ARG B 224 -46.83 -10.78 3.58
C ARG B 224 -47.77 -11.99 3.60
N ASP B 225 -49.03 -11.78 3.22
CA ASP B 225 -50.02 -12.88 3.11
C ASP B 225 -49.58 -13.84 1.99
N LEU B 226 -49.71 -15.14 2.23
CA LEU B 226 -49.61 -16.15 1.15
C LEU B 226 -50.75 -15.86 0.19
N PRO B 227 -50.67 -16.26 -1.09
CA PRO B 227 -49.50 -16.94 -1.64
C PRO B 227 -48.37 -15.99 -2.08
N THR B 228 -47.14 -16.49 -2.01
CA THR B 228 -45.94 -15.84 -2.58
C THR B 228 -45.26 -16.89 -3.43
N PRO B 229 -44.29 -16.52 -4.29
CA PRO B 229 -43.55 -17.55 -5.04
C PRO B 229 -42.94 -18.65 -4.14
N LEU B 230 -42.42 -18.29 -2.96
CA LEU B 230 -41.77 -19.30 -2.06
C LEU B 230 -42.86 -20.18 -1.43
N TYR B 231 -44.04 -19.63 -1.16
CA TYR B 231 -45.19 -20.32 -0.52
C TYR B 231 -46.42 -20.10 -1.39
N PRO B 232 -46.50 -20.77 -2.55
CA PRO B 232 -47.54 -20.49 -3.54
C PRO B 232 -48.89 -21.15 -3.25
N ASP B 233 -48.95 -21.98 -2.21
CA ASP B 233 -50.11 -22.84 -1.93
C ASP B 233 -50.60 -22.57 -0.52
N VAL B 234 -51.64 -21.73 -0.40
CA VAL B 234 -52.23 -21.35 0.91
C VAL B 234 -52.69 -22.62 1.64
N GLU B 235 -53.43 -23.51 0.95
CA GLU B 235 -54.09 -24.66 1.63
C GLU B 235 -53.02 -25.66 2.13
N ALA B 236 -51.94 -25.85 1.38
CA ALA B 236 -50.84 -26.75 1.76
C ALA B 236 -50.22 -26.28 3.08
N ILE B 237 -50.11 -24.96 3.30
CA ILE B 237 -49.53 -24.39 4.54
C ILE B 237 -50.54 -24.46 5.69
N LYS B 238 -51.82 -24.22 5.43
CA LYS B 238 -52.87 -24.45 6.47
C LYS B 238 -52.84 -25.94 6.90
N ALA B 239 -52.64 -26.86 5.96
CA ALA B 239 -52.55 -28.31 6.24
C ALA B 239 -51.32 -28.59 7.12
N LEU B 240 -50.16 -27.99 6.79
CA LEU B 240 -48.93 -28.14 7.59
C LEU B 240 -49.18 -27.71 9.04
N PHE B 241 -49.90 -26.62 9.27
CA PHE B 241 -50.14 -26.08 10.63
C PHE B 241 -51.39 -26.72 11.28
N GLY B 242 -52.15 -27.50 10.52
CA GLY B 242 -53.45 -28.08 10.96
C GLY B 242 -54.53 -27.03 11.19
N THR B 243 -54.61 -25.99 10.35
CA THR B 243 -55.57 -24.86 10.54
C THR B 243 -56.63 -24.86 9.42
N THR B 244 -56.75 -25.96 8.68
CA THR B 244 -57.60 -26.06 7.45
C THR B 244 -59.05 -25.64 7.72
N ALA B 245 -59.58 -25.97 8.89
CA ALA B 245 -60.97 -25.70 9.31
C ALA B 245 -61.23 -24.22 9.50
N ASP B 246 -60.18 -23.39 9.69
CA ASP B 246 -60.37 -21.93 9.82
C ASP B 246 -60.17 -21.27 8.45
N SER B 247 -61.27 -21.08 7.71
CA SER B 247 -61.20 -20.67 6.28
C SER B 247 -61.00 -19.15 6.22
N THR B 248 -61.09 -18.46 7.35
CA THR B 248 -61.12 -16.97 7.43
C THR B 248 -59.70 -16.40 7.63
N THR B 249 -58.67 -17.21 7.97
CA THR B 249 -57.34 -16.68 8.37
C THR B 249 -56.31 -17.08 7.32
N THR B 250 -55.45 -16.14 6.95
CA THR B 250 -54.43 -16.38 5.90
C THR B 250 -53.05 -16.47 6.54
N PRO B 251 -52.31 -17.56 6.27
CA PRO B 251 -50.92 -17.65 6.70
C PRO B 251 -50.12 -16.49 6.12
N VAL B 252 -49.06 -16.09 6.82
CA VAL B 252 -48.13 -15.04 6.34
C VAL B 252 -46.70 -15.60 6.32
N THR B 253 -45.85 -14.97 5.51
CA THR B 253 -44.42 -15.27 5.40
C THR B 253 -43.65 -13.94 5.50
N LEU B 254 -42.34 -14.04 5.65
CA LEU B 254 -41.47 -12.85 5.62
C LEU B 254 -41.60 -12.20 4.25
N THR B 255 -41.90 -10.91 4.25
CA THR B 255 -42.01 -10.10 3.02
C THR B 255 -40.70 -10.18 2.24
N THR B 256 -39.58 -9.93 2.92
CA THR B 256 -38.25 -10.25 2.36
C THR B 256 -37.96 -11.68 2.75
N PRO B 257 -37.91 -12.64 1.79
CA PRO B 257 -37.60 -14.01 2.12
C PRO B 257 -36.29 -14.06 2.90
N LYS B 258 -36.21 -14.96 3.87
CA LYS B 258 -34.99 -15.15 4.68
C LYS B 258 -33.82 -15.38 3.76
N TYR B 259 -34.02 -16.04 2.61
CA TYR B 259 -32.93 -16.35 1.65
C TYR B 259 -32.37 -15.07 1.06
N HIS B 260 -33.21 -14.06 0.82
CA HIS B 260 -32.76 -12.78 0.22
C HIS B 260 -32.07 -11.95 1.30
N GLU B 261 -32.46 -12.08 2.57
CA GLU B 261 -31.66 -11.47 3.67
C GLU B 261 -30.29 -12.15 3.69
N LEU B 262 -30.31 -13.48 3.65
CA LEU B 262 -29.10 -14.29 3.83
C LEU B 262 -28.07 -13.95 2.75
N VAL B 263 -28.47 -13.97 1.48
CA VAL B 263 -27.50 -13.81 0.35
C VAL B 263 -27.04 -12.36 0.22
N ALA B 264 -27.65 -11.42 0.97
CA ALA B 264 -27.16 -10.03 1.17
C ALA B 264 -26.17 -9.99 2.35
N GLN B 265 -26.43 -10.73 3.43
CA GLN B 265 -25.56 -10.78 4.63
C GLN B 265 -24.23 -11.44 4.29
N ILE B 266 -24.25 -12.44 3.40
CA ILE B 266 -23.06 -13.30 3.20
C ILE B 266 -23.20 -13.96 1.82
N ARG B 267 -22.09 -14.38 1.24
CA ARG B 267 -22.06 -14.97 -0.11
C ARG B 267 -21.34 -16.30 -0.04
N GLN B 268 -21.84 -17.30 -0.77
CA GLN B 268 -21.19 -18.62 -0.85
C GLN B 268 -19.75 -18.45 -1.40
N ASN B 269 -18.85 -19.21 -0.79
CA ASN B 269 -17.46 -19.42 -1.24
C ASN B 269 -17.20 -20.93 -1.24
N PHE B 270 -17.95 -21.69 -2.02
CA PHE B 270 -17.99 -23.17 -1.92
C PHE B 270 -16.94 -23.80 -2.83
N ASN B 271 -16.06 -23.04 -3.48
CA ASN B 271 -15.10 -23.62 -4.46
C ASN B 271 -13.72 -22.97 -4.37
N ALA B 272 -13.23 -22.63 -3.18
CA ALA B 272 -11.97 -21.85 -3.04
C ALA B 272 -10.74 -22.75 -2.86
N ARG B 273 -10.91 -24.01 -2.46
CA ARG B 273 -9.78 -24.92 -2.11
C ARG B 273 -9.55 -25.94 -3.22
N ASP B 274 -8.33 -26.00 -3.76
CA ASP B 274 -7.86 -27.08 -4.67
C ASP B 274 -8.02 -28.39 -3.91
N PRO B 275 -8.80 -29.36 -4.43
CA PRO B 275 -9.08 -30.59 -3.69
C PRO B 275 -7.81 -31.44 -3.48
N LYS B 276 -6.81 -31.26 -4.35
CA LYS B 276 -5.50 -31.98 -4.32
C LYS B 276 -4.59 -31.38 -3.24
N THR B 277 -4.21 -30.10 -3.38
CA THR B 277 -3.21 -29.40 -2.53
C THR B 277 -3.84 -28.94 -1.21
N GLY B 278 -5.18 -28.83 -1.15
CA GLY B 278 -5.90 -28.17 -0.03
C GLY B 278 -5.67 -26.66 -0.01
N ARG B 279 -4.93 -26.13 -0.98
CA ARG B 279 -4.55 -24.71 -1.01
C ARG B 279 -5.72 -23.86 -1.55
N ILE B 280 -5.89 -22.67 -0.97
CA ILE B 280 -6.82 -21.64 -1.49
C ILE B 280 -6.32 -21.20 -2.87
N GLU B 281 -7.21 -21.24 -3.87
CA GLU B 281 -7.00 -20.60 -5.20
C GLU B 281 -8.31 -19.86 -5.50
N VAL B 282 -8.30 -18.54 -5.48
CA VAL B 282 -9.53 -17.76 -5.76
C VAL B 282 -10.00 -18.06 -7.18
N PRO B 283 -11.23 -18.58 -7.39
CA PRO B 283 -11.77 -18.77 -8.73
C PRO B 283 -12.25 -17.44 -9.31
N ARG B 284 -11.51 -16.94 -10.32
CA ARG B 284 -11.71 -15.56 -10.82
C ARG B 284 -12.98 -15.46 -11.65
N ASP B 285 -13.50 -16.57 -12.18
CA ASP B 285 -14.75 -16.54 -12.98
C ASP B 285 -15.92 -16.12 -12.08
N THR B 286 -15.91 -16.49 -10.80
CA THR B 286 -17.07 -16.27 -9.87
C THR B 286 -16.71 -15.39 -8.68
N HIS B 287 -15.45 -15.39 -8.25
CA HIS B 287 -15.00 -14.78 -6.96
C HIS B 287 -13.78 -13.88 -7.17
N ALA B 288 -13.70 -13.15 -8.30
CA ALA B 288 -12.53 -12.27 -8.56
C ALA B 288 -12.48 -11.22 -7.44
N ASP B 289 -13.62 -10.85 -6.85
CA ASP B 289 -13.71 -9.81 -5.81
C ASP B 289 -13.36 -10.32 -4.41
N MET B 290 -12.94 -11.57 -4.28
CA MET B 290 -12.67 -12.19 -2.95
C MET B 290 -11.18 -12.05 -2.60
N ASP B 291 -10.89 -11.42 -1.47
CA ASP B 291 -9.51 -11.37 -0.90
C ASP B 291 -9.12 -12.80 -0.53
N PRO B 292 -8.00 -13.36 -1.05
CA PRO B 292 -7.58 -14.72 -0.68
C PRO B 292 -7.46 -14.91 0.83
N LEU B 293 -7.13 -13.84 1.54
CA LEU B 293 -7.00 -13.89 3.02
C LEU B 293 -8.33 -14.21 3.70
N VAL B 294 -9.51 -13.98 3.09
CA VAL B 294 -10.81 -14.30 3.75
C VAL B 294 -11.44 -15.55 3.13
N ALA B 295 -10.76 -16.21 2.19
CA ALA B 295 -11.28 -17.37 1.43
C ALA B 295 -11.07 -18.70 2.18
N TYR B 296 -10.52 -18.65 3.41
CA TYR B 296 -10.21 -19.81 4.28
C TYR B 296 -11.50 -20.47 4.79
N ILE B 297 -12.65 -19.77 4.70
CA ILE B 297 -13.98 -20.31 5.12
C ILE B 297 -14.87 -20.25 3.90
N PRO B 298 -15.88 -21.14 3.83
CA PRO B 298 -16.71 -21.27 2.62
C PRO B 298 -17.85 -20.25 2.49
N LEU B 299 -17.72 -19.13 3.20
CA LEU B 299 -18.64 -17.97 3.10
C LEU B 299 -17.80 -16.70 3.19
N TYR B 300 -18.18 -15.66 2.48
CA TYR B 300 -17.46 -14.35 2.56
C TYR B 300 -18.42 -13.21 2.27
N ARG B 301 -17.97 -11.99 2.59
CA ARG B 301 -18.67 -10.76 2.19
C ARG B 301 -17.62 -9.75 1.76
N PRO B 302 -17.53 -9.43 0.44
CA PRO B 302 -16.42 -8.59 -0.03
C PRO B 302 -16.57 -7.10 0.27
N GLU B 303 -17.80 -6.58 0.29
CA GLU B 303 -18.02 -5.10 0.21
C GLU B 303 -17.56 -4.41 1.50
N PRO B 304 -17.77 -4.93 2.72
CA PRO B 304 -17.29 -4.21 3.91
C PRO B 304 -15.77 -3.95 3.80
N ARG B 305 -15.04 -4.97 3.35
CA ARG B 305 -13.56 -4.94 3.31
C ARG B 305 -13.05 -4.05 2.16
N SER B 306 -13.58 -4.20 0.94
CA SER B 306 -13.18 -3.34 -0.20
C SER B 306 -13.48 -1.87 0.17
N THR B 307 -14.63 -1.63 0.79
CA THR B 307 -15.11 -0.26 1.10
C THR B 307 -14.18 0.37 2.11
N PHE B 308 -13.83 -0.39 3.14
CA PHE B 308 -12.92 0.06 4.22
C PHE B 308 -11.60 0.51 3.57
N ARG B 309 -11.06 -0.32 2.70
CA ARG B 309 -9.72 -0.09 2.09
C ARG B 309 -9.71 1.15 1.18
N ARG B 310 -10.85 1.63 0.71
CA ARG B 310 -10.95 2.82 -0.15
C ARG B 310 -11.35 4.05 0.66
N LEU B 311 -11.56 3.93 1.98
CA LEU B 311 -12.10 5.07 2.80
C LEU B 311 -11.22 6.32 2.71
N GLU B 312 -9.90 6.20 2.57
CA GLU B 312 -9.04 7.40 2.51
C GLU B 312 -9.43 8.27 1.29
N THR B 313 -10.04 7.69 0.26
CA THR B 313 -10.44 8.40 -1.00
C THR B 313 -11.83 9.04 -0.86
N LEU B 314 -12.59 8.76 0.21
CA LEU B 314 -14.00 9.26 0.29
C LEU B 314 -14.04 10.79 0.27
N ARG B 315 -14.72 11.36 -0.73
CA ARG B 315 -14.74 12.81 -0.98
C ARG B 315 -15.66 13.55 -0.01
N PRO B 316 -16.95 13.18 0.15
CA PRO B 316 -17.82 13.93 1.04
C PRO B 316 -17.31 13.86 2.48
N SER B 317 -17.62 14.92 3.23
CA SER B 317 -17.50 14.89 4.70
C SER B 317 -18.38 13.73 5.19
N CYS B 318 -18.10 13.21 6.36
CA CYS B 318 -18.77 11.96 6.79
C CYS B 318 -18.95 11.91 8.29
N LEU B 319 -20.19 11.74 8.70
CA LEU B 319 -20.60 11.51 10.10
C LEU B 319 -20.79 10.02 10.30
N TRP B 320 -20.07 9.44 11.24
CA TRP B 320 -20.20 8.01 11.58
C TRP B 320 -20.94 7.93 12.93
N VAL B 321 -22.21 7.60 12.89
CA VAL B 321 -23.05 7.37 14.10
C VAL B 321 -22.99 5.87 14.40
N ILE B 322 -22.31 5.48 15.47
CA ILE B 322 -22.07 4.06 15.84
C ILE B 322 -22.88 3.70 17.09
N ALA B 323 -23.64 2.61 17.00
CA ALA B 323 -24.36 2.03 18.17
C ALA B 323 -23.30 1.44 19.11
N GLY B 324 -23.18 1.94 20.35
CA GLY B 324 -22.18 1.45 21.32
C GLY B 324 -22.35 -0.04 21.60
N ALA B 325 -23.57 -0.55 21.50
CA ALA B 325 -23.88 -1.99 21.71
C ALA B 325 -24.12 -2.70 20.37
N THR B 326 -23.56 -2.20 19.27
CA THR B 326 -23.67 -2.87 17.95
C THR B 326 -23.04 -4.25 18.08
N PHE B 327 -23.47 -5.15 17.20
CA PHE B 327 -22.88 -6.49 17.00
C PHE B 327 -21.82 -6.44 15.90
N LEU B 328 -21.70 -5.32 15.19
CA LEU B 328 -20.61 -5.10 14.19
C LEU B 328 -19.27 -4.94 14.89
N ASN B 329 -18.17 -5.02 14.14
CA ASN B 329 -16.82 -4.89 14.72
C ASN B 329 -16.54 -3.41 14.99
N ILE B 330 -16.93 -2.93 16.16
CA ILE B 330 -16.92 -1.48 16.48
C ILE B 330 -15.50 -0.94 16.41
N ASP B 331 -14.50 -1.70 16.88
CA ASP B 331 -13.10 -1.25 16.87
C ASP B 331 -12.62 -1.06 15.43
N GLU B 332 -12.96 -1.98 14.53
CA GLU B 332 -12.54 -1.80 13.11
C GLU B 332 -13.27 -0.58 12.53
N ILE B 333 -14.56 -0.42 12.78
CA ILE B 333 -15.33 0.76 12.30
C ILE B 333 -14.60 2.05 12.73
N ARG B 334 -14.13 2.13 13.96
CA ARG B 334 -13.45 3.34 14.50
C ARG B 334 -12.10 3.55 13.80
N GLU B 335 -11.41 2.48 13.38
CA GLU B 335 -10.19 2.62 12.54
C GLU B 335 -10.58 3.21 11.18
N GLY B 336 -11.71 2.77 10.64
CA GLY B 336 -12.27 3.33 9.39
C GLY B 336 -12.47 4.84 9.50
N VAL B 337 -13.11 5.25 10.58
CA VAL B 337 -13.33 6.71 10.88
C VAL B 337 -11.98 7.46 10.79
N LYS B 338 -10.95 6.91 11.42
CA LYS B 338 -9.64 7.57 11.51
C LYS B 338 -9.04 7.81 10.13
N ILE B 339 -9.15 6.85 9.22
CA ILE B 339 -8.50 6.97 7.86
C ILE B 339 -9.43 7.73 6.88
N CYS B 340 -10.73 7.72 7.15
CA CYS B 340 -11.76 8.27 6.24
C CYS B 340 -11.36 9.65 5.66
N GLY B 341 -11.23 9.74 4.34
CA GLY B 341 -11.00 11.01 3.63
C GLY B 341 -9.59 11.55 3.77
N SER B 342 -8.64 10.78 4.31
CA SER B 342 -7.30 11.31 4.64
C SER B 342 -6.36 11.25 3.43
N GLY B 343 -6.72 10.58 2.34
CA GLY B 343 -5.80 10.44 1.20
C GLY B 343 -6.29 11.12 -0.08
N ILE B 344 -5.82 10.60 -1.21
CA ILE B 344 -6.05 11.29 -2.52
C ILE B 344 -7.53 11.10 -2.88
N GLY B 345 -8.22 12.20 -3.23
CA GLY B 345 -9.67 12.20 -3.50
C GLY B 345 -10.48 12.53 -2.25
N GLY B 346 -9.84 12.50 -1.08
CA GLY B 346 -10.55 12.53 0.21
C GLY B 346 -10.94 13.93 0.65
N SER B 347 -11.95 14.00 1.52
CA SER B 347 -12.46 15.22 2.18
C SER B 347 -11.33 16.00 2.89
N GLY B 348 -10.29 15.31 3.37
CA GLY B 348 -9.30 15.81 4.34
C GLY B 348 -9.45 15.13 5.70
N GLY B 349 -10.58 14.46 5.94
CA GLY B 349 -10.77 13.57 7.09
C GLY B 349 -10.75 14.28 8.44
N VAL B 350 -10.42 13.51 9.48
CA VAL B 350 -10.50 13.96 10.89
C VAL B 350 -9.58 15.17 11.08
N PRO B 351 -8.34 15.19 10.56
CA PRO B 351 -7.46 16.35 10.74
C PRO B 351 -8.03 17.69 10.23
N ASP B 352 -8.90 17.67 9.23
CA ASP B 352 -9.52 18.91 8.68
C ASP B 352 -10.92 19.11 9.28
N GLY B 353 -11.37 18.28 10.24
CA GLY B 353 -12.70 18.37 10.81
C GLY B 353 -13.80 17.98 9.83
N ARG B 354 -13.50 17.13 8.83
CA ARG B 354 -14.47 16.73 7.78
C ARG B 354 -15.07 15.36 8.09
N VAL B 355 -14.62 14.73 9.16
CA VAL B 355 -15.09 13.39 9.59
C VAL B 355 -15.24 13.42 11.10
N ARG B 356 -16.36 12.91 11.61
CA ARG B 356 -16.62 12.82 13.06
C ARG B 356 -17.28 11.48 13.36
N GLU B 357 -16.87 10.86 14.47
CA GLU B 357 -17.59 9.71 15.04
C GLU B 357 -18.45 10.20 16.21
N VAL B 358 -19.65 9.68 16.30
CA VAL B 358 -20.48 9.74 17.52
C VAL B 358 -20.85 8.29 17.85
N VAL B 359 -20.27 7.77 18.92
CA VAL B 359 -20.63 6.43 19.48
C VAL B 359 -21.72 6.67 20.53
N LEU B 360 -22.88 6.07 20.36
CA LEU B 360 -24.03 6.30 21.26
C LEU B 360 -24.07 5.13 22.23
N PRO B 361 -23.60 5.32 23.50
CA PRO B 361 -23.45 4.19 24.43
C PRO B 361 -24.82 3.57 24.68
N GLY B 362 -24.86 2.25 24.76
CA GLY B 362 -26.06 1.46 25.11
C GLY B 362 -27.01 1.25 23.93
N PHE B 363 -26.84 1.96 22.82
CA PHE B 363 -27.73 1.90 21.63
C PHE B 363 -27.39 0.66 20.79
N GLY B 364 -28.39 0.12 20.12
CA GLY B 364 -28.20 -1.10 19.31
C GLY B 364 -28.23 -0.76 17.83
N HIS B 365 -27.98 -1.78 17.03
CA HIS B 365 -28.06 -1.75 15.55
C HIS B 365 -29.35 -1.08 15.07
N LEU B 366 -30.48 -1.33 15.76
CA LEU B 366 -31.83 -0.86 15.33
C LEU B 366 -32.16 0.51 15.97
N MET B 367 -31.13 1.24 16.34
CA MET B 367 -31.28 2.58 16.95
C MET B 367 -32.10 3.52 16.06
N PRO B 368 -32.13 3.44 14.70
CA PRO B 368 -32.97 4.36 13.92
C PRO B 368 -34.47 4.15 14.17
N PHE B 369 -34.83 3.03 14.82
CA PHE B 369 -36.26 2.69 15.13
C PHE B 369 -36.51 2.66 16.64
N GLN B 370 -35.45 2.65 17.46
CA GLN B 370 -35.57 2.51 18.93
C GLN B 370 -35.27 3.85 19.64
N GLU B 371 -34.46 4.72 19.05
CA GLU B 371 -33.98 5.98 19.65
C GLU B 371 -34.09 7.08 18.60
N VAL B 372 -35.26 7.20 18.00
CA VAL B 372 -35.45 8.02 16.77
C VAL B 372 -35.00 9.44 17.07
N LYS B 373 -35.41 10.00 18.19
CA LYS B 373 -35.16 11.43 18.54
C LYS B 373 -33.64 11.69 18.69
N THR B 374 -32.90 10.82 19.37
CA THR B 374 -31.45 11.00 19.60
C THR B 374 -30.68 10.80 18.29
N VAL B 375 -31.04 9.80 17.49
CA VAL B 375 -30.38 9.61 16.16
C VAL B 375 -30.60 10.89 15.33
N ALA B 376 -31.84 11.37 15.21
CA ALA B 376 -32.15 12.61 14.46
C ALA B 376 -31.31 13.77 14.99
N GLU B 377 -31.26 13.94 16.32
CA GLU B 377 -30.54 15.07 16.96
C GLU B 377 -29.06 15.04 16.55
N THR B 378 -28.43 13.86 16.60
CA THR B 378 -27.00 13.66 16.23
C THR B 378 -26.80 14.10 14.77
N CYS B 379 -27.73 13.76 13.89
CA CYS B 379 -27.68 14.11 12.44
C CYS B 379 -27.78 15.62 12.27
N ILE B 380 -28.69 16.24 12.98
CA ILE B 380 -28.99 17.70 12.83
C ILE B 380 -27.79 18.54 13.21
N VAL B 381 -27.07 18.17 14.27
CA VAL B 381 -25.90 18.95 14.76
C VAL B 381 -24.86 18.98 13.64
N TRP B 382 -24.63 17.82 13.03
CA TRP B 382 -23.66 17.69 11.92
C TRP B 382 -24.14 18.47 10.70
N LEU B 383 -25.42 18.30 10.35
CA LEU B 383 -26.00 18.96 9.16
C LEU B 383 -25.86 20.47 9.28
N GLN B 384 -26.10 21.04 10.46
CA GLN B 384 -26.06 22.51 10.57
C GLN B 384 -24.61 22.98 10.38
N GLN B 385 -23.62 22.26 10.90
CA GLN B 385 -22.19 22.62 10.66
C GLN B 385 -21.87 22.49 9.17
N GLU B 386 -22.30 21.41 8.53
CA GLU B 386 -21.95 21.15 7.11
C GLU B 386 -22.66 22.17 6.21
N MET B 387 -23.88 22.56 6.54
CA MET B 387 -24.63 23.54 5.70
C MET B 387 -24.01 24.94 5.84
N ASP B 388 -23.53 25.32 7.03
CA ASP B 388 -22.75 26.58 7.22
C ASP B 388 -21.55 26.55 6.26
N ARG B 389 -20.78 25.47 6.27
CA ARG B 389 -19.59 25.32 5.41
C ARG B 389 -19.99 25.34 3.93
N PHE B 390 -21.05 24.63 3.57
CA PHE B 390 -21.59 24.63 2.19
C PHE B 390 -21.89 26.06 1.73
N ARG B 391 -22.64 26.84 2.51
CA ARG B 391 -23.07 28.20 2.11
C ARG B 391 -21.83 29.06 1.89
N GLN B 392 -20.84 28.97 2.78
CA GLN B 392 -19.58 29.76 2.69
C GLN B 392 -18.77 29.34 1.47
N THR B 393 -18.58 28.04 1.24
CA THR B 393 -17.71 27.56 0.14
C THR B 393 -18.41 27.87 -1.19
N GLU B 394 -19.74 27.72 -1.27
CA GLU B 394 -20.53 28.07 -2.48
C GLU B 394 -20.38 29.56 -2.81
N ARG B 395 -20.51 30.43 -1.80
CA ARG B 395 -20.36 31.90 -1.98
C ARG B 395 -18.94 32.20 -2.49
N GLN B 396 -17.90 31.69 -1.84
CA GLN B 396 -16.48 31.94 -2.21
C GLN B 396 -16.23 31.44 -3.66
N TRP B 397 -16.77 30.29 -4.05
CA TRP B 397 -16.73 29.74 -5.44
C TRP B 397 -17.29 30.77 -6.43
N LYS B 398 -18.52 31.25 -6.21
CA LYS B 398 -19.18 32.24 -7.09
C LYS B 398 -18.31 33.51 -7.16
N GLU B 399 -17.85 34.03 -6.02
CA GLU B 399 -16.97 35.22 -5.96
C GLU B 399 -15.74 34.99 -6.85
N ASP B 400 -15.01 33.89 -6.64
CA ASP B 400 -13.75 33.58 -7.40
C ASP B 400 -14.03 33.43 -8.90
N ARG B 401 -15.24 33.03 -9.29
CA ARG B 401 -15.61 32.75 -10.72
C ARG B 401 -16.15 34.02 -11.37
N ASP B 402 -16.44 35.07 -10.59
CA ASP B 402 -17.19 36.27 -11.04
C ASP B 402 -16.45 36.90 -12.22
N GLY B 403 -17.13 37.10 -13.33
CA GLY B 403 -16.51 37.72 -14.53
C GLY B 403 -15.36 36.92 -15.14
N LYS B 404 -15.22 35.63 -14.86
CA LYS B 404 -14.34 34.78 -15.69
C LYS B 404 -15.09 34.31 -16.94
N SER B 405 -14.37 34.12 -18.03
CA SER B 405 -14.90 33.61 -19.33
C SER B 405 -15.29 32.13 -19.21
N HIS B 406 -16.39 31.75 -19.86
CA HIS B 406 -16.81 30.35 -20.08
C HIS B 406 -16.19 29.80 -21.38
N LEU B 407 -15.56 30.65 -22.19
CA LEU B 407 -15.18 30.31 -23.59
C LEU B 407 -13.66 30.13 -23.73
N ALA B 408 -12.87 30.78 -22.89
CA ALA B 408 -11.40 30.82 -23.05
C ALA B 408 -10.78 30.83 -21.65
N VAL B 409 -9.54 30.34 -21.56
CA VAL B 409 -8.83 30.22 -20.26
C VAL B 409 -8.30 31.60 -19.83
N GLU B 410 -8.09 31.74 -18.54
CA GLU B 410 -7.58 32.99 -17.92
C GLU B 410 -6.11 33.22 -18.28
N GLU B 411 -5.65 34.45 -18.12
CA GLU B 411 -4.32 34.97 -18.53
C GLU B 411 -3.20 34.15 -17.88
N ASN B 412 -3.40 33.65 -16.66
CA ASN B 412 -2.30 32.97 -15.93
C ASN B 412 -1.78 31.78 -16.77
N TRP B 413 -2.63 31.17 -17.58
CA TRP B 413 -2.23 30.00 -18.41
C TRP B 413 -1.04 30.36 -19.30
N TYR B 414 -1.08 31.56 -19.89
CA TYR B 414 -0.04 32.02 -20.85
C TYR B 414 1.25 32.37 -20.10
N LYS B 415 1.17 32.66 -18.80
CA LYS B 415 2.37 32.86 -17.94
C LYS B 415 3.02 31.51 -17.59
N VAL B 416 2.28 30.42 -17.39
CA VAL B 416 2.90 29.18 -16.84
C VAL B 416 3.28 28.25 -17.98
N LEU B 417 2.55 28.27 -19.09
CA LEU B 417 2.74 27.28 -20.20
C LEU B 417 3.50 27.98 -21.33
N LYS B 418 4.77 27.65 -21.56
CA LYS B 418 5.60 28.43 -22.52
C LYS B 418 5.14 28.11 -23.95
N PRO B 419 5.29 29.09 -24.87
CA PRO B 419 4.97 28.89 -26.27
C PRO B 419 6.01 28.02 -26.98
N ILE B 420 5.75 27.70 -28.25
CA ILE B 420 6.74 27.05 -29.17
C ILE B 420 7.06 28.04 -30.30
N THR C 3 40.61 20.42 18.47
CA THR C 3 39.33 21.19 18.32
C THR C 3 39.32 22.27 19.42
N GLU C 4 38.49 23.32 19.29
CA GLU C 4 38.40 24.41 20.32
C GLU C 4 38.06 23.76 21.68
N LYS C 5 37.08 22.84 21.73
CA LYS C 5 36.39 22.47 22.99
C LYS C 5 36.61 20.99 23.37
N PHE C 6 37.23 20.15 22.52
CA PHE C 6 37.24 18.68 22.64
C PHE C 6 38.64 18.09 22.61
N THR C 7 38.84 17.00 23.37
CA THR C 7 39.85 15.94 23.16
C THR C 7 39.41 15.07 21.98
N ILE C 8 40.34 14.71 21.11
CA ILE C 8 40.10 13.83 19.93
C ILE C 8 40.81 12.51 20.16
N THR C 9 40.09 11.41 20.08
CA THR C 9 40.67 10.05 20.06
C THR C 9 40.34 9.42 18.69
N GLU C 10 41.36 8.88 18.00
CA GLU C 10 41.19 8.22 16.69
C GLU C 10 41.06 6.72 16.92
N HIS C 11 40.23 6.05 16.12
CA HIS C 11 40.05 4.59 16.18
C HIS C 11 39.98 4.07 14.75
N LEU C 12 40.38 2.81 14.58
CA LEU C 12 40.18 2.09 13.31
C LEU C 12 39.45 0.81 13.69
N VAL C 13 38.17 0.68 13.31
CA VAL C 13 37.30 -0.44 13.77
C VAL C 13 36.84 -1.23 12.56
N PRO C 14 36.81 -2.58 12.66
CA PRO C 14 36.33 -3.40 11.55
C PRO C 14 34.85 -3.14 11.29
N GLY C 15 34.47 -3.06 10.03
CA GLY C 15 33.07 -2.94 9.60
C GLY C 15 32.43 -4.30 9.35
N SER C 16 31.22 -4.23 8.79
CA SER C 16 30.26 -5.32 8.62
C SER C 16 30.82 -6.36 7.62
N HIS C 17 30.77 -7.62 8.02
CA HIS C 17 31.14 -8.81 7.23
C HIS C 17 30.09 -9.04 6.14
N ILE C 18 30.57 -9.12 4.90
CA ILE C 18 29.79 -9.31 3.65
C ILE C 18 29.09 -8.01 3.31
N ARG C 19 29.54 -7.39 2.22
CA ARG C 19 29.03 -6.08 1.79
C ARG C 19 27.75 -6.34 0.99
N GLU C 20 26.87 -5.35 0.96
CA GLU C 20 25.56 -5.45 0.25
C GLU C 20 25.77 -5.73 -1.23
N TYR C 21 26.77 -5.13 -1.87
CA TYR C 21 27.09 -5.39 -3.30
C TYR C 21 28.42 -6.13 -3.34
N PRO C 22 28.50 -7.25 -4.09
CA PRO C 22 29.71 -8.05 -4.12
C PRO C 22 30.90 -7.28 -4.73
N GLY C 23 30.66 -6.34 -5.65
CA GLY C 23 31.75 -5.60 -6.31
C GLY C 23 32.22 -4.40 -5.50
N SER C 24 31.81 -4.28 -4.24
CA SER C 24 32.23 -3.10 -3.42
C SER C 24 33.65 -3.33 -2.88
N THR C 25 34.18 -4.56 -2.97
CA THR C 25 35.54 -4.90 -2.49
C THR C 25 36.19 -5.86 -3.48
N VAL C 26 37.51 -6.04 -3.36
CA VAL C 26 38.27 -6.97 -4.24
C VAL C 26 37.81 -8.40 -3.97
N ASN C 27 37.70 -8.79 -2.69
CA ASN C 27 37.26 -10.15 -2.28
C ASN C 27 36.05 -9.99 -1.36
N GLN C 28 35.05 -10.85 -1.52
CA GLN C 28 33.74 -10.66 -0.82
C GLN C 28 33.88 -10.76 0.71
N GLU C 29 34.91 -11.45 1.23
CA GLU C 29 35.13 -11.57 2.69
C GLU C 29 36.09 -10.50 3.23
N ASP C 30 36.51 -9.54 2.41
CA ASP C 30 37.46 -8.49 2.86
C ASP C 30 36.90 -7.82 4.11
N VAL C 31 37.79 -7.50 5.04
CA VAL C 31 37.46 -6.76 6.27
C VAL C 31 37.77 -5.28 6.01
N LEU C 32 36.74 -4.48 5.74
CA LEU C 32 36.93 -3.01 5.64
C LEU C 32 36.96 -2.47 7.06
N LYS C 33 37.74 -1.41 7.26
CA LYS C 33 37.78 -0.70 8.56
C LYS C 33 37.21 0.69 8.37
N ILE C 34 36.67 1.24 9.45
CA ILE C 34 36.22 2.65 9.45
C ILE C 34 37.09 3.44 10.43
N HIS C 35 37.56 4.57 9.94
CA HIS C 35 38.36 5.53 10.72
C HIS C 35 37.35 6.43 11.43
N VAL C 36 37.43 6.45 12.75
CA VAL C 36 36.46 7.15 13.63
C VAL C 36 37.24 8.20 14.40
N LYS C 37 36.66 9.37 14.55
CA LYS C 37 37.12 10.34 15.56
C LYS C 37 36.04 10.45 16.63
N GLN C 38 36.49 10.34 17.88
CA GLN C 38 35.69 10.48 19.10
C GLN C 38 36.06 11.82 19.72
N TYR C 39 35.07 12.68 19.89
CA TYR C 39 35.25 14.08 20.39
C TYR C 39 34.67 14.14 21.80
N THR C 40 35.53 14.26 22.81
CA THR C 40 35.11 14.27 24.23
C THR C 40 35.29 15.69 24.75
N PRO C 41 34.24 16.37 25.22
CA PRO C 41 34.40 17.71 25.76
C PRO C 41 35.47 17.76 26.86
N LYS C 42 36.38 18.75 26.79
CA LYS C 42 37.26 19.10 27.93
C LYS C 42 36.34 19.56 29.07
N ARG C 43 36.39 18.92 30.23
CA ARG C 43 35.44 19.16 31.33
C ARG C 43 36.13 18.98 32.68
N GLU C 44 35.89 19.91 33.63
CA GLU C 44 36.41 19.83 35.01
C GLU C 44 35.60 18.78 35.78
N GLY C 45 34.28 18.98 35.89
CA GLY C 45 33.41 18.10 36.69
C GLY C 45 33.29 16.70 36.08
N PRO C 46 32.66 15.74 36.78
CA PRO C 46 32.28 14.48 36.15
C PRO C 46 31.21 14.71 35.07
N VAL C 47 31.03 13.73 34.20
CA VAL C 47 30.07 13.79 33.06
C VAL C 47 28.65 13.64 33.61
N PRO C 48 27.78 14.64 33.43
CA PRO C 48 26.40 14.51 33.92
C PRO C 48 25.68 13.26 33.41
N ASP C 49 24.77 12.73 34.25
CA ASP C 49 23.80 11.69 33.87
C ASP C 49 23.05 12.24 32.67
N ASP C 50 22.72 11.38 31.72
CA ASP C 50 21.84 11.72 30.57
C ASP C 50 22.64 12.55 29.56
N ALA C 51 23.95 12.71 29.71
CA ALA C 51 24.78 13.34 28.65
C ALA C 51 24.64 12.50 27.36
N ILE C 52 24.57 13.18 26.22
CA ILE C 52 24.20 12.56 24.91
C ILE C 52 25.45 12.00 24.25
N THR C 53 25.34 10.79 23.73
CA THR C 53 26.29 10.22 22.74
C THR C 53 25.75 10.52 21.34
N PHE C 54 26.49 11.31 20.55
CA PHE C 54 26.09 11.64 19.16
C PHE C 54 26.84 10.70 18.22
N ILE C 55 26.10 10.10 17.29
CA ILE C 55 26.63 9.27 16.17
C ILE C 55 26.36 10.07 14.91
N ALA C 56 27.40 10.50 14.22
CA ALA C 56 27.29 11.45 13.09
C ALA C 56 27.83 10.80 11.80
N THR C 57 27.21 11.12 10.68
CA THR C 57 27.58 10.66 9.33
C THR C 57 27.67 11.83 8.37
N HIS C 58 28.62 11.76 7.45
CA HIS C 58 29.01 12.89 6.56
C HIS C 58 28.34 12.71 5.19
N GLY C 59 28.49 13.73 4.33
CA GLY C 59 28.06 13.68 2.94
C GLY C 59 29.13 13.04 2.07
N VAL C 60 28.78 12.70 0.84
CA VAL C 60 29.69 11.99 -0.09
C VAL C 60 30.97 12.81 -0.25
N GLY C 61 32.12 12.20 0.04
CA GLY C 61 33.41 12.81 -0.23
C GLY C 61 33.75 13.96 0.71
N LEU C 62 32.97 14.15 1.78
CA LEU C 62 33.18 15.28 2.73
C LEU C 62 33.87 14.72 3.95
N PRO C 63 35.15 15.08 4.18
CA PRO C 63 35.90 14.55 5.31
C PRO C 63 35.21 14.84 6.64
N LYS C 64 35.27 13.87 7.57
CA LYS C 64 34.60 14.01 8.88
C LYS C 64 35.15 15.26 9.57
N GLU C 65 36.42 15.62 9.35
CA GLU C 65 37.07 16.76 10.02
C GLU C 65 36.36 18.07 9.67
N LEU C 66 35.70 18.15 8.51
CA LEU C 66 34.96 19.38 8.13
C LEU C 66 33.85 19.69 9.15
N TYR C 67 33.37 18.71 9.91
CA TYR C 67 32.21 18.87 10.82
C TYR C 67 32.68 19.37 12.19
N GLU C 68 33.98 19.51 12.39
CA GLU C 68 34.54 19.86 13.72
C GLU C 68 34.04 21.23 14.17
N PRO C 69 33.98 22.28 13.32
CA PRO C 69 33.43 23.57 13.77
C PRO C 69 31.97 23.43 14.23
N LEU C 70 31.18 22.62 13.52
CA LEU C 70 29.78 22.36 13.94
C LEU C 70 29.79 21.73 15.34
N TRP C 71 30.69 20.79 15.62
CA TRP C 71 30.77 20.15 16.95
C TRP C 71 31.08 21.23 18.00
N ASP C 72 32.04 22.12 17.70
CA ASP C 72 32.43 23.22 18.61
C ASP C 72 31.22 24.09 18.90
N GLU C 73 30.44 24.43 17.88
CA GLU C 73 29.22 25.28 18.03
C GLU C 73 28.16 24.54 18.83
N LEU C 74 27.96 23.24 18.60
CA LEU C 74 26.96 22.45 19.39
C LEU C 74 27.32 22.55 20.88
N LEU C 75 28.61 22.38 21.19
CA LEU C 75 29.04 22.40 22.61
C LEU C 75 28.90 23.83 23.15
N ASP C 76 29.40 24.82 22.43
CA ASP C 76 29.39 26.23 22.86
C ASP C 76 27.96 26.71 23.12
N GLN C 77 26.98 26.31 22.31
CA GLN C 77 25.59 26.80 22.37
C GLN C 77 24.69 25.81 23.15
N ALA C 78 25.21 24.69 23.65
CA ALA C 78 24.40 23.66 24.32
C ALA C 78 23.62 24.31 25.46
N SER C 79 22.33 24.05 25.53
CA SER C 79 21.42 24.52 26.62
C SER C 79 20.36 23.46 26.87
N GLY C 80 20.27 22.94 28.09
CA GLY C 80 19.29 21.90 28.47
C GLY C 80 19.76 20.49 28.09
N PHE C 81 21.04 20.31 27.71
CA PHE C 81 21.62 18.96 27.47
C PHE C 81 23.12 19.06 27.63
N HIS C 82 23.76 17.92 27.85
CA HIS C 82 25.23 17.77 27.89
C HIS C 82 25.65 16.80 26.80
N ILE C 83 26.91 16.94 26.40
CA ILE C 83 27.52 16.09 25.35
C ILE C 83 28.46 15.16 26.08
N ARG C 84 28.21 13.85 26.01
CA ARG C 84 29.18 12.86 26.51
C ARG C 84 30.30 12.79 25.48
N ALA C 85 29.94 12.59 24.22
CA ALA C 85 30.93 12.60 23.11
C ALA C 85 30.22 12.56 21.78
N ILE C 86 30.93 13.02 20.76
CA ILE C 86 30.48 12.96 19.36
C ILE C 86 31.41 11.98 18.67
N TRP C 87 30.82 11.03 17.96
CA TRP C 87 31.56 10.00 17.19
C TRP C 87 31.17 10.16 15.73
N MET C 88 32.15 10.40 14.88
CA MET C 88 31.97 10.43 13.43
C MET C 88 33.01 9.52 12.76
N ALA C 89 32.51 8.60 11.96
CA ALA C 89 33.34 7.72 11.12
C ALA C 89 33.29 8.19 9.66
N ASP C 90 34.44 8.06 8.99
CA ASP C 90 34.49 8.09 7.52
C ASP C 90 33.90 6.80 6.95
N VAL C 91 32.96 6.93 6.02
CA VAL C 91 32.44 5.79 5.25
C VAL C 91 33.64 5.03 4.65
N ALA C 92 33.53 3.70 4.61
CA ALA C 92 34.66 2.78 4.32
C ALA C 92 35.38 3.16 3.01
N SER C 93 34.66 3.68 2.01
CA SER C 93 35.19 3.92 0.65
C SER C 93 35.68 5.37 0.47
N MET C 94 35.67 6.19 1.52
CA MET C 94 35.88 7.66 1.41
C MET C 94 36.86 8.15 2.47
N ASN C 95 37.49 9.31 2.17
CA ASN C 95 38.19 10.12 3.21
C ASN C 95 39.31 9.23 3.82
N GLN C 96 39.49 9.22 5.13
CA GLN C 96 40.61 8.46 5.76
C GLN C 96 40.36 6.95 5.70
N SER C 97 39.11 6.50 5.84
CA SER C 97 38.75 5.06 5.76
C SER C 97 39.21 4.53 4.40
N GLY C 98 38.94 5.27 3.32
CA GLY C 98 39.25 4.84 1.95
C GLY C 98 40.76 4.62 1.78
N ILE C 99 41.55 5.46 2.44
CA ILE C 99 43.03 5.32 2.42
C ILE C 99 43.39 4.01 3.11
N HIS C 100 42.89 3.79 4.32
CA HIS C 100 43.19 2.52 5.06
C HIS C 100 42.73 1.33 4.22
N ASN C 101 41.60 1.42 3.51
CA ASN C 101 41.00 0.27 2.76
C ASN C 101 41.42 0.24 1.28
N GLU C 102 42.40 1.04 0.85
CA GLU C 102 42.62 1.35 -0.59
C GLU C 102 42.95 0.09 -1.40
N ASP C 103 43.55 -0.93 -0.79
CA ASP C 103 43.91 -2.18 -1.52
C ASP C 103 42.74 -3.16 -1.48
N LYS C 104 41.63 -2.84 -0.79
CA LYS C 104 40.44 -3.75 -0.73
C LYS C 104 39.22 -3.19 -1.44
N LEU C 105 39.18 -1.89 -1.72
CA LEU C 105 37.98 -1.22 -2.31
C LEU C 105 37.87 -1.62 -3.77
N SER C 106 36.63 -1.59 -4.28
CA SER C 106 36.34 -1.81 -5.70
C SER C 106 35.15 -0.92 -6.09
N MET C 107 34.69 -1.02 -7.33
CA MET C 107 33.83 0.00 -7.95
C MET C 107 32.34 -0.30 -7.70
N ASP C 108 31.94 -0.35 -6.43
CA ASP C 108 30.51 -0.35 -6.04
C ASP C 108 30.43 0.19 -4.60
N CYS C 109 29.22 0.46 -4.15
CA CYS C 109 28.93 1.12 -2.87
C CYS C 109 27.45 0.98 -2.58
N SER C 110 27.11 0.38 -1.43
CA SER C 110 25.75 0.43 -0.85
C SER C 110 25.78 1.34 0.37
N TRP C 111 24.86 2.29 0.46
CA TRP C 111 24.80 3.14 1.66
C TRP C 111 24.42 2.30 2.89
N MET C 112 23.74 1.17 2.68
CA MET C 112 23.24 0.33 3.81
C MET C 112 24.44 -0.22 4.61
N ASP C 113 25.60 -0.44 3.96
CA ASP C 113 26.78 -1.03 4.65
C ASP C 113 27.22 -0.11 5.78
N HIS C 114 27.25 1.20 5.58
CA HIS C 114 27.70 2.12 6.64
C HIS C 114 26.75 2.07 7.84
N ALA C 115 25.45 1.81 7.62
CA ALA C 115 24.50 1.62 8.74
C ALA C 115 24.94 0.41 9.58
N ARG C 116 25.29 -0.70 8.94
CA ARG C 116 25.77 -1.91 9.63
C ARG C 116 27.13 -1.64 10.30
N ASP C 117 28.03 -0.93 9.60
CA ASP C 117 29.35 -0.56 10.14
C ASP C 117 29.16 0.23 11.43
N LEU C 118 28.22 1.19 11.45
CA LEU C 118 27.97 2.02 12.64
C LEU C 118 27.36 1.17 13.76
N LEU C 119 26.47 0.23 13.41
CA LEU C 119 25.88 -0.63 14.47
C LEU C 119 27.02 -1.41 15.17
N LEU C 120 27.95 -1.98 14.38
CA LEU C 120 29.13 -2.70 14.95
C LEU C 120 29.97 -1.77 15.82
N MET C 121 30.27 -0.56 15.32
CA MET C 121 31.06 0.46 16.07
C MET C 121 30.42 0.73 17.44
N ILE C 122 29.11 0.94 17.48
CA ILE C 122 28.38 1.27 18.74
C ILE C 122 28.49 0.10 19.71
N ASN C 123 28.37 -1.14 19.21
CA ASN C 123 28.49 -2.33 20.08
C ASN C 123 29.94 -2.45 20.61
N HIS C 124 30.92 -2.12 19.77
CA HIS C 124 32.35 -2.14 20.15
C HIS C 124 32.57 -1.15 21.30
N PHE C 125 32.01 0.05 21.22
CA PHE C 125 32.25 1.14 22.18
C PHE C 125 31.07 1.27 23.15
N ARG C 126 30.31 0.21 23.38
CA ARG C 126 29.07 0.30 24.15
C ARG C 126 29.31 0.87 25.55
N ASP C 127 30.42 0.52 26.21
CA ASP C 127 30.72 0.96 27.61
C ASP C 127 30.83 2.49 27.67
N GLN C 128 31.16 3.17 26.56
CA GLN C 128 31.31 4.64 26.49
C GLN C 128 30.04 5.29 25.89
N MET C 129 29.01 4.49 25.58
CA MET C 129 27.81 4.95 24.85
C MET C 129 26.52 4.49 25.55
N PRO C 130 26.30 4.88 26.82
CA PRO C 130 25.01 4.62 27.47
C PRO C 130 23.94 5.52 26.82
N ARG C 131 22.67 5.22 27.04
CA ARG C 131 21.56 6.09 26.59
C ARG C 131 21.73 7.44 27.28
N PRO C 132 21.30 8.56 26.68
CA PRO C 132 20.74 8.57 25.34
C PRO C 132 21.76 8.71 24.19
N LEU C 133 21.48 8.06 23.07
CA LEU C 133 22.20 8.26 21.78
C LEU C 133 21.31 9.10 20.86
N VAL C 134 21.93 9.96 20.08
CA VAL C 134 21.28 10.83 19.07
C VAL C 134 22.08 10.69 17.78
N GLY C 135 21.37 10.53 16.66
CA GLY C 135 21.96 10.43 15.34
C GLY C 135 21.97 11.76 14.64
N ILE C 136 23.06 12.08 13.93
CA ILE C 136 23.17 13.28 13.05
C ILE C 136 23.65 12.79 11.69
N GLY C 137 22.94 13.12 10.61
CA GLY C 137 23.36 12.73 9.26
C GLY C 137 23.16 13.87 8.30
N HIS C 138 24.24 14.19 7.58
CA HIS C 138 24.26 15.17 6.47
C HIS C 138 24.18 14.42 5.14
N ALA C 139 23.22 14.79 4.28
CA ALA C 139 23.15 14.38 2.87
C ALA C 139 22.99 12.88 2.82
N PHE C 140 23.83 12.11 2.11
CA PHE C 140 23.63 10.64 2.10
C PHE C 140 23.82 10.10 3.52
N GLY C 141 24.58 10.80 4.37
CA GLY C 141 24.67 10.47 5.80
C GLY C 141 23.30 10.53 6.48
N GLY C 142 22.43 11.46 6.06
CA GLY C 142 21.05 11.55 6.56
C GLY C 142 20.25 10.29 6.24
N ASN C 143 20.43 9.79 5.02
CA ASN C 143 19.84 8.51 4.59
C ASN C 143 20.39 7.37 5.47
N ILE C 144 21.70 7.32 5.62
CA ILE C 144 22.38 6.23 6.36
C ILE C 144 21.88 6.19 7.81
N ILE C 145 21.86 7.32 8.50
CA ILE C 145 21.53 7.32 9.95
C ILE C 145 20.07 6.89 10.08
N THR C 146 19.21 7.25 9.13
CA THR C 146 17.79 6.81 9.14
C THR C 146 17.75 5.27 9.01
N ASN C 147 18.53 4.70 8.08
CA ASN C 147 18.56 3.23 7.91
C ASN C 147 19.11 2.54 9.18
N LEU C 148 20.06 3.16 9.87
CA LEU C 148 20.53 2.65 11.18
C LEU C 148 19.34 2.62 12.16
N ALA C 149 18.49 3.66 12.18
CA ALA C 149 17.29 3.69 13.05
C ALA C 149 16.33 2.59 12.64
N TYR C 150 16.24 2.25 11.35
CA TYR C 150 15.43 1.10 10.86
C TYR C 150 16.02 -0.22 11.39
N LEU C 151 17.34 -0.33 11.42
CA LEU C 151 18.04 -1.57 11.89
C LEU C 151 17.79 -1.75 13.39
N HIS C 152 17.65 -0.65 14.14
CA HIS C 152 17.62 -0.68 15.62
C HIS C 152 16.72 0.46 16.12
N PRO C 153 15.38 0.28 16.05
CA PRO C 153 14.42 1.36 16.30
C PRO C 153 14.60 2.15 17.59
N ARG C 154 14.96 1.47 18.70
CA ARG C 154 15.04 2.13 20.02
C ARG C 154 16.46 2.63 20.29
N LEU C 155 17.40 2.45 19.37
CA LEU C 155 18.81 2.88 19.59
C LEU C 155 18.89 4.40 19.84
N PHE C 156 18.28 5.20 18.98
CA PHE C 156 18.38 6.68 19.02
C PHE C 156 17.13 7.26 19.68
N THR C 157 17.35 8.22 20.56
CA THR C 157 16.30 9.05 21.20
C THR C 157 15.73 9.97 20.13
N THR C 158 16.56 10.49 19.24
CA THR C 158 16.13 11.44 18.19
C THR C 158 17.18 11.44 17.09
N LEU C 159 16.78 11.93 15.93
CA LEU C 159 17.67 12.12 14.78
C LEU C 159 17.65 13.57 14.36
N LEU C 160 18.79 14.08 13.93
CA LEU C 160 19.00 15.41 13.31
C LEU C 160 19.43 15.14 11.86
N LEU C 161 18.57 15.40 10.89
CA LEU C 161 18.88 15.17 9.46
C LEU C 161 19.18 16.52 8.82
N LEU C 162 20.37 16.66 8.26
CA LEU C 162 20.84 17.89 7.58
C LEU C 162 20.84 17.66 6.08
N ASP C 163 19.86 18.23 5.39
CA ASP C 163 19.65 18.07 3.92
C ASP C 163 19.80 16.59 3.56
N PRO C 164 18.96 15.72 4.14
CA PRO C 164 19.06 14.28 3.93
C PRO C 164 18.66 13.85 2.52
N LEU C 165 19.39 12.90 1.96
CA LEU C 165 19.07 12.35 0.62
C LEU C 165 18.04 11.22 0.83
N ILE C 166 16.80 11.65 1.02
CA ILE C 166 15.59 10.80 1.17
C ILE C 166 14.52 11.41 0.29
N GLN C 167 14.24 10.76 -0.84
CA GLN C 167 13.28 11.26 -1.84
C GLN C 167 12.92 10.07 -2.75
N LEU C 168 11.98 10.28 -3.69
CA LEU C 168 11.50 9.22 -4.60
C LEU C 168 12.18 9.32 -5.96
N SER C 169 12.37 10.53 -6.48
CA SER C 169 12.74 10.77 -7.91
C SER C 169 14.22 10.53 -8.12
N PRO C 170 14.59 9.91 -9.25
CA PRO C 170 15.99 9.81 -9.66
C PRO C 170 16.55 11.21 -9.78
N PRO C 171 17.88 11.38 -9.63
CA PRO C 171 18.50 12.66 -9.92
C PRO C 171 18.47 12.95 -11.42
N SER C 172 18.62 14.23 -11.77
CA SER C 172 18.99 14.65 -13.14
C SER C 172 20.38 14.09 -13.46
N LEU C 173 20.53 13.52 -14.65
CA LEU C 173 21.75 12.85 -15.12
C LEU C 173 22.06 13.27 -16.58
N GLY C 174 21.45 14.35 -17.06
CA GLY C 174 21.66 14.83 -18.44
C GLY C 174 21.07 13.93 -19.51
N PHE C 175 20.14 13.04 -19.17
CA PHE C 175 19.41 12.24 -20.20
C PHE C 175 18.43 13.15 -20.95
N GLY C 176 18.29 12.94 -22.26
CA GLY C 176 17.41 13.73 -23.15
C GLY C 176 17.68 15.21 -22.98
N THR C 177 16.69 16.00 -22.56
CA THR C 177 16.80 17.48 -22.43
C THR C 177 17.32 17.87 -21.05
N ASP C 178 17.45 16.93 -20.11
CA ASP C 178 17.80 17.24 -18.71
C ASP C 178 19.19 17.86 -18.66
N ALA C 179 19.37 18.81 -17.76
CA ALA C 179 20.68 19.41 -17.45
C ALA C 179 21.57 18.33 -16.82
N PRO C 180 22.86 18.25 -17.21
CA PRO C 180 23.83 17.46 -16.44
C PRO C 180 23.92 18.02 -15.02
N SER C 181 24.08 17.15 -14.03
CA SER C 181 24.08 17.47 -12.58
C SER C 181 25.49 17.32 -12.00
N ALA C 182 25.62 17.48 -10.68
CA ALA C 182 26.86 17.20 -9.91
C ALA C 182 27.34 15.78 -10.22
N ILE C 183 26.45 14.87 -10.61
CA ILE C 183 26.84 13.46 -10.88
C ILE C 183 27.63 13.41 -12.20
N ASN C 184 27.12 14.00 -13.26
CA ASN C 184 27.86 14.15 -14.53
C ASN C 184 29.22 14.81 -14.25
N TYR C 185 29.21 15.86 -13.46
CA TYR C 185 30.42 16.62 -13.09
C TYR C 185 31.41 15.65 -12.46
N THR C 186 30.93 14.77 -11.56
CA THR C 186 31.81 13.89 -10.75
C THR C 186 32.57 12.93 -11.66
N LEU C 187 31.91 12.36 -12.67
CA LEU C 187 32.57 11.37 -13.55
C LEU C 187 33.71 12.07 -14.32
N TRP C 188 33.46 13.25 -14.84
CA TRP C 188 34.31 13.91 -15.87
C TRP C 188 35.33 14.87 -15.23
N ARG C 189 35.24 15.16 -13.93
CA ARG C 189 35.99 16.28 -13.30
C ARG C 189 37.49 15.98 -13.32
N ASP C 190 38.30 17.02 -13.37
CA ASP C 190 39.76 16.93 -13.10
C ASP C 190 39.94 16.25 -11.74
N ASP C 191 40.89 15.35 -11.61
CA ASP C 191 41.12 14.69 -10.31
C ASP C 191 42.60 14.64 -9.95
N VAL C 192 43.46 15.36 -10.68
CA VAL C 192 44.91 15.40 -10.35
C VAL C 192 45.46 16.76 -10.79
N TRP C 193 46.38 17.29 -10.00
CA TRP C 193 46.95 18.64 -10.16
C TRP C 193 48.46 18.55 -9.93
N PRO C 194 49.26 19.41 -10.60
CA PRO C 194 50.73 19.36 -10.41
C PRO C 194 51.18 19.70 -8.98
N SER C 195 50.35 20.40 -8.20
CA SER C 195 50.70 20.79 -6.82
C SER C 195 49.42 21.00 -6.00
N ARG C 196 49.55 21.01 -4.67
CA ARG C 196 48.41 21.30 -3.75
C ARG C 196 47.95 22.72 -4.00
N GLU C 197 48.88 23.65 -4.23
CA GLU C 197 48.52 25.08 -4.42
C GLU C 197 47.62 25.19 -5.66
N VAL C 198 47.92 24.47 -6.73
CA VAL C 198 47.09 24.51 -7.97
C VAL C 198 45.75 23.84 -7.69
N ALA C 199 45.73 22.70 -6.99
CA ALA C 199 44.48 21.97 -6.65
C ALA C 199 43.55 22.93 -5.88
N ILE C 200 44.08 23.64 -4.91
CA ILE C 200 43.27 24.56 -4.04
C ILE C 200 42.66 25.64 -4.96
N ARG C 201 43.46 26.30 -5.80
CA ARG C 201 42.95 27.36 -6.71
C ARG C 201 41.85 26.79 -7.62
N ALA C 202 42.06 25.60 -8.19
CA ALA C 202 41.11 24.98 -9.13
C ALA C 202 39.81 24.62 -8.41
N ASN C 203 39.80 24.51 -7.08
CA ASN C 203 38.61 24.06 -6.32
C ASN C 203 38.05 25.21 -5.47
N ARG C 204 38.29 26.46 -5.86
CA ARG C 204 37.74 27.69 -5.24
C ARG C 204 36.21 27.61 -5.04
N ALA C 205 35.50 27.06 -6.04
CA ALA C 205 34.03 26.98 -6.08
C ALA C 205 33.50 26.25 -4.84
N ILE C 206 34.06 25.08 -4.49
CA ILE C 206 33.54 24.23 -3.39
C ILE C 206 33.84 24.92 -2.05
N MET C 207 34.79 25.86 -2.00
CA MET C 207 35.25 26.47 -0.73
C MET C 207 34.65 27.87 -0.55
N GLN C 208 33.96 28.41 -1.55
CA GLN C 208 33.37 29.76 -1.45
C GLN C 208 32.24 29.71 -0.40
N GLY C 209 32.23 30.68 0.50
CA GLY C 209 31.25 30.77 1.61
C GLY C 209 31.61 29.88 2.78
N MET C 210 32.61 28.99 2.69
CA MET C 210 32.97 28.09 3.81
C MET C 210 33.47 28.93 4.98
N ASP C 211 33.04 28.58 6.18
CA ASP C 211 33.60 29.08 7.44
C ASP C 211 35.12 28.95 7.38
N PRO C 212 35.90 29.96 7.82
CA PRO C 212 37.36 29.87 7.78
C PRO C 212 37.92 28.61 8.48
N ARG C 213 37.27 28.16 9.57
CA ARG C 213 37.70 26.94 10.31
C ARG C 213 37.59 25.70 9.38
N CYS C 214 36.63 25.68 8.46
CA CYS C 214 36.44 24.56 7.50
C CYS C 214 37.50 24.61 6.40
N LEU C 215 37.92 25.81 5.98
CA LEU C 215 38.87 26.01 4.85
C LEU C 215 40.15 25.19 5.07
N ASP C 216 40.80 25.35 6.22
CA ASP C 216 42.07 24.69 6.55
C ASP C 216 41.88 23.18 6.50
N ARG C 217 40.77 22.68 7.03
CA ARG C 217 40.49 21.22 7.05
C ARG C 217 40.28 20.74 5.60
N MET C 218 39.60 21.54 4.78
CA MET C 218 39.37 21.18 3.37
C MET C 218 40.72 21.07 2.64
N THR C 219 41.60 22.06 2.76
CA THR C 219 42.87 22.06 1.97
C THR C 219 43.77 20.91 2.44
N LYS C 220 43.66 20.50 3.71
CA LYS C 220 44.50 19.39 4.23
C LYS C 220 43.89 18.03 3.81
N HIS C 221 42.57 17.85 3.91
CA HIS C 221 41.97 16.49 3.81
C HIS C 221 41.39 16.21 2.42
N PHE C 222 40.98 17.21 1.66
CA PHE C 222 40.30 16.96 0.36
C PHE C 222 41.30 16.46 -0.70
N PHE C 223 42.58 16.76 -0.53
CA PHE C 223 43.65 16.41 -1.51
C PHE C 223 44.69 15.54 -0.80
N ARG C 224 45.25 14.61 -1.58
CA ARG C 224 46.26 13.63 -1.12
C ARG C 224 47.47 13.68 -2.08
N ASP C 225 48.68 13.68 -1.53
CA ASP C 225 49.92 13.62 -2.33
C ASP C 225 49.98 12.28 -3.08
N LEU C 226 50.40 12.30 -4.32
CA LEU C 226 50.78 11.07 -5.06
C LEU C 226 51.99 10.51 -4.31
N PRO C 227 52.28 9.20 -4.40
CA PRO C 227 51.47 8.25 -5.15
C PRO C 227 50.25 7.71 -4.37
N THR C 228 49.21 7.36 -5.12
CA THR C 228 48.01 6.64 -4.63
C THR C 228 47.83 5.46 -5.56
N PRO C 229 46.99 4.45 -5.23
CA PRO C 229 46.72 3.36 -6.17
C PRO C 229 46.23 3.85 -7.55
N LEU C 230 45.41 4.90 -7.62
CA LEU C 230 44.90 5.39 -8.93
C LEU C 230 46.03 6.11 -9.69
N TYR C 231 46.94 6.77 -8.97
CA TYR C 231 48.07 7.56 -9.54
C TYR C 231 49.34 7.10 -8.85
N PRO C 232 49.85 5.89 -9.20
CA PRO C 232 50.95 5.28 -8.46
C PRO C 232 52.34 5.79 -8.89
N ASP C 233 52.40 6.61 -9.91
CA ASP C 233 53.66 7.01 -10.58
C ASP C 233 53.77 8.54 -10.54
N VAL C 234 54.53 9.06 -9.59
CA VAL C 234 54.70 10.53 -9.42
C VAL C 234 55.30 11.11 -10.71
N GLU C 235 56.35 10.48 -11.25
CA GLU C 235 57.12 11.06 -12.38
C GLU C 235 56.26 11.05 -13.67
N ALA C 236 55.44 10.04 -13.86
CA ALA C 236 54.51 9.95 -15.02
C ALA C 236 53.55 11.13 -15.01
N ILE C 237 53.09 11.57 -13.83
CA ILE C 237 52.15 12.71 -13.72
C ILE C 237 52.90 14.04 -13.88
N LYS C 238 54.09 14.16 -13.34
CA LYS C 238 54.95 15.35 -13.60
C LYS C 238 55.22 15.48 -15.11
N ALA C 239 55.44 14.36 -15.79
CA ALA C 239 55.65 14.30 -17.27
C ALA C 239 54.36 14.78 -17.96
N LEU C 240 53.19 14.28 -17.54
CA LEU C 240 51.90 14.71 -18.12
C LEU C 240 51.74 16.23 -18.01
N PHE C 241 52.10 16.83 -16.89
CA PHE C 241 51.93 18.30 -16.68
C PHE C 241 53.15 19.08 -17.21
N GLY C 242 54.21 18.42 -17.62
CA GLY C 242 55.50 19.05 -17.99
C GLY C 242 56.21 19.76 -16.82
N THR C 243 56.20 19.20 -15.61
CA THR C 243 56.77 19.83 -14.40
C THR C 243 57.98 19.03 -13.88
N THR C 244 58.53 18.14 -14.71
CA THR C 244 59.60 17.19 -14.32
C THR C 244 60.81 17.90 -13.69
N ALA C 245 61.16 19.09 -14.17
CA ALA C 245 62.33 19.88 -13.73
C ALA C 245 62.13 20.42 -12.31
N ASP C 246 60.89 20.48 -11.80
CA ASP C 246 60.66 20.94 -10.41
C ASP C 246 60.58 19.72 -9.49
N SER C 247 61.71 19.31 -8.91
CA SER C 247 61.82 18.01 -8.20
C SER C 247 61.26 18.18 -6.78
N THR C 248 60.97 19.42 -6.37
CA THR C 248 60.59 19.77 -4.97
C THR C 248 59.07 19.71 -4.77
N THR C 249 58.25 19.65 -5.82
CA THR C 249 56.77 19.79 -5.69
C THR C 249 56.11 18.47 -6.04
N THR C 250 55.14 18.06 -5.24
CA THR C 250 54.45 16.76 -5.41
C THR C 250 53.04 17.00 -5.94
N PRO C 251 52.67 16.35 -7.05
CA PRO C 251 51.30 16.39 -7.54
C PRO C 251 50.37 15.85 -6.46
N VAL C 252 49.11 16.31 -6.50
CA VAL C 252 48.06 15.81 -5.57
C VAL C 252 46.85 15.31 -6.39
N THR C 253 46.08 14.45 -5.76
CA THR C 253 44.82 13.89 -6.32
C THR C 253 43.72 14.04 -5.25
N LEU C 254 42.49 13.85 -5.65
CA LEU C 254 41.36 13.79 -4.71
C LEU C 254 41.60 12.65 -3.73
N THR C 255 41.55 12.96 -2.44
CA THR C 255 41.68 11.98 -1.36
C THR C 255 40.63 10.89 -1.54
N THR C 256 39.38 11.28 -1.70
CA THR C 256 38.31 10.36 -2.13
C THR C 256 38.32 10.38 -3.65
N PRO C 257 38.72 9.28 -4.32
CA PRO C 257 38.72 9.24 -5.77
C PRO C 257 37.35 9.63 -6.30
N LYS C 258 37.31 10.37 -7.39
CA LYS C 258 36.02 10.82 -7.98
C LYS C 258 35.16 9.59 -8.23
N TYR C 259 35.76 8.44 -8.55
CA TYR C 259 35.01 7.19 -8.84
C TYR C 259 34.28 6.71 -7.59
N HIS C 260 34.87 6.88 -6.39
CA HIS C 260 34.22 6.45 -5.13
C HIS C 260 33.13 7.45 -4.74
N GLU C 261 33.25 8.72 -5.11
CA GLU C 261 32.11 9.65 -4.97
C GLU C 261 31.01 9.17 -5.92
N LEU C 262 31.37 8.93 -7.16
CA LEU C 262 30.41 8.61 -8.24
C LEU C 262 29.58 7.37 -7.88
N VAL C 263 30.23 6.28 -7.48
CA VAL C 263 29.51 4.98 -7.27
C VAL C 263 28.72 5.02 -5.95
N ALA C 264 28.89 6.06 -5.13
CA ALA C 264 28.02 6.39 -3.97
C ALA C 264 26.82 7.25 -4.43
N GLN C 265 27.04 8.19 -5.36
CA GLN C 265 25.99 9.10 -5.87
C GLN C 265 24.97 8.31 -6.66
N ILE C 266 25.43 7.28 -7.38
CA ILE C 266 24.59 6.64 -8.42
C ILE C 266 25.18 5.25 -8.69
N ARG C 267 24.37 4.34 -9.19
CA ARG C 267 24.77 2.94 -9.43
C ARG C 267 24.45 2.58 -10.87
N GLN C 268 25.33 1.82 -11.52
CA GLN C 268 25.08 1.32 -12.88
C GLN C 268 23.80 0.46 -12.89
N ASN C 269 23.02 0.66 -13.93
CA ASN C 269 21.85 -0.17 -14.32
C ASN C 269 22.01 -0.50 -15.80
N PHE C 270 23.08 -1.18 -16.18
CA PHE C 270 23.49 -1.35 -17.60
C PHE C 270 22.82 -2.58 -18.24
N ASN C 271 21.96 -3.30 -17.55
CA ASN C 271 21.39 -4.56 -18.11
C ASN C 271 19.91 -4.73 -17.72
N ALA C 272 19.09 -3.69 -17.79
CA ALA C 272 17.68 -3.76 -17.34
C ALA C 272 16.72 -4.10 -18.48
N ARG C 273 17.11 -3.92 -19.74
CA ARG C 273 16.19 -4.04 -20.90
C ARG C 273 16.44 -5.34 -21.67
N ASP C 274 15.41 -6.18 -21.83
CA ASP C 274 15.42 -7.36 -22.73
C ASP C 274 15.74 -6.86 -24.13
N PRO C 275 16.83 -7.33 -24.77
CA PRO C 275 17.26 -6.79 -26.06
C PRO C 275 16.23 -7.08 -27.17
N LYS C 276 15.40 -8.12 -26.98
CA LYS C 276 14.34 -8.56 -27.94
C LYS C 276 13.10 -7.66 -27.80
N THR C 277 12.46 -7.66 -26.64
CA THR C 277 11.16 -6.97 -26.38
C THR C 277 11.38 -5.46 -26.13
N GLY C 278 12.61 -5.03 -25.79
CA GLY C 278 12.91 -3.67 -25.32
C GLY C 278 12.32 -3.41 -23.93
N ARG C 279 11.68 -4.42 -23.33
CA ARG C 279 10.97 -4.25 -22.04
C ARG C 279 11.96 -4.32 -20.88
N ILE C 280 11.72 -3.50 -19.86
CA ILE C 280 12.44 -3.58 -18.57
C ILE C 280 12.13 -4.93 -17.92
N GLU C 281 13.18 -5.67 -17.55
CA GLU C 281 13.10 -6.87 -16.67
C GLU C 281 14.20 -6.70 -15.63
N VAL C 282 13.86 -6.43 -14.37
CA VAL C 282 14.90 -6.23 -13.32
C VAL C 282 15.71 -7.51 -13.18
N PRO C 283 17.05 -7.46 -13.35
CA PRO C 283 17.88 -8.63 -13.09
C PRO C 283 18.14 -8.79 -11.59
N ARG C 284 17.51 -9.83 -11.02
CA ARG C 284 17.47 -10.02 -9.57
C ARG C 284 18.81 -10.47 -9.02
N ASP C 285 19.70 -11.03 -9.85
CA ASP C 285 21.04 -11.45 -9.35
C ASP C 285 21.84 -10.21 -8.91
N THR C 286 21.66 -9.08 -9.57
CA THR C 286 22.51 -7.86 -9.35
C THR C 286 21.68 -6.65 -8.87
N HIS C 287 20.40 -6.59 -9.21
CA HIS C 287 19.55 -5.37 -9.05
C HIS C 287 18.20 -5.72 -8.41
N ALA C 288 18.16 -6.67 -7.45
CA ALA C 288 16.91 -7.08 -6.81
C ALA C 288 16.34 -5.85 -6.09
N ASP C 289 17.20 -4.92 -5.62
CA ASP C 289 16.78 -3.72 -4.87
C ASP C 289 16.30 -2.57 -5.79
N MET C 290 16.18 -2.79 -7.09
CA MET C 290 15.80 -1.72 -8.04
C MET C 290 14.29 -1.75 -8.29
N ASP C 291 13.63 -0.61 -8.06
CA ASP C 291 12.21 -0.42 -8.45
C ASP C 291 12.13 -0.45 -9.97
N PRO C 292 11.34 -1.35 -10.61
CA PRO C 292 11.21 -1.36 -12.08
C PRO C 292 10.82 0.01 -12.66
N LEU C 293 10.07 0.79 -11.89
CA LEU C 293 9.65 2.15 -12.30
C LEU C 293 10.86 3.10 -12.49
N VAL C 294 12.03 2.85 -11.88
CA VAL C 294 13.20 3.76 -12.06
C VAL C 294 14.26 3.13 -12.98
N ALA C 295 13.97 1.95 -13.55
CA ALA C 295 14.92 1.14 -14.32
C ALA C 295 14.93 1.55 -15.80
N TYR C 296 14.14 2.57 -16.19
CA TYR C 296 13.98 3.11 -17.56
C TYR C 296 15.27 3.81 -18.01
N ILE C 297 16.16 4.16 -17.09
CA ILE C 297 17.47 4.80 -17.40
C ILE C 297 18.55 3.88 -16.86
N PRO C 298 19.74 3.92 -17.48
CA PRO C 298 20.80 2.95 -17.16
C PRO C 298 21.65 3.31 -15.92
N LEU C 299 21.09 4.17 -15.07
CA LEU C 299 21.67 4.54 -13.75
C LEU C 299 20.52 4.66 -12.74
N TYR C 300 20.76 4.28 -11.50
CA TYR C 300 19.74 4.37 -10.43
C TYR C 300 20.39 4.55 -9.08
N ARG C 301 19.58 4.95 -8.10
CA ARG C 301 20.01 4.97 -6.69
C ARG C 301 18.84 4.47 -5.85
N PRO C 302 18.94 3.26 -5.27
CA PRO C 302 17.79 2.66 -4.58
C PRO C 302 17.47 3.23 -3.18
N GLU C 303 18.48 3.68 -2.46
CA GLU C 303 18.31 3.96 -1.00
C GLU C 303 17.43 5.18 -0.74
N PRO C 304 17.51 6.30 -1.49
CA PRO C 304 16.63 7.43 -1.19
C PRO C 304 15.16 6.96 -1.21
N ARG C 305 14.80 6.16 -2.21
CA ARG C 305 13.41 5.76 -2.48
C ARG C 305 12.96 4.68 -1.48
N SER C 306 13.76 3.65 -1.19
CA SER C 306 13.40 2.61 -0.19
C SER C 306 13.21 3.31 1.16
N THR C 307 14.09 4.26 1.48
CA THR C 307 14.13 4.91 2.80
C THR C 307 12.87 5.74 2.95
N PHE C 308 12.52 6.50 1.91
CA PHE C 308 11.31 7.33 1.86
C PHE C 308 10.07 6.47 2.15
N ARG C 309 9.97 5.34 1.50
CA ARG C 309 8.80 4.46 1.58
C ARG C 309 8.64 3.82 2.95
N ARG C 310 9.69 3.78 3.78
CA ARG C 310 9.64 3.18 5.11
C ARG C 310 9.53 4.28 6.17
N LEU C 311 9.49 5.56 5.79
CA LEU C 311 9.52 6.69 6.79
C LEU C 311 8.39 6.59 7.81
N GLU C 312 7.21 6.06 7.43
CA GLU C 312 6.10 6.01 8.42
C GLU C 312 6.50 5.13 9.61
N THR C 313 7.45 4.21 9.45
CA THR C 313 7.87 3.25 10.52
C THR C 313 8.98 3.85 11.39
N LEU C 314 9.57 5.01 11.02
CA LEU C 314 10.74 5.56 11.75
C LEU C 314 10.39 5.82 13.23
N ARG C 315 11.08 5.16 14.16
CA ARG C 315 10.77 5.20 15.60
C ARG C 315 11.24 6.49 16.26
N PRO C 316 12.52 6.90 16.13
CA PRO C 316 12.97 8.13 16.81
C PRO C 316 12.18 9.34 16.31
N SER C 317 12.04 10.32 17.20
CA SER C 317 11.66 11.67 16.80
C SER C 317 12.68 12.18 15.76
N CYS C 318 12.28 13.11 14.91
CA CYS C 318 13.15 13.48 13.78
C CYS C 318 13.02 14.95 13.43
N LEU C 319 14.16 15.63 13.43
CA LEU C 319 14.31 17.01 12.94
C LEU C 319 14.85 16.98 11.52
N TRP C 320 14.11 17.57 10.59
CA TRP C 320 14.54 17.68 9.18
C TRP C 320 14.97 19.13 8.92
N VAL C 321 16.28 19.35 8.89
CA VAL C 321 16.87 20.68 8.56
C VAL C 321 17.15 20.69 7.06
N ILE C 322 16.40 21.48 6.31
CA ILE C 322 16.45 21.51 4.83
C ILE C 322 17.04 22.85 4.36
N ALA C 323 18.05 22.77 3.52
CA ALA C 323 18.65 23.94 2.83
C ALA C 323 17.60 24.47 1.83
N GLY C 324 17.09 25.70 2.01
CA GLY C 324 16.09 26.31 1.10
C GLY C 324 16.56 26.33 -0.35
N ALA C 325 17.86 26.43 -0.59
CA ALA C 325 18.46 26.43 -1.94
C ALA C 325 19.12 25.09 -2.27
N THR C 326 18.67 24.00 -1.67
CA THR C 326 19.28 22.68 -1.92
C THR C 326 19.06 22.35 -3.40
N PHE C 327 19.89 21.45 -3.93
CA PHE C 327 19.74 20.87 -5.27
C PHE C 327 18.96 19.55 -5.19
N LEU C 328 18.71 19.06 -3.98
CA LEU C 328 17.84 17.86 -3.77
C LEU C 328 16.38 18.23 -4.06
N ASN C 329 15.53 17.21 -4.19
CA ASN C 329 14.09 17.43 -4.50
C ASN C 329 13.37 17.87 -3.22
N ILE C 330 13.37 19.17 -2.97
CA ILE C 330 12.90 19.75 -1.68
C ILE C 330 11.43 19.39 -1.45
N ASP C 331 10.60 19.42 -2.49
CA ASP C 331 9.15 19.13 -2.36
C ASP C 331 8.97 17.66 -1.94
N GLU C 332 9.73 16.73 -2.52
CA GLU C 332 9.61 15.31 -2.09
C GLU C 332 10.08 15.17 -0.64
N ILE C 333 11.20 15.82 -0.28
CA ILE C 333 11.71 15.77 1.12
C ILE C 333 10.58 16.20 2.09
N ARG C 334 9.85 17.26 1.75
CA ARG C 334 8.79 17.81 2.63
C ARG C 334 7.60 16.84 2.72
N GLU C 335 7.32 16.06 1.65
CA GLU C 335 6.30 14.98 1.75
C GLU C 335 6.82 13.90 2.72
N GLY C 336 8.11 13.59 2.67
CA GLY C 336 8.72 12.64 3.62
C GLY C 336 8.52 13.10 5.05
N VAL C 337 8.80 14.37 5.33
CA VAL C 337 8.56 14.97 6.67
C VAL C 337 7.10 14.68 7.12
N LYS C 338 6.14 14.92 6.23
CA LYS C 338 4.71 14.77 6.56
C LYS C 338 4.39 13.34 7.01
N ILE C 339 4.92 12.32 6.33
CA ILE C 339 4.55 10.91 6.65
C ILE C 339 5.46 10.34 7.77
N CYS C 340 6.61 10.95 7.99
CA CYS C 340 7.65 10.44 8.93
C CYS C 340 7.04 10.05 10.29
N GLY C 341 7.17 8.78 10.67
CA GLY C 341 6.78 8.26 11.99
C GLY C 341 5.27 8.13 12.17
N SER C 342 4.48 8.24 11.10
CA SER C 342 3.00 8.32 11.24
C SER C 342 2.39 6.91 11.30
N GLY C 343 3.13 5.85 11.02
CA GLY C 343 2.53 4.50 10.93
C GLY C 343 3.09 3.55 12.00
N ILE C 344 3.00 2.26 11.70
CA ILE C 344 3.33 1.20 12.69
C ILE C 344 4.84 1.19 12.88
N GLY C 345 5.29 1.21 14.14
CA GLY C 345 6.71 1.35 14.51
C GLY C 345 7.09 2.80 14.76
N GLY C 346 6.26 3.76 14.31
CA GLY C 346 6.64 5.17 14.15
C GLY C 346 6.58 5.95 15.46
N SER C 347 7.33 7.04 15.52
CA SER C 347 7.34 8.03 16.64
C SER C 347 5.94 8.53 16.97
N GLY C 348 5.04 8.59 15.98
CA GLY C 348 3.78 9.38 16.03
C GLY C 348 3.80 10.56 15.09
N GLY C 349 4.99 10.96 14.62
CA GLY C 349 5.18 11.95 13.55
C GLY C 349 4.67 13.35 13.90
N VAL C 350 4.37 14.10 12.86
CA VAL C 350 4.00 15.54 12.97
C VAL C 350 2.77 15.69 13.86
N PRO C 351 1.72 14.87 13.72
CA PRO C 351 0.52 15.02 14.59
C PRO C 351 0.81 14.93 16.09
N ASP C 352 1.85 14.21 16.51
CA ASP C 352 2.22 14.08 17.94
C ASP C 352 3.35 15.06 18.29
N GLY C 353 3.79 15.90 17.36
CA GLY C 353 4.91 16.84 17.60
C GLY C 353 6.24 16.14 17.69
N ARG C 354 6.41 14.97 17.05
CA ARG C 354 7.65 14.13 17.15
C ARG C 354 8.52 14.34 15.90
N VAL C 355 8.04 15.11 14.94
CA VAL C 355 8.74 15.43 13.69
C VAL C 355 8.55 16.90 13.40
N ARG C 356 9.62 17.58 12.99
CA ARG C 356 9.58 19.01 12.62
C ARG C 356 10.49 19.23 11.41
N GLU C 357 10.04 20.07 10.50
CA GLU C 357 10.91 20.58 9.42
C GLU C 357 11.33 22.01 9.77
N VAL C 358 12.59 22.31 9.47
CA VAL C 358 13.08 23.71 9.45
C VAL C 358 13.74 23.87 8.09
N VAL C 359 13.11 24.64 7.22
CA VAL C 359 13.67 25.05 5.90
C VAL C 359 14.42 26.37 6.12
N LEU C 360 15.72 26.40 5.85
CA LEU C 360 16.55 27.61 6.09
C LEU C 360 16.69 28.32 4.76
N PRO C 361 15.95 29.44 4.52
CA PRO C 361 15.90 30.06 3.19
C PRO C 361 17.30 30.50 2.78
N GLY C 362 17.63 30.29 1.51
CA GLY C 362 18.90 30.74 0.90
C GLY C 362 20.12 29.92 1.28
N PHE C 363 19.99 28.95 2.19
CA PHE C 363 21.10 28.06 2.60
C PHE C 363 21.28 26.94 1.57
N GLY C 364 22.50 26.50 1.41
CA GLY C 364 22.83 25.46 0.43
C GLY C 364 23.10 24.12 1.10
N HIS C 365 23.30 23.10 0.28
CA HIS C 365 23.69 21.74 0.66
C HIS C 365 24.82 21.74 1.70
N LEU C 366 25.81 22.64 1.55
CA LEU C 366 27.05 22.67 2.37
C LEU C 366 26.88 23.61 3.57
N MET C 367 25.64 23.84 3.96
CA MET C 367 25.29 24.71 5.12
C MET C 367 25.99 24.24 6.40
N PRO C 368 26.32 22.95 6.66
CA PRO C 368 27.05 22.58 7.87
C PRO C 368 28.46 23.18 7.94
N PHE C 369 28.97 23.68 6.81
CA PHE C 369 30.33 24.29 6.72
C PHE C 369 30.26 25.78 6.38
N GLN C 370 29.09 26.29 5.98
CA GLN C 370 28.92 27.68 5.48
C GLN C 370 28.14 28.52 6.51
N GLU C 371 27.25 27.90 7.29
CA GLU C 371 26.35 28.58 8.25
C GLU C 371 26.40 27.81 9.56
N VAL C 372 27.61 27.55 10.07
CA VAL C 372 27.84 26.62 11.18
C VAL C 372 26.98 27.05 12.37
N LYS C 373 26.98 28.34 12.70
CA LYS C 373 26.28 28.86 13.93
C LYS C 373 24.76 28.64 13.83
N THR C 374 24.15 28.93 12.68
CA THR C 374 22.69 28.81 12.49
C THR C 374 22.30 27.33 12.46
N VAL C 375 23.06 26.48 11.79
CA VAL C 375 22.77 25.02 11.79
C VAL C 375 22.82 24.51 13.25
N ALA C 376 23.88 24.82 14.00
CA ALA C 376 24.00 24.44 15.42
C ALA C 376 22.77 24.93 16.22
N GLU C 377 22.39 26.19 16.02
CA GLU C 377 21.28 26.82 16.79
C GLU C 377 19.99 26.03 16.54
N THR C 378 19.70 25.69 15.27
CA THR C 378 18.49 24.92 14.87
C THR C 378 18.49 23.57 15.62
N CYS C 379 19.66 22.93 15.70
CA CYS C 379 19.82 21.60 16.37
C CYS C 379 19.52 21.75 17.88
N ILE C 380 20.08 22.79 18.49
CA ILE C 380 20.02 22.96 19.96
C ILE C 380 18.58 23.14 20.43
N VAL C 381 17.77 23.87 19.69
CA VAL C 381 16.35 24.15 20.08
C VAL C 381 15.62 22.80 20.16
N TRP C 382 15.81 21.97 19.15
CA TRP C 382 15.17 20.64 19.06
C TRP C 382 15.70 19.74 20.18
N LEU C 383 17.02 19.73 20.36
CA LEU C 383 17.67 18.85 21.36
C LEU C 383 17.13 19.18 22.76
N GLN C 384 16.96 20.46 23.08
CA GLN C 384 16.52 20.81 24.45
C GLN C 384 15.08 20.30 24.65
N GLN C 385 14.21 20.43 23.64
CA GLN C 385 12.82 19.95 23.79
C GLN C 385 12.82 18.43 23.87
N GLU C 386 13.64 17.74 23.08
CA GLU C 386 13.66 16.25 23.10
C GLU C 386 14.26 15.76 24.43
N MET C 387 15.26 16.45 24.95
CA MET C 387 15.87 16.01 26.24
C MET C 387 14.93 16.27 27.42
N ASP C 388 14.13 17.35 27.39
CA ASP C 388 13.04 17.57 28.39
C ASP C 388 12.07 16.36 28.35
N ARG C 389 11.64 15.96 27.16
CA ARG C 389 10.71 14.81 26.98
C ARG C 389 11.41 13.54 27.46
N PHE C 390 12.67 13.33 27.10
CA PHE C 390 13.45 12.15 27.54
C PHE C 390 13.48 12.07 29.08
N ARG C 391 13.82 13.16 29.77
CA ARG C 391 13.93 13.15 31.25
C ARG C 391 12.58 12.76 31.85
N GLN C 392 11.49 13.33 31.35
CA GLN C 392 10.11 13.04 31.83
C GLN C 392 9.73 11.57 31.55
N THR C 393 9.96 11.07 30.34
CA THR C 393 9.52 9.71 29.94
C THR C 393 10.39 8.68 30.69
N GLU C 394 11.66 8.96 30.89
CA GLU C 394 12.59 8.09 31.69
C GLU C 394 12.10 7.99 33.12
N ARG C 395 11.74 9.13 33.72
CA ARG C 395 11.21 9.15 35.11
C ARG C 395 9.90 8.33 35.19
N GLN C 396 8.94 8.57 34.30
CA GLN C 396 7.63 7.87 34.26
C GLN C 396 7.86 6.34 34.12
N TRP C 397 8.81 5.91 33.27
CA TRP C 397 9.24 4.49 33.12
C TRP C 397 9.67 3.90 34.46
N LYS C 398 10.64 4.54 35.13
CA LYS C 398 11.15 4.08 36.44
C LYS C 398 10.00 4.01 37.45
N GLU C 399 9.15 5.06 37.54
CA GLU C 399 7.98 5.07 38.44
C GLU C 399 7.11 3.84 38.17
N ASP C 400 6.70 3.61 36.92
CA ASP C 400 5.78 2.51 36.53
C ASP C 400 6.42 1.14 36.82
N ARG C 401 7.74 1.03 36.82
CA ARG C 401 8.48 -0.24 36.99
C ARG C 401 8.74 -0.50 38.48
N ASP C 402 8.57 0.49 39.34
CA ASP C 402 9.08 0.49 40.74
C ASP C 402 8.66 -0.77 41.53
N GLY C 403 7.40 -1.15 41.57
CA GLY C 403 7.05 -2.34 42.40
C GLY C 403 7.60 -3.69 41.87
N LYS C 404 8.04 -3.78 40.61
CA LYS C 404 7.72 -4.97 39.79
C LYS C 404 8.86 -6.01 39.81
N SER C 405 8.47 -7.27 39.77
CA SER C 405 9.37 -8.45 39.72
C SER C 405 10.10 -8.52 38.36
N HIS C 406 11.38 -8.90 38.40
CA HIS C 406 12.19 -9.26 37.20
C HIS C 406 12.01 -10.73 36.85
N LEU C 407 11.36 -11.52 37.71
CA LEU C 407 11.38 -13.02 37.62
C LEU C 407 10.03 -13.58 37.17
N ALA C 408 8.94 -12.87 37.43
CA ALA C 408 7.58 -13.37 37.22
C ALA C 408 6.70 -12.21 36.77
N VAL C 409 5.64 -12.51 36.02
CA VAL C 409 4.73 -11.48 35.45
C VAL C 409 3.79 -10.97 36.56
N GLU C 410 3.27 -9.77 36.35
CA GLU C 410 2.33 -9.11 37.29
C GLU C 410 0.96 -9.79 37.27
N GLU C 411 0.18 -9.53 38.32
CA GLU C 411 -1.13 -10.16 38.62
C GLU C 411 -2.09 -9.98 37.46
N ASN C 412 -2.04 -8.87 36.72
CA ASN C 412 -3.06 -8.59 35.69
C ASN C 412 -3.06 -9.72 34.65
N TRP C 413 -1.92 -10.38 34.43
CA TRP C 413 -1.84 -11.47 33.43
C TRP C 413 -2.85 -12.56 33.75
N TYR C 414 -3.00 -12.91 35.03
CA TYR C 414 -3.90 -14.00 35.47
C TYR C 414 -5.36 -13.57 35.33
N LYS C 415 -5.64 -12.27 35.31
CA LYS C 415 -6.99 -11.72 35.04
C LYS C 415 -7.33 -11.79 33.55
N VAL C 416 -6.38 -11.61 32.62
CA VAL C 416 -6.73 -11.46 31.18
C VAL C 416 -6.63 -12.83 30.50
N LEU C 417 -5.73 -13.69 30.95
CA LEU C 417 -5.41 -14.97 30.26
C LEU C 417 -6.08 -16.10 31.05
N LYS C 418 -7.15 -16.70 30.53
CA LYS C 418 -7.91 -17.69 31.32
C LYS C 418 -7.12 -19.01 31.41
N PRO C 419 -7.30 -19.76 32.52
CA PRO C 419 -6.69 -21.07 32.67
C PRO C 419 -7.38 -22.13 31.82
N ILE C 420 -6.91 -23.39 31.90
CA ILE C 420 -7.62 -24.57 31.30
C ILE C 420 -8.11 -25.53 32.39
N MET D 1 33.19 -32.05 23.54
CA MET D 1 31.93 -32.80 23.34
C MET D 1 31.72 -33.05 21.84
N SER D 2 30.73 -33.89 21.54
CA SER D 2 30.53 -34.48 20.19
C SER D 2 29.07 -34.95 20.02
N THR D 3 28.51 -34.81 18.81
CA THR D 3 27.31 -35.54 18.34
C THR D 3 27.85 -36.77 17.56
N GLU D 4 27.02 -37.46 16.78
CA GLU D 4 27.48 -38.61 15.94
C GLU D 4 28.62 -38.13 15.02
N LYS D 5 28.47 -36.98 14.37
CA LYS D 5 29.29 -36.60 13.19
C LYS D 5 30.16 -35.36 13.44
N PHE D 6 29.99 -34.63 14.55
CA PHE D 6 30.56 -33.28 14.75
C PHE D 6 31.37 -33.17 16.05
N THR D 7 32.45 -32.38 16.00
CA THR D 7 33.12 -31.68 17.11
C THR D 7 32.23 -30.51 17.55
N ILE D 8 32.12 -30.30 18.86
CA ILE D 8 31.37 -29.18 19.45
C ILE D 8 32.34 -28.21 20.11
N THR D 9 32.27 -26.93 19.75
CA THR D 9 32.92 -25.82 20.49
C THR D 9 31.83 -24.94 21.08
N GLU D 10 31.90 -24.67 22.39
CA GLU D 10 30.95 -23.75 23.08
C GLU D 10 31.55 -22.36 23.11
N HIS D 11 30.71 -21.33 23.00
CA HIS D 11 31.13 -19.91 23.07
C HIS D 11 30.09 -19.15 23.88
N LEU D 12 30.53 -18.07 24.49
CA LEU D 12 29.65 -17.11 25.16
C LEU D 12 30.01 -15.76 24.56
N VAL D 13 29.10 -15.14 23.80
CA VAL D 13 29.40 -13.91 23.01
C VAL D 13 28.44 -12.82 23.46
N PRO D 14 28.93 -11.58 23.62
CA PRO D 14 28.06 -10.47 23.96
C PRO D 14 27.03 -10.22 22.85
N GLY D 15 25.79 -9.96 23.25
CA GLY D 15 24.71 -9.57 22.32
C GLY D 15 24.61 -8.07 22.13
N SER D 16 23.57 -7.66 21.42
CA SER D 16 23.29 -6.29 20.96
C SER D 16 23.09 -5.33 22.14
N HIS D 17 23.79 -4.22 22.09
CA HIS D 17 23.66 -3.04 22.98
C HIS D 17 22.33 -2.31 22.75
N ILE D 18 21.57 -2.17 23.83
CA ILE D 18 20.24 -1.52 23.94
C ILE D 18 19.21 -2.49 23.35
N ARG D 19 18.37 -3.03 24.23
CA ARG D 19 17.33 -4.02 23.86
C ARG D 19 16.13 -3.23 23.32
N GLU D 20 15.38 -3.86 22.42
CA GLU D 20 14.23 -3.21 21.74
C GLU D 20 13.18 -2.77 22.77
N TYR D 21 12.94 -3.56 23.82
CA TYR D 21 12.01 -3.18 24.91
C TYR D 21 12.85 -2.92 26.17
N PRO D 22 12.65 -1.78 26.84
CA PRO D 22 13.50 -1.40 27.97
C PRO D 22 13.35 -2.38 29.16
N GLY D 23 12.18 -2.99 29.34
CA GLY D 23 11.91 -3.94 30.44
C GLY D 23 12.42 -5.33 30.16
N SER D 24 13.20 -5.54 29.12
CA SER D 24 13.72 -6.91 28.82
C SER D 24 14.92 -7.23 29.73
N THR D 25 15.48 -6.23 30.41
CA THR D 25 16.64 -6.41 31.33
C THR D 25 16.45 -5.53 32.56
N VAL D 26 17.25 -5.79 33.60
CA VAL D 26 17.20 -5.03 34.86
C VAL D 26 17.64 -3.59 34.59
N ASN D 27 18.74 -3.41 33.86
CA ASN D 27 19.26 -2.08 33.48
C ASN D 27 19.35 -2.01 31.96
N GLN D 28 19.05 -0.85 31.38
CA GLN D 28 18.94 -0.73 29.90
C GLN D 28 20.29 -0.93 29.21
N GLU D 29 21.43 -0.71 29.90
CA GLU D 29 22.77 -0.94 29.27
C GLU D 29 23.31 -2.34 29.59
N ASP D 30 22.52 -3.24 30.16
CA ASP D 30 23.04 -4.59 30.52
C ASP D 30 23.62 -5.24 29.27
N VAL D 31 24.71 -5.96 29.43
CA VAL D 31 25.36 -6.76 28.36
C VAL D 31 24.84 -8.19 28.49
N LEU D 32 23.89 -8.58 27.66
CA LEU D 32 23.41 -9.97 27.63
C LEU D 32 24.42 -10.77 26.81
N LYS D 33 24.60 -12.04 27.15
CA LYS D 33 25.45 -12.95 26.37
C LYS D 33 24.58 -14.02 25.73
N ILE D 34 25.03 -14.55 24.60
CA ILE D 34 24.39 -15.72 23.97
C ILE D 34 25.36 -16.89 24.02
N HIS D 35 24.85 -18.02 24.48
CA HIS D 35 25.58 -19.31 24.52
C HIS D 35 25.39 -19.95 23.15
N VAL D 36 26.50 -20.22 22.48
CA VAL D 36 26.53 -20.72 21.09
C VAL D 36 27.20 -22.08 21.10
N LYS D 37 26.68 -23.00 20.32
CA LYS D 37 27.43 -24.23 19.98
C LYS D 37 27.75 -24.19 18.50
N GLN D 38 29.03 -24.45 18.20
CA GLN D 38 29.60 -24.53 16.84
C GLN D 38 29.86 -26.02 16.57
N TYR D 39 29.26 -26.53 15.52
CA TYR D 39 29.29 -27.96 15.13
C TYR D 39 30.15 -28.10 13.88
N THR D 40 31.36 -28.66 14.03
CA THR D 40 32.33 -28.81 12.94
C THR D 40 32.39 -30.28 12.57
N PRO D 41 32.08 -30.65 11.31
CA PRO D 41 32.17 -32.05 10.90
C PRO D 41 33.56 -32.65 11.22
N LYS D 42 33.60 -33.83 11.81
CA LYS D 42 34.82 -34.70 11.79
C LYS D 42 35.11 -35.01 10.32
N ARG D 43 36.30 -34.66 9.82
CA ARG D 43 36.61 -34.74 8.36
C ARG D 43 38.03 -35.24 8.11
N VAL D 47 38.56 -28.82 3.79
CA VAL D 47 37.19 -28.22 3.67
C VAL D 47 37.03 -27.60 2.28
N PRO D 48 36.09 -28.07 1.44
CA PRO D 48 35.81 -27.42 0.17
C PRO D 48 35.53 -25.92 0.30
N ASP D 49 35.83 -25.15 -0.74
CA ASP D 49 35.82 -23.64 -0.72
C ASP D 49 34.42 -23.05 -0.67
N ASP D 50 33.39 -23.81 -1.04
CA ASP D 50 31.97 -23.37 -1.08
C ASP D 50 31.21 -24.07 0.05
N ALA D 51 31.90 -24.65 1.03
CA ALA D 51 31.23 -25.33 2.16
C ALA D 51 30.35 -24.30 2.91
N ILE D 52 29.18 -24.74 3.38
CA ILE D 52 28.11 -23.85 3.91
C ILE D 52 28.33 -23.61 5.39
N THR D 53 28.23 -22.35 5.80
CA THR D 53 28.06 -21.95 7.21
C THR D 53 26.57 -21.85 7.51
N PHE D 54 26.05 -22.67 8.40
CA PHE D 54 24.62 -22.64 8.81
C PHE D 54 24.51 -21.82 10.10
N ILE D 55 23.59 -20.87 10.13
CA ILE D 55 23.20 -20.05 11.31
C ILE D 55 21.77 -20.48 11.65
N ALA D 56 21.59 -21.10 12.81
CA ALA D 56 20.31 -21.74 13.20
C ALA D 56 19.71 -21.07 14.44
N THR D 57 18.38 -21.02 14.49
CA THR D 57 17.61 -20.42 15.62
C THR D 57 16.48 -21.37 16.01
N HIS D 58 16.21 -21.45 17.30
CA HIS D 58 15.31 -22.48 17.91
C HIS D 58 13.92 -21.89 18.14
N GLY D 59 12.98 -22.74 18.55
CA GLY D 59 11.63 -22.33 18.99
C GLY D 59 11.64 -21.91 20.44
N VAL D 60 10.57 -21.25 20.88
CA VAL D 60 10.45 -20.74 22.28
C VAL D 60 10.68 -21.90 23.25
N GLY D 61 11.65 -21.73 24.15
CA GLY D 61 11.91 -22.67 25.25
C GLY D 61 12.52 -23.98 24.77
N LEU D 62 12.94 -24.09 23.51
CA LEU D 62 13.44 -25.37 22.96
C LEU D 62 14.96 -25.28 22.93
N PRO D 63 15.66 -26.05 23.77
CA PRO D 63 17.12 -25.95 23.84
C PRO D 63 17.78 -26.25 22.49
N LYS D 64 18.86 -25.52 22.19
CA LYS D 64 19.59 -25.66 20.93
C LYS D 64 20.01 -27.13 20.77
N GLU D 65 20.31 -27.83 21.85
CA GLU D 65 20.82 -29.22 21.78
C GLU D 65 19.77 -30.15 21.17
N LEU D 66 18.48 -29.82 21.25
CA LEU D 66 17.41 -30.64 20.62
C LEU D 66 17.63 -30.77 19.12
N TYR D 67 18.33 -29.81 18.48
CA TYR D 67 18.50 -29.78 17.01
C TYR D 67 19.67 -30.67 16.56
N GLU D 68 20.42 -31.24 17.50
CA GLU D 68 21.64 -31.98 17.19
C GLU D 68 21.35 -33.19 16.31
N PRO D 69 20.30 -34.00 16.56
CA PRO D 69 19.99 -35.10 15.65
C PRO D 69 19.73 -34.61 14.21
N LEU D 70 19.03 -33.50 14.07
CA LEU D 70 18.78 -32.89 12.73
C LEU D 70 20.13 -32.54 12.09
N TRP D 71 21.08 -31.97 12.84
CA TRP D 71 22.42 -31.64 12.28
C TRP D 71 23.09 -32.94 11.79
N ASP D 72 23.02 -34.00 12.61
CA ASP D 72 23.61 -35.32 12.26
C ASP D 72 22.99 -35.84 10.97
N GLU D 73 21.68 -35.73 10.84
CA GLU D 73 20.96 -36.20 9.63
C GLU D 73 21.36 -35.35 8.42
N LEU D 74 21.44 -34.04 8.57
CA LEU D 74 21.86 -33.16 7.44
C LEU D 74 23.23 -33.63 6.94
N LEU D 75 24.18 -33.86 7.85
CA LEU D 75 25.56 -34.25 7.44
C LEU D 75 25.53 -35.64 6.83
N ASP D 76 24.86 -36.59 7.48
CA ASP D 76 24.85 -38.00 7.02
C ASP D 76 24.27 -38.09 5.60
N GLN D 77 23.23 -37.30 5.30
CA GLN D 77 22.51 -37.37 4.00
C GLN D 77 23.00 -36.29 3.02
N ALA D 78 23.98 -35.46 3.38
CA ALA D 78 24.40 -34.30 2.54
C ALA D 78 24.80 -34.84 1.16
N SER D 79 24.32 -34.23 0.09
CA SER D 79 24.66 -34.56 -1.32
C SER D 79 24.64 -33.26 -2.13
N GLY D 80 25.75 -32.91 -2.80
CA GLY D 80 25.85 -31.68 -3.62
C GLY D 80 26.15 -30.43 -2.79
N PHE D 81 26.52 -30.59 -1.52
CA PHE D 81 27.02 -29.47 -0.69
C PHE D 81 27.86 -30.06 0.43
N HIS D 82 28.71 -29.22 1.00
CA HIS D 82 29.53 -29.54 2.19
C HIS D 82 29.11 -28.58 3.30
N ILE D 83 29.31 -29.05 4.51
CA ILE D 83 29.01 -28.29 5.74
C ILE D 83 30.34 -27.81 6.26
N ARG D 84 30.55 -26.50 6.34
CA ARG D 84 31.74 -25.96 7.02
C ARG D 84 31.47 -26.10 8.51
N ALA D 85 30.33 -25.58 8.96
CA ALA D 85 29.93 -25.71 10.37
C ALA D 85 28.50 -25.23 10.54
N ILE D 86 27.89 -25.71 11.60
CA ILE D 86 26.54 -25.26 12.01
C ILE D 86 26.72 -24.51 13.31
N TRP D 87 26.16 -23.33 13.39
CA TRP D 87 26.21 -22.46 14.61
C TRP D 87 24.78 -22.23 15.08
N MET D 88 24.50 -22.55 16.33
CA MET D 88 23.19 -22.33 16.94
C MET D 88 23.41 -21.70 18.32
N ALA D 89 22.76 -20.57 18.54
CA ALA D 89 22.76 -19.84 19.81
C ALA D 89 21.41 -20.03 20.50
N ASP D 90 21.45 -20.14 21.82
CA ASP D 90 20.27 -19.93 22.67
C ASP D 90 19.94 -18.44 22.74
N VAL D 91 18.70 -18.09 22.46
CA VAL D 91 18.15 -16.74 22.68
C VAL D 91 18.48 -16.28 24.11
N ALA D 92 18.80 -15.01 24.30
CA ALA D 92 19.42 -14.46 25.52
C ALA D 92 18.60 -14.82 26.77
N SER D 93 17.29 -14.91 26.66
CA SER D 93 16.34 -15.07 27.78
C SER D 93 15.95 -16.55 28.00
N MET D 94 16.56 -17.49 27.28
CA MET D 94 16.12 -18.89 27.24
C MET D 94 17.31 -19.85 27.38
N ASN D 95 17.03 -21.07 27.83
CA ASN D 95 17.95 -22.22 27.68
C ASN D 95 19.26 -21.85 28.41
N GLN D 96 20.43 -22.14 27.85
CA GLN D 96 21.72 -21.88 28.55
C GLN D 96 22.03 -20.37 28.66
N SER D 97 21.68 -19.59 27.65
CA SER D 97 21.89 -18.12 27.64
C SER D 97 21.15 -17.52 28.84
N GLY D 98 19.91 -17.96 29.09
CA GLY D 98 19.07 -17.43 30.16
C GLY D 98 19.71 -17.68 31.52
N ILE D 99 20.34 -18.83 31.67
CA ILE D 99 21.09 -19.17 32.91
C ILE D 99 22.24 -18.17 33.05
N HIS D 100 23.06 -18.00 32.02
CA HIS D 100 24.19 -17.03 32.08
C HIS D 100 23.66 -15.62 32.40
N ASN D 101 22.49 -15.23 31.85
CA ASN D 101 21.95 -13.86 31.99
C ASN D 101 20.96 -13.72 33.15
N GLU D 102 20.80 -14.73 34.01
CA GLU D 102 19.62 -14.84 34.92
C GLU D 102 19.53 -13.63 35.87
N ASP D 103 20.65 -12.99 36.21
CA ASP D 103 20.64 -11.82 37.12
C ASP D 103 20.36 -10.51 36.36
N LYS D 104 20.28 -10.55 35.03
CA LYS D 104 20.09 -9.32 34.20
C LYS D 104 18.75 -9.34 33.45
N LEU D 105 18.09 -10.50 33.34
CA LEU D 105 16.82 -10.63 32.60
C LEU D 105 15.69 -9.97 33.37
N SER D 106 14.68 -9.52 32.65
CA SER D 106 13.43 -8.98 33.21
C SER D 106 12.27 -9.36 32.30
N MET D 107 11.07 -8.90 32.62
CA MET D 107 9.81 -9.47 32.07
C MET D 107 9.40 -8.77 30.76
N ASP D 108 10.25 -8.84 29.74
CA ASP D 108 9.88 -8.46 28.35
C ASP D 108 10.84 -9.19 27.41
N CYS D 109 10.51 -9.17 26.13
CA CYS D 109 11.24 -9.90 25.08
C CYS D 109 10.77 -9.35 23.72
N SER D 110 11.73 -8.87 22.92
CA SER D 110 11.51 -8.59 21.49
C SER D 110 12.25 -9.65 20.68
N TRP D 111 11.58 -10.25 19.71
CA TRP D 111 12.27 -11.26 18.87
C TRP D 111 13.39 -10.58 18.07
N MET D 112 13.25 -9.27 17.80
CA MET D 112 14.19 -8.55 16.91
C MET D 112 15.59 -8.53 17.53
N ASP D 113 15.69 -8.56 18.86
CA ASP D 113 17.00 -8.51 19.56
C ASP D 113 17.87 -9.69 19.13
N HIS D 114 17.32 -10.90 19.02
CA HIS D 114 18.11 -12.10 18.64
C HIS D 114 18.65 -11.95 17.22
N ALA D 115 17.92 -11.26 16.33
CA ALA D 115 18.41 -10.99 14.95
C ALA D 115 19.69 -10.15 15.05
N ARG D 116 19.68 -9.12 15.91
CA ARG D 116 20.87 -8.26 16.09
C ARG D 116 21.98 -9.03 16.83
N ASP D 117 21.64 -9.84 17.82
CA ASP D 117 22.59 -10.70 18.55
C ASP D 117 23.31 -11.60 17.52
N LEU D 118 22.59 -12.17 16.57
CA LEU D 118 23.19 -13.11 15.58
C LEU D 118 24.06 -12.32 14.60
N LEU D 119 23.63 -11.11 14.22
CA LEU D 119 24.47 -10.28 13.32
C LEU D 119 25.83 -10.05 14.00
N LEU D 120 25.83 -9.68 15.27
CA LEU D 120 27.07 -9.48 16.06
C LEU D 120 27.90 -10.77 16.11
N MET D 121 27.26 -11.89 16.41
CA MET D 121 27.94 -13.21 16.48
C MET D 121 28.66 -13.50 15.16
N ILE D 122 28.00 -13.28 14.04
CA ILE D 122 28.58 -13.58 12.70
C ILE D 122 29.81 -12.69 12.46
N ASN D 123 29.75 -11.42 12.84
CA ASN D 123 30.87 -10.48 12.69
C ASN D 123 32.03 -10.90 13.60
N HIS D 124 31.71 -11.36 14.82
CA HIS D 124 32.72 -11.85 15.77
C HIS D 124 33.46 -13.06 15.14
N PHE D 125 32.75 -13.97 14.52
CA PHE D 125 33.33 -15.24 13.99
C PHE D 125 33.52 -15.17 12.49
N ARG D 126 33.64 -13.97 11.92
CA ARG D 126 33.64 -13.80 10.45
C ARG D 126 34.75 -14.63 9.78
N ASP D 127 35.92 -14.78 10.41
CA ASP D 127 37.08 -15.50 9.81
C ASP D 127 36.73 -16.97 9.57
N GLN D 128 35.78 -17.54 10.33
CA GLN D 128 35.34 -18.95 10.19
C GLN D 128 34.03 -19.04 9.39
N MET D 129 33.52 -17.92 8.89
CA MET D 129 32.20 -17.85 8.22
C MET D 129 32.30 -17.13 6.87
N PRO D 130 33.10 -17.64 5.92
CA PRO D 130 33.06 -17.14 4.55
C PRO D 130 31.72 -17.52 3.89
N ARG D 131 31.38 -16.87 2.78
CA ARG D 131 30.21 -17.26 2.00
C ARG D 131 30.42 -18.69 1.49
N PRO D 132 29.38 -19.49 1.27
CA PRO D 132 27.98 -19.10 1.53
C PRO D 132 27.51 -19.35 2.98
N LEU D 133 26.65 -18.46 3.48
CA LEU D 133 25.90 -18.68 4.75
C LEU D 133 24.46 -19.06 4.38
N VAL D 134 23.87 -19.92 5.19
CA VAL D 134 22.46 -20.35 5.06
C VAL D 134 21.84 -20.22 6.45
N GLY D 135 20.63 -19.67 6.51
CA GLY D 135 19.88 -19.52 7.74
C GLY D 135 18.89 -20.65 7.90
N ILE D 136 18.75 -21.18 9.13
CA ILE D 136 17.72 -22.18 9.51
C ILE D 136 16.99 -21.62 10.74
N GLY D 137 15.66 -21.52 10.68
CA GLY D 137 14.87 -21.04 11.82
C GLY D 137 13.62 -21.87 12.01
N HIS D 138 13.43 -22.35 13.23
CA HIS D 138 12.24 -23.10 13.69
C HIS D 138 11.33 -22.15 14.47
N ALA D 139 10.05 -22.07 14.06
CA ALA D 139 9.00 -21.42 14.87
C ALA D 139 9.33 -19.95 15.04
N PHE D 140 9.41 -19.39 16.25
CA PHE D 140 9.75 -17.94 16.35
C PHE D 140 11.18 -17.75 15.83
N GLY D 141 12.03 -18.78 15.84
CA GLY D 141 13.35 -18.72 15.20
C GLY D 141 13.23 -18.50 13.70
N GLY D 142 12.18 -19.03 13.06
CA GLY D 142 11.91 -18.78 11.62
C GLY D 142 11.63 -17.30 11.37
N ASN D 143 10.89 -16.68 12.26
CA ASN D 143 10.64 -15.22 12.24
C ASN D 143 11.96 -14.49 12.41
N ILE D 144 12.75 -14.88 13.41
CA ILE D 144 14.01 -14.18 13.74
C ILE D 144 14.96 -14.23 12.55
N ILE D 145 15.17 -15.41 11.96
CA ILE D 145 16.20 -15.54 10.90
C ILE D 145 15.73 -14.73 9.68
N THR D 146 14.44 -14.62 9.47
CA THR D 146 13.88 -13.79 8.37
C THR D 146 14.20 -12.31 8.65
N ASN D 147 14.02 -11.86 9.89
CA ASN D 147 14.36 -10.45 10.27
C ASN D 147 15.87 -10.23 10.14
N LEU D 148 16.71 -11.23 10.44
CA LEU D 148 18.17 -11.11 10.18
C LEU D 148 18.40 -10.89 8.67
N ALA D 149 17.69 -11.62 7.79
CA ALA D 149 17.82 -11.43 6.33
C ALA D 149 17.35 -10.01 5.95
N TYR D 150 16.36 -9.45 6.64
CA TYR D 150 15.92 -8.05 6.43
C TYR D 150 17.04 -7.08 6.85
N LEU D 151 17.74 -7.38 7.94
CA LEU D 151 18.84 -6.52 8.47
C LEU D 151 20.01 -6.53 7.49
N HIS D 152 20.21 -7.63 6.77
CA HIS D 152 21.42 -7.84 5.93
C HIS D 152 21.04 -8.73 4.74
N PRO D 153 20.38 -8.13 3.71
CA PRO D 153 19.79 -8.88 2.62
C PRO D 153 20.68 -9.90 1.92
N ARG D 154 21.98 -9.59 1.72
CA ARG D 154 22.88 -10.46 0.94
C ARG D 154 23.65 -11.40 1.87
N LEU D 155 23.40 -11.38 3.16
CA LEU D 155 24.12 -12.27 4.13
C LEU D 155 23.88 -13.76 3.79
N PHE D 156 22.63 -14.16 3.60
CA PHE D 156 22.26 -15.59 3.42
C PHE D 156 22.00 -15.86 1.94
N THR D 157 22.54 -16.98 1.46
CA THR D 157 22.27 -17.52 0.11
C THR D 157 20.84 -18.03 0.09
N THR D 158 20.37 -18.64 1.19
CA THR D 158 19.02 -19.23 1.27
C THR D 158 18.64 -19.36 2.72
N LEU D 159 17.34 -19.46 2.95
CA LEU D 159 16.75 -19.73 4.26
C LEU D 159 15.98 -21.04 4.21
N LEU D 160 16.05 -21.80 5.29
CA LEU D 160 15.24 -22.99 5.59
C LEU D 160 14.34 -22.60 6.77
N LEU D 161 13.05 -22.39 6.54
CA LEU D 161 12.12 -22.01 7.61
C LEU D 161 11.31 -23.24 7.99
N LEU D 162 11.39 -23.61 9.27
CA LEU D 162 10.67 -24.80 9.82
C LEU D 162 9.51 -24.29 10.66
N ASP D 163 8.29 -24.41 10.13
CA ASP D 163 7.06 -23.90 10.79
C ASP D 163 7.28 -22.50 11.33
N PRO D 164 7.68 -21.53 10.48
CA PRO D 164 8.01 -20.19 10.94
C PRO D 164 6.79 -19.41 11.41
N LEU D 165 6.96 -18.65 12.50
CA LEU D 165 5.87 -17.84 13.06
C LEU D 165 5.80 -16.50 12.32
N ILE D 166 5.27 -16.55 11.11
CA ILE D 166 5.09 -15.41 10.19
C ILE D 166 3.65 -15.50 9.67
N GLN D 167 2.79 -14.62 10.17
CA GLN D 167 1.36 -14.60 9.83
C GLN D 167 0.79 -13.27 10.32
N LEU D 168 -0.47 -13.00 10.00
CA LEU D 168 -1.13 -11.72 10.28
C LEU D 168 -1.98 -11.82 11.55
N SER D 169 -2.66 -12.95 11.77
CA SER D 169 -3.65 -13.11 12.86
C SER D 169 -2.99 -13.31 14.20
N PRO D 170 -3.55 -12.66 15.24
CA PRO D 170 -3.12 -12.90 16.61
C PRO D 170 -3.33 -14.37 16.93
N PRO D 171 -2.59 -14.93 17.91
CA PRO D 171 -2.87 -16.29 18.39
C PRO D 171 -4.22 -16.34 19.11
N SER D 172 -4.82 -17.53 19.19
CA SER D 172 -5.96 -17.76 20.11
C SER D 172 -5.43 -17.63 21.53
N LEU D 173 -6.19 -16.94 22.39
CA LEU D 173 -5.79 -16.65 23.79
C LEU D 173 -6.98 -16.91 24.74
N GLY D 174 -8.00 -17.64 24.29
CA GLY D 174 -9.18 -17.94 25.13
C GLY D 174 -10.08 -16.76 25.39
N PHE D 175 -9.98 -15.66 24.62
CA PHE D 175 -10.96 -14.54 24.72
C PHE D 175 -12.32 -14.97 24.16
N GLY D 176 -13.40 -14.54 24.80
CA GLY D 176 -14.79 -14.83 24.40
C GLY D 176 -14.99 -16.32 24.23
N THR D 177 -15.36 -16.79 23.04
CA THR D 177 -15.63 -18.23 22.78
C THR D 177 -14.35 -18.97 22.36
N ASP D 178 -13.25 -18.26 22.14
CA ASP D 178 -12.01 -18.89 21.62
C ASP D 178 -11.49 -19.93 22.62
N ALA D 179 -10.94 -21.01 22.08
CA ALA D 179 -10.22 -22.03 22.84
C ALA D 179 -8.96 -21.40 23.43
N PRO D 180 -8.59 -21.70 24.68
CA PRO D 180 -7.26 -21.40 25.21
C PRO D 180 -6.19 -22.09 24.36
N SER D 181 -5.04 -21.44 24.17
CA SER D 181 -3.90 -21.96 23.38
C SER D 181 -2.74 -22.39 24.29
N ALA D 182 -1.62 -22.80 23.70
CA ALA D 182 -0.35 -23.09 24.41
C ALA D 182 0.03 -21.88 25.27
N ILE D 183 -0.39 -20.68 24.90
CA ILE D 183 -0.01 -19.44 25.64
C ILE D 183 -0.75 -19.43 26.99
N ASN D 184 -2.05 -19.66 27.01
CA ASN D 184 -2.81 -19.84 28.28
C ASN D 184 -2.12 -20.90 29.13
N TYR D 185 -1.78 -22.02 28.50
CA TYR D 185 -1.14 -23.16 29.20
C TYR D 185 0.14 -22.64 29.86
N THR D 186 0.92 -21.82 29.14
CA THR D 186 2.26 -21.38 29.59
C THR D 186 2.15 -20.57 30.89
N LEU D 187 1.18 -19.65 30.98
CA LEU D 187 1.05 -18.80 32.17
C LEU D 187 0.74 -19.66 33.39
N TRP D 188 -0.17 -20.61 33.25
CA TRP D 188 -0.79 -21.31 34.40
C TRP D 188 -0.06 -22.62 34.75
N ARG D 189 0.86 -23.09 33.93
CA ARG D 189 1.41 -24.47 34.02
C ARG D 189 2.21 -24.61 35.33
N ASP D 190 2.24 -25.82 35.88
CA ASP D 190 3.22 -26.18 36.93
C ASP D 190 4.61 -25.92 36.38
N ASP D 191 5.52 -25.43 37.22
CA ASP D 191 6.90 -25.16 36.80
C ASP D 191 7.96 -25.67 37.80
N VAL D 192 7.58 -26.49 38.78
CA VAL D 192 8.57 -27.09 39.72
C VAL D 192 8.07 -28.45 40.18
N TRP D 193 8.97 -29.42 40.33
CA TRP D 193 8.62 -30.84 40.59
C TRP D 193 9.59 -31.41 41.62
N PRO D 194 9.14 -32.43 42.39
CA PRO D 194 10.01 -33.03 43.41
C PRO D 194 11.25 -33.74 42.85
N SER D 195 11.20 -34.18 41.60
CA SER D 195 12.29 -34.94 40.95
C SER D 195 12.26 -34.72 39.44
N ARG D 196 13.37 -34.97 38.76
CA ARG D 196 13.42 -34.91 37.27
C ARG D 196 12.48 -35.97 36.70
N GLU D 197 12.38 -37.15 37.30
CA GLU D 197 11.49 -38.23 36.79
C GLU D 197 10.05 -37.73 36.80
N VAL D 198 9.62 -37.03 37.84
CA VAL D 198 8.24 -36.48 37.92
C VAL D 198 8.08 -35.35 36.88
N ALA D 199 9.09 -34.48 36.75
CA ALA D 199 9.04 -33.36 35.79
C ALA D 199 8.87 -33.91 34.36
N ILE D 200 9.59 -34.97 34.01
CA ILE D 200 9.47 -35.60 32.67
C ILE D 200 8.01 -36.03 32.43
N ARG D 201 7.38 -36.74 33.38
CA ARG D 201 5.98 -37.21 33.19
C ARG D 201 5.05 -35.99 33.06
N ALA D 202 5.23 -34.95 33.87
CA ALA D 202 4.37 -33.75 33.83
C ALA D 202 4.52 -33.01 32.48
N ASN D 203 5.58 -33.30 31.70
CA ASN D 203 5.85 -32.55 30.45
C ASN D 203 5.70 -33.49 29.23
N ARG D 204 4.93 -34.56 29.37
CA ARG D 204 4.81 -35.60 28.30
C ARG D 204 4.22 -35.05 27.01
N ALA D 205 3.36 -34.03 27.04
CA ALA D 205 2.74 -33.45 25.81
C ALA D 205 3.84 -32.95 24.85
N ILE D 206 4.81 -32.19 25.38
CA ILE D 206 5.87 -31.56 24.52
C ILE D 206 6.82 -32.65 24.01
N MET D 207 6.86 -33.82 24.65
CA MET D 207 7.86 -34.87 24.32
C MET D 207 7.25 -36.00 23.47
N GLN D 208 5.93 -36.01 23.28
CA GLN D 208 5.27 -37.20 22.65
C GLN D 208 5.72 -37.32 21.19
N GLY D 209 6.14 -38.50 20.78
CA GLY D 209 6.62 -38.79 19.42
C GLY D 209 8.04 -38.33 19.16
N MET D 210 8.74 -37.74 20.15
CA MET D 210 10.14 -37.29 19.93
C MET D 210 11.02 -38.48 19.59
N ASP D 211 11.91 -38.30 18.62
CA ASP D 211 13.07 -39.19 18.33
C ASP D 211 13.79 -39.46 19.66
N PRO D 212 14.19 -40.72 19.95
CA PRO D 212 14.91 -41.02 21.20
C PRO D 212 16.12 -40.12 21.46
N ARG D 213 16.86 -39.75 20.41
CA ARG D 213 18.06 -38.86 20.56
C ARG D 213 17.60 -37.49 21.07
N CYS D 214 16.41 -37.03 20.68
CA CYS D 214 15.87 -35.70 21.13
C CYS D 214 15.33 -35.84 22.55
N LEU D 215 14.71 -36.97 22.88
CA LEU D 215 14.18 -37.23 24.24
C LEU D 215 15.30 -37.11 25.26
N ASP D 216 16.45 -37.76 25.05
CA ASP D 216 17.58 -37.71 26.01
C ASP D 216 18.01 -36.25 26.22
N ARG D 217 18.09 -35.46 25.16
CA ARG D 217 18.52 -34.04 25.27
C ARG D 217 17.44 -33.23 25.98
N MET D 218 16.17 -33.53 25.74
CA MET D 218 15.04 -32.84 26.40
C MET D 218 15.16 -33.08 27.91
N THR D 219 15.33 -34.34 28.36
CA THR D 219 15.29 -34.65 29.81
C THR D 219 16.51 -34.01 30.48
N LYS D 220 17.62 -33.84 29.76
CA LYS D 220 18.84 -33.22 30.30
C LYS D 220 18.70 -31.68 30.34
N HIS D 221 18.19 -31.05 29.27
CA HIS D 221 18.31 -29.57 29.12
C HIS D 221 17.04 -28.83 29.54
N PHE D 222 15.86 -29.45 29.41
CA PHE D 222 14.58 -28.73 29.62
C PHE D 222 14.37 -28.47 31.11
N PHE D 223 15.03 -29.20 32.01
CA PHE D 223 14.88 -29.07 33.47
C PHE D 223 16.22 -28.73 34.09
N ARG D 224 16.12 -27.95 35.17
CA ARG D 224 17.28 -27.49 35.96
C ARG D 224 17.07 -27.83 37.44
N ASP D 225 18.08 -28.38 38.09
CA ASP D 225 18.04 -28.63 39.56
C ASP D 225 17.93 -27.30 40.31
N LEU D 226 17.12 -27.25 41.33
CA LEU D 226 17.09 -26.12 42.29
C LEU D 226 18.46 -26.11 42.96
N PRO D 227 18.95 -24.96 43.48
CA PRO D 227 18.22 -23.70 43.42
C PRO D 227 18.41 -22.89 42.12
N THR D 228 17.41 -22.07 41.79
CA THR D 228 17.45 -21.07 40.71
C THR D 228 16.98 -19.75 41.31
N PRO D 229 17.18 -18.60 40.65
CA PRO D 229 16.60 -17.34 41.15
C PRO D 229 15.10 -17.43 41.49
N LEU D 230 14.31 -18.10 40.64
CA LEU D 230 12.84 -18.19 40.85
C LEU D 230 12.54 -19.12 42.03
N TYR D 231 13.35 -20.16 42.22
CA TYR D 231 13.19 -21.21 43.27
C TYR D 231 14.51 -21.33 44.02
N PRO D 232 14.86 -20.32 44.86
CA PRO D 232 16.19 -20.27 45.48
C PRO D 232 16.34 -21.16 46.72
N ASP D 233 15.26 -21.80 47.17
CA ASP D 233 15.25 -22.54 48.46
C ASP D 233 14.87 -24.01 48.22
N VAL D 234 15.87 -24.87 48.12
CA VAL D 234 15.69 -26.34 47.89
C VAL D 234 14.81 -26.91 49.01
N GLU D 235 15.12 -26.61 50.27
CA GLU D 235 14.46 -27.27 51.43
C GLU D 235 13.01 -26.85 51.52
N ALA D 236 12.71 -25.58 51.24
CA ALA D 236 11.32 -25.06 51.23
C ALA D 236 10.47 -25.85 50.22
N ILE D 237 11.04 -26.20 49.06
CA ILE D 237 10.31 -26.94 47.99
C ILE D 237 10.21 -28.43 48.34
N LYS D 238 11.26 -29.04 48.91
CA LYS D 238 11.16 -30.42 49.42
C LYS D 238 10.07 -30.50 50.49
N ALA D 239 9.95 -29.47 51.34
CA ALA D 239 8.92 -29.40 52.40
C ALA D 239 7.54 -29.32 51.74
N LEU D 240 7.39 -28.46 50.73
CA LEU D 240 6.10 -28.31 50.00
C LEU D 240 5.67 -29.68 49.45
N PHE D 241 6.59 -30.46 48.89
CA PHE D 241 6.26 -31.74 48.22
C PHE D 241 6.28 -32.91 49.21
N GLY D 242 6.70 -32.68 50.47
CA GLY D 242 6.85 -33.71 51.51
C GLY D 242 7.96 -34.70 51.18
N THR D 243 9.07 -34.26 50.58
CA THR D 243 10.21 -35.15 50.20
C THR D 243 11.44 -34.83 51.07
N THR D 244 11.28 -34.08 52.16
CA THR D 244 12.39 -33.65 53.06
C THR D 244 13.27 -34.82 53.52
N ALA D 245 12.66 -35.98 53.82
CA ALA D 245 13.36 -37.15 54.37
C ALA D 245 14.16 -37.85 53.27
N ASP D 246 13.87 -37.55 52.01
CA ASP D 246 14.39 -38.34 50.86
C ASP D 246 15.64 -37.63 50.30
N SER D 247 16.83 -38.09 50.69
CA SER D 247 18.13 -37.53 50.26
C SER D 247 18.44 -37.88 48.79
N THR D 248 17.66 -38.75 48.17
CA THR D 248 17.96 -39.31 46.81
C THR D 248 17.30 -38.47 45.69
N THR D 249 16.39 -37.56 46.02
CA THR D 249 15.65 -36.75 45.01
C THR D 249 15.99 -35.28 45.18
N THR D 250 16.24 -34.58 44.09
CA THR D 250 16.46 -33.12 44.04
C THR D 250 15.34 -32.52 43.21
N PRO D 251 14.62 -31.51 43.73
CA PRO D 251 13.57 -30.87 42.96
C PRO D 251 14.22 -30.19 41.73
N VAL D 252 13.42 -30.10 40.66
CA VAL D 252 13.83 -29.44 39.41
C VAL D 252 12.76 -28.41 39.04
N THR D 253 13.15 -27.42 38.22
CA THR D 253 12.25 -26.42 37.63
C THR D 253 12.54 -26.34 36.13
N LEU D 254 11.68 -25.66 35.39
CA LEU D 254 11.90 -25.38 33.95
C LEU D 254 13.19 -24.57 33.80
N THR D 255 14.11 -25.04 32.99
CA THR D 255 15.37 -24.32 32.68
C THR D 255 15.05 -22.94 32.13
N THR D 256 14.15 -22.88 31.14
CA THR D 256 13.56 -21.60 30.70
C THR D 256 12.33 -21.37 31.57
N PRO D 257 12.33 -20.38 32.47
CA PRO D 257 11.16 -20.13 33.31
C PRO D 257 9.94 -19.94 32.41
N LYS D 258 8.79 -20.43 32.87
CA LYS D 258 7.54 -20.29 32.09
C LYS D 258 7.32 -18.84 31.73
N TYR D 259 7.74 -17.90 32.59
CA TYR D 259 7.50 -16.45 32.38
C TYR D 259 8.30 -15.98 31.15
N HIS D 260 9.48 -16.54 30.91
CA HIS D 260 10.34 -16.14 29.77
C HIS D 260 9.81 -16.77 28.49
N GLU D 261 9.20 -17.97 28.56
CA GLU D 261 8.46 -18.49 27.39
C GLU D 261 7.29 -17.53 27.12
N LEU D 262 6.55 -17.18 28.17
CA LEU D 262 5.30 -16.41 28.02
C LEU D 262 5.57 -15.07 27.34
N VAL D 263 6.53 -14.31 27.84
CA VAL D 263 6.77 -12.92 27.34
C VAL D 263 7.43 -12.94 25.97
N ALA D 264 7.86 -14.10 25.48
CA ALA D 264 8.30 -14.33 24.08
C ALA D 264 7.10 -14.71 23.22
N GLN D 265 6.16 -15.49 23.75
CA GLN D 265 4.95 -15.94 23.00
C GLN D 265 4.02 -14.75 22.78
N ILE D 266 3.97 -13.82 23.71
CA ILE D 266 2.92 -12.77 23.70
C ILE D 266 3.38 -11.61 24.58
N ARG D 267 2.87 -10.42 24.32
CA ARG D 267 3.30 -9.19 25.01
C ARG D 267 2.05 -8.52 25.58
N GLN D 268 2.18 -7.95 26.77
CA GLN D 268 1.08 -7.18 27.39
C GLN D 268 0.72 -6.00 26.49
N ASN D 269 -0.58 -5.78 26.37
CA ASN D 269 -1.21 -4.58 25.76
C ASN D 269 -2.27 -4.07 26.76
N PHE D 270 -1.85 -3.69 27.95
CA PHE D 270 -2.77 -3.40 29.09
C PHE D 270 -3.24 -1.92 29.07
N ASN D 271 -2.84 -1.11 28.10
CA ASN D 271 -3.12 0.35 28.15
C ASN D 271 -3.47 0.89 26.75
N ALA D 272 -4.28 0.20 25.94
CA ALA D 272 -4.52 0.61 24.54
C ALA D 272 -5.78 1.51 24.40
N ARG D 273 -6.67 1.52 25.38
CA ARG D 273 -7.99 2.21 25.25
C ARG D 273 -8.00 3.52 26.05
N ASP D 274 -8.37 4.63 25.38
CA ASP D 274 -8.75 5.91 26.05
C ASP D 274 -9.89 5.59 27.02
N PRO D 275 -9.72 5.85 28.34
CA PRO D 275 -10.72 5.44 29.33
C PRO D 275 -12.04 6.20 29.15
N LYS D 276 -11.98 7.38 28.52
CA LYS D 276 -13.14 8.29 28.28
C LYS D 276 -13.95 7.78 27.07
N THR D 277 -13.32 7.73 25.88
CA THR D 277 -14.00 7.41 24.59
C THR D 277 -14.15 5.89 24.44
N GLY D 278 -13.37 5.08 25.16
CA GLY D 278 -13.23 3.63 24.93
C GLY D 278 -12.53 3.32 23.61
N ARG D 279 -12.03 4.35 22.93
CA ARG D 279 -11.37 4.17 21.60
C ARG D 279 -9.93 3.67 21.77
N ILE D 280 -9.50 2.78 20.87
CA ILE D 280 -8.07 2.37 20.81
C ILE D 280 -7.22 3.59 20.42
N GLU D 281 -6.21 3.87 21.22
CA GLU D 281 -5.18 4.92 20.98
C GLU D 281 -3.85 4.27 21.32
N VAL D 282 -3.09 3.88 20.31
CA VAL D 282 -1.82 3.13 20.55
C VAL D 282 -0.88 4.05 21.34
N PRO D 283 -0.41 3.63 22.52
CA PRO D 283 0.55 4.44 23.28
C PRO D 283 1.96 4.24 22.72
N ARG D 284 2.48 5.30 22.08
CA ARG D 284 3.71 5.23 21.27
C ARG D 284 4.95 5.11 22.16
N ASP D 285 4.88 5.51 23.41
CA ASP D 285 6.02 5.38 24.35
C ASP D 285 6.35 3.88 24.56
N THR D 286 5.37 3.00 24.58
CA THR D 286 5.55 1.56 24.93
C THR D 286 5.17 0.62 23.79
N HIS D 287 4.24 1.01 22.91
CA HIS D 287 3.60 0.11 21.92
C HIS D 287 3.59 0.75 20.52
N ALA D 288 4.64 1.49 20.14
CA ALA D 288 4.70 2.14 18.81
C ALA D 288 4.63 1.04 17.74
N ASP D 289 5.13 -0.16 18.04
CA ASP D 289 5.17 -1.30 17.07
C ASP D 289 3.83 -2.05 16.97
N MET D 290 2.78 -1.58 17.65
CA MET D 290 1.48 -2.32 17.67
C MET D 290 0.54 -1.76 16.59
N ASP D 291 0.06 -2.64 15.72
CA ASP D 291 -1.00 -2.31 14.74
C ASP D 291 -2.28 -2.05 15.52
N PRO D 292 -2.92 -0.86 15.39
CA PRO D 292 -4.19 -0.58 16.07
C PRO D 292 -5.26 -1.65 15.81
N LEU D 293 -5.21 -2.27 14.63
CA LEU D 293 -6.16 -3.34 14.27
C LEU D 293 -6.04 -4.57 15.19
N VAL D 294 -4.91 -4.80 15.89
CA VAL D 294 -4.78 -5.99 16.80
C VAL D 294 -4.85 -5.54 18.26
N ALA D 295 -5.08 -4.27 18.55
CA ALA D 295 -4.99 -3.67 19.91
C ALA D 295 -6.32 -3.80 20.67
N TYR D 296 -7.34 -4.43 20.07
CA TYR D 296 -8.71 -4.66 20.62
C TYR D 296 -8.66 -5.66 21.77
N ILE D 297 -7.58 -6.45 21.89
CA ILE D 297 -7.37 -7.39 23.03
C ILE D 297 -6.12 -6.96 23.76
N PRO D 298 -6.07 -7.24 25.09
CA PRO D 298 -4.99 -6.73 25.95
C PRO D 298 -3.67 -7.52 25.89
N LEU D 299 -3.49 -8.29 24.81
CA LEU D 299 -2.25 -9.04 24.51
C LEU D 299 -2.02 -8.97 23.00
N TYR D 300 -0.77 -8.90 22.59
CA TYR D 300 -0.42 -8.85 21.15
C TYR D 300 0.97 -9.44 20.93
N ARG D 301 1.27 -9.72 19.68
CA ARG D 301 2.61 -10.14 19.24
C ARG D 301 2.90 -9.46 17.91
N PRO D 302 3.78 -8.44 17.87
CA PRO D 302 3.94 -7.62 16.66
C PRO D 302 4.71 -8.31 15.52
N GLU D 303 5.68 -9.15 15.86
CA GLU D 303 6.71 -9.58 14.86
C GLU D 303 6.14 -10.49 13.80
N PRO D 304 5.21 -11.44 14.08
CA PRO D 304 4.66 -12.25 13.00
C PRO D 304 4.08 -11.36 11.89
N ARG D 305 3.33 -10.34 12.30
CA ARG D 305 2.57 -9.45 11.39
C ARG D 305 3.51 -8.50 10.65
N SER D 306 4.45 -7.81 11.34
CA SER D 306 5.42 -6.93 10.65
C SER D 306 6.22 -7.75 9.62
N THR D 307 6.62 -8.94 10.00
CA THR D 307 7.52 -9.80 9.19
C THR D 307 6.76 -10.22 7.94
N PHE D 308 5.51 -10.64 8.10
CA PHE D 308 4.63 -11.04 6.99
C PHE D 308 4.55 -9.90 5.96
N ARG D 309 4.32 -8.70 6.45
CA ARG D 309 4.07 -7.53 5.60
C ARG D 309 5.31 -7.14 4.79
N ARG D 310 6.50 -7.55 5.21
CA ARG D 310 7.76 -7.21 4.52
C ARG D 310 8.24 -8.39 3.65
N LEU D 311 7.51 -9.52 3.60
CA LEU D 311 7.97 -10.75 2.88
C LEU D 311 8.29 -10.47 1.40
N GLU D 312 7.60 -9.56 0.74
CA GLU D 312 7.88 -9.32 -0.72
C GLU D 312 9.32 -8.83 -0.88
N THR D 313 9.94 -8.25 0.15
CA THR D 313 11.31 -7.67 0.10
C THR D 313 12.36 -8.73 0.46
N LEU D 314 11.99 -9.94 0.87
CA LEU D 314 12.98 -10.94 1.36
C LEU D 314 13.94 -11.33 0.22
N ARG D 315 15.25 -11.10 0.41
CA ARG D 315 16.26 -11.30 -0.64
C ARG D 315 16.62 -12.76 -0.85
N PRO D 316 17.01 -13.53 0.19
CA PRO D 316 17.38 -14.92 -0.02
C PRO D 316 16.22 -15.73 -0.59
N SER D 317 16.58 -16.75 -1.36
CA SER D 317 15.63 -17.82 -1.70
C SER D 317 15.12 -18.43 -0.38
N CYS D 318 13.97 -19.05 -0.39
CA CYS D 318 13.34 -19.44 0.90
C CYS D 318 12.54 -20.71 0.73
N LEU D 319 12.90 -21.71 1.54
CA LEU D 319 12.15 -22.99 1.69
C LEU D 319 11.24 -22.88 2.91
N TRP D 320 9.95 -23.05 2.73
CA TRP D 320 8.94 -23.05 3.82
C TRP D 320 8.52 -24.49 4.10
N VAL D 321 9.08 -25.08 5.15
CA VAL D 321 8.76 -26.47 5.58
C VAL D 321 7.67 -26.34 6.65
N ILE D 322 6.47 -26.79 6.33
CA ILE D 322 5.28 -26.71 7.21
C ILE D 322 4.87 -28.10 7.69
N ALA D 323 4.61 -28.19 9.00
CA ALA D 323 4.12 -29.41 9.67
C ALA D 323 2.75 -29.76 9.14
N GLY D 324 2.62 -31.03 8.75
CA GLY D 324 1.35 -31.73 8.44
C GLY D 324 0.20 -31.36 9.37
N ALA D 325 0.43 -31.20 10.67
CA ALA D 325 -0.59 -30.79 11.64
C ALA D 325 0.01 -29.67 12.52
N THR D 326 -0.06 -28.42 12.09
CA THR D 326 0.69 -27.29 12.69
C THR D 326 -0.24 -26.49 13.59
N PHE D 327 0.33 -25.62 14.42
CA PHE D 327 -0.33 -24.65 15.32
C PHE D 327 -0.50 -23.32 14.55
N LEU D 328 0.22 -23.15 13.44
CA LEU D 328 0.24 -21.90 12.65
C LEU D 328 -1.09 -21.73 11.92
N ASN D 329 -1.40 -20.49 11.53
CA ASN D 329 -2.48 -20.18 10.57
C ASN D 329 -1.98 -20.58 9.17
N ILE D 330 -2.24 -21.83 8.78
CA ILE D 330 -1.59 -22.40 7.58
C ILE D 330 -2.04 -21.63 6.32
N ASP D 331 -3.29 -21.17 6.27
CA ASP D 331 -3.80 -20.41 5.09
C ASP D 331 -3.05 -19.07 4.97
N GLU D 332 -2.82 -18.37 6.08
CA GLU D 332 -2.04 -17.10 6.04
C GLU D 332 -0.61 -17.43 5.60
N ILE D 333 0.01 -18.48 6.16
CA ILE D 333 1.39 -18.89 5.77
C ILE D 333 1.46 -19.07 4.25
N ARG D 334 0.47 -19.70 3.64
CA ARG D 334 0.48 -19.99 2.19
C ARG D 334 0.36 -18.70 1.39
N GLU D 335 -0.36 -17.69 1.90
CA GLU D 335 -0.40 -16.36 1.24
C GLU D 335 0.99 -15.71 1.36
N GLY D 336 1.64 -15.84 2.52
CA GLY D 336 3.02 -15.35 2.70
C GLY D 336 3.96 -16.00 1.69
N VAL D 337 3.91 -17.30 1.52
CA VAL D 337 4.74 -18.04 0.51
C VAL D 337 4.53 -17.41 -0.86
N LYS D 338 3.27 -17.15 -1.23
CA LYS D 338 2.94 -16.62 -2.58
C LYS D 338 3.63 -15.27 -2.78
N ILE D 339 3.63 -14.39 -1.79
CA ILE D 339 4.19 -13.02 -1.98
C ILE D 339 5.70 -13.00 -1.70
N CYS D 340 6.22 -13.97 -0.97
CA CYS D 340 7.64 -14.01 -0.50
C CYS D 340 8.60 -13.68 -1.66
N GLY D 341 9.37 -12.61 -1.53
CA GLY D 341 10.43 -12.25 -2.51
C GLY D 341 9.92 -11.71 -3.82
N SER D 342 8.63 -11.36 -3.93
CA SER D 342 8.03 -10.99 -5.24
C SER D 342 8.18 -9.48 -5.50
N GLY D 343 8.65 -8.68 -4.54
CA GLY D 343 8.73 -7.23 -4.75
C GLY D 343 10.15 -6.70 -4.69
N ILE D 344 10.26 -5.43 -4.34
CA ILE D 344 11.56 -4.70 -4.43
C ILE D 344 12.44 -5.20 -3.29
N GLY D 345 13.68 -5.57 -3.58
CA GLY D 345 14.58 -6.21 -2.62
C GLY D 345 14.54 -7.74 -2.72
N GLY D 346 13.50 -8.31 -3.36
CA GLY D 346 13.12 -9.72 -3.21
C GLY D 346 13.93 -10.66 -4.13
N SER D 347 13.98 -11.93 -3.76
CA SER D 347 14.59 -13.05 -4.53
C SER D 347 14.02 -13.15 -5.96
N GLY D 348 12.76 -12.75 -6.17
CA GLY D 348 11.96 -13.12 -7.36
C GLY D 348 10.81 -14.04 -7.03
N GLY D 349 10.89 -14.72 -5.88
CA GLY D 349 9.77 -15.49 -5.32
C GLY D 349 9.40 -16.72 -6.14
N VAL D 350 8.15 -17.16 -5.97
CA VAL D 350 7.62 -18.42 -6.56
C VAL D 350 7.74 -18.35 -8.09
N PRO D 351 7.38 -17.24 -8.76
CA PRO D 351 7.45 -17.20 -10.23
C PRO D 351 8.86 -17.47 -10.80
N ASP D 352 9.91 -17.15 -10.04
CA ASP D 352 11.32 -17.39 -10.48
C ASP D 352 11.85 -18.70 -9.89
N GLY D 353 11.04 -19.47 -9.18
CA GLY D 353 11.49 -20.72 -8.54
C GLY D 353 12.41 -20.48 -7.36
N ARG D 354 12.32 -19.32 -6.69
CA ARG D 354 13.23 -18.95 -5.58
C ARG D 354 12.57 -19.20 -4.22
N VAL D 355 11.31 -19.61 -4.22
CA VAL D 355 10.52 -19.87 -3.00
C VAL D 355 9.73 -21.15 -3.23
N ARG D 356 9.70 -22.01 -2.23
CA ARG D 356 8.99 -23.31 -2.30
C ARG D 356 8.38 -23.61 -0.94
N GLU D 357 7.17 -24.16 -0.92
CA GLU D 357 6.53 -24.71 0.30
C GLU D 357 6.56 -26.23 0.22
N VAL D 358 6.85 -26.88 1.34
CA VAL D 358 6.74 -28.36 1.51
C VAL D 358 6.01 -28.65 2.84
N VAL D 359 5.08 -29.60 2.79
CA VAL D 359 4.28 -30.11 3.95
C VAL D 359 4.85 -31.44 4.37
N LEU D 360 5.30 -31.56 5.63
CA LEU D 360 6.06 -32.72 6.16
C LEU D 360 5.34 -33.46 7.31
N PRO D 361 5.64 -34.77 7.54
CA PRO D 361 5.14 -35.47 8.74
C PRO D 361 5.68 -34.75 9.98
N GLY D 362 4.82 -34.66 11.00
CA GLY D 362 5.12 -33.98 12.27
C GLY D 362 3.94 -33.08 12.66
N PHE D 363 3.94 -32.67 13.91
CA PHE D 363 2.92 -31.78 14.50
C PHE D 363 3.76 -30.73 15.23
N GLY D 364 4.33 -29.85 14.37
CA GLY D 364 4.58 -28.39 14.46
C GLY D 364 5.76 -27.94 15.31
N HIS D 365 5.39 -27.56 16.53
CA HIS D 365 6.36 -27.26 17.62
C HIS D 365 7.46 -28.35 17.66
N LEU D 366 7.16 -29.59 17.22
CA LEU D 366 8.08 -30.73 17.43
C LEU D 366 8.56 -31.34 16.11
N MET D 367 8.18 -30.91 14.90
CA MET D 367 8.51 -31.68 13.66
C MET D 367 10.04 -31.93 13.52
N PRO D 368 10.90 -30.96 13.88
CA PRO D 368 12.36 -31.13 13.74
C PRO D 368 12.94 -32.16 14.72
N PHE D 369 12.12 -32.64 15.66
CA PHE D 369 12.51 -33.61 16.71
C PHE D 369 11.73 -34.93 16.55
N GLN D 370 10.77 -35.02 15.62
CA GLN D 370 9.84 -36.19 15.55
C GLN D 370 10.06 -37.05 14.31
N GLU D 371 10.35 -36.48 13.15
CA GLU D 371 10.70 -37.21 11.90
C GLU D 371 11.98 -36.54 11.36
N VAL D 372 13.03 -36.62 12.17
CA VAL D 372 14.31 -35.93 11.94
C VAL D 372 14.81 -36.27 10.53
N LYS D 373 14.79 -37.54 10.14
CA LYS D 373 15.39 -37.99 8.86
C LYS D 373 14.64 -37.40 7.66
N THR D 374 13.32 -37.36 7.69
CA THR D 374 12.48 -36.78 6.61
C THR D 374 12.66 -35.25 6.53
N VAL D 375 12.71 -34.56 7.67
CA VAL D 375 12.97 -33.10 7.68
C VAL D 375 14.33 -32.83 7.03
N ALA D 376 15.38 -33.56 7.43
CA ALA D 376 16.73 -33.45 6.87
C ALA D 376 16.68 -33.67 5.35
N GLU D 377 15.99 -34.73 4.91
CA GLU D 377 15.89 -35.10 3.48
C GLU D 377 15.29 -33.93 2.68
N THR D 378 14.23 -33.32 3.19
CA THR D 378 13.53 -32.17 2.53
C THR D 378 14.53 -31.00 2.41
N CYS D 379 15.33 -30.76 3.44
CA CYS D 379 16.34 -29.67 3.47
C CYS D 379 17.41 -29.94 2.41
N ILE D 380 17.89 -31.18 2.34
CA ILE D 380 19.00 -31.56 1.42
C ILE D 380 18.61 -31.31 -0.03
N VAL D 381 17.38 -31.64 -0.41
CA VAL D 381 16.94 -31.51 -1.83
C VAL D 381 16.99 -30.03 -2.21
N TRP D 382 16.48 -29.15 -1.33
CA TRP D 382 16.52 -27.69 -1.57
C TRP D 382 17.95 -27.18 -1.60
N LEU D 383 18.77 -27.60 -0.64
CA LEU D 383 20.17 -27.14 -0.52
C LEU D 383 20.93 -27.50 -1.81
N GLN D 384 20.74 -28.70 -2.34
CA GLN D 384 21.53 -29.11 -3.53
C GLN D 384 21.10 -28.26 -4.72
N GLN D 385 19.81 -27.96 -4.88
CA GLN D 385 19.34 -27.09 -5.98
C GLN D 385 19.94 -25.69 -5.80
N GLU D 386 19.92 -25.15 -4.58
CA GLU D 386 20.40 -23.78 -4.32
C GLU D 386 21.91 -23.74 -4.52
N MET D 387 22.64 -24.77 -4.12
CA MET D 387 24.11 -24.77 -4.25
C MET D 387 24.53 -24.93 -5.72
N ASP D 388 23.79 -25.69 -6.53
CA ASP D 388 24.01 -25.72 -8.01
C ASP D 388 23.87 -24.30 -8.56
N ARG D 389 22.80 -23.59 -8.19
CA ARG D 389 22.57 -22.19 -8.64
C ARG D 389 23.68 -21.29 -8.13
N PHE D 390 24.06 -21.43 -6.86
CA PHE D 390 25.16 -20.65 -6.25
C PHE D 390 26.45 -20.82 -7.06
N ARG D 391 26.86 -22.06 -7.34
CA ARG D 391 28.14 -22.33 -8.05
C ARG D 391 28.10 -21.65 -9.41
N GLN D 392 27.01 -21.77 -10.14
CA GLN D 392 26.83 -21.16 -11.48
C GLN D 392 26.85 -19.62 -11.40
N THR D 393 26.11 -19.02 -10.46
CA THR D 393 25.97 -17.54 -10.41
C THR D 393 27.29 -16.97 -9.91
N GLU D 394 28.01 -17.65 -8.99
CA GLU D 394 29.34 -17.22 -8.51
C GLU D 394 30.33 -17.22 -9.69
N ARG D 395 30.32 -18.29 -10.50
CA ARG D 395 31.21 -18.39 -11.67
C ARG D 395 30.92 -17.25 -12.64
N GLN D 396 29.65 -17.05 -13.03
CA GLN D 396 29.20 -15.99 -13.96
C GLN D 396 29.65 -14.60 -13.44
N TRP D 397 29.51 -14.33 -12.15
CA TRP D 397 30.00 -13.09 -11.47
C TRP D 397 31.50 -12.90 -11.72
N LYS D 398 32.32 -13.90 -11.40
CA LYS D 398 33.80 -13.83 -11.59
C LYS D 398 34.10 -13.58 -13.08
N GLU D 399 33.47 -14.33 -13.99
CA GLU D 399 33.65 -14.13 -15.46
C GLU D 399 33.35 -12.66 -15.83
N ASP D 400 32.20 -12.13 -15.44
CA ASP D 400 31.73 -10.76 -15.79
C ASP D 400 32.69 -9.71 -15.21
N ARG D 401 33.37 -10.00 -14.10
CA ARG D 401 34.26 -9.06 -13.39
C ARG D 401 35.68 -9.14 -13.97
N ASP D 402 36.00 -10.18 -14.75
CA ASP D 402 37.40 -10.57 -15.09
C ASP D 402 38.21 -9.39 -15.66
N GLY D 403 37.73 -8.64 -16.65
CA GLY D 403 38.58 -7.54 -17.19
C GLY D 403 38.84 -6.38 -16.21
N LYS D 404 38.07 -6.23 -15.13
CA LYS D 404 37.59 -4.86 -14.72
C LYS D 404 38.47 -4.25 -13.64
N SER D 405 38.63 -2.94 -13.70
CA SER D 405 39.40 -2.14 -12.70
C SER D 405 38.67 -2.07 -11.36
N HIS D 406 39.43 -2.14 -10.26
CA HIS D 406 38.99 -1.86 -8.87
C HIS D 406 39.13 -0.36 -8.56
N LEU D 407 39.78 0.43 -9.44
CA LEU D 407 40.20 1.82 -9.14
C LEU D 407 39.37 2.86 -9.90
N ALA D 408 38.82 2.51 -11.04
CA ALA D 408 38.13 3.45 -11.95
C ALA D 408 36.96 2.73 -12.60
N VAL D 409 35.92 3.48 -12.98
CA VAL D 409 34.70 2.91 -13.60
C VAL D 409 34.98 2.49 -15.06
N GLU D 410 34.18 1.56 -15.54
CA GLU D 410 34.28 1.00 -16.91
C GLU D 410 33.81 2.05 -17.93
N GLU D 411 34.19 1.83 -19.18
CA GLU D 411 34.05 2.79 -20.32
C GLU D 411 32.57 3.17 -20.50
N ASN D 412 31.64 2.25 -20.26
CA ASN D 412 30.20 2.51 -20.53
C ASN D 412 29.74 3.78 -19.79
N TRP D 413 30.32 4.09 -18.64
CA TRP D 413 29.89 5.25 -17.84
C TRP D 413 30.02 6.55 -18.66
N TYR D 414 31.11 6.66 -19.42
CA TYR D 414 31.40 7.87 -20.24
C TYR D 414 30.46 7.92 -21.44
N LYS D 415 29.89 6.80 -21.87
CA LYS D 415 28.86 6.75 -22.94
C LYS D 415 27.50 7.22 -22.38
N VAL D 416 27.13 6.91 -21.13
CA VAL D 416 25.74 7.17 -20.68
C VAL D 416 25.65 8.53 -20.01
N LEU D 417 26.72 9.00 -19.38
CA LEU D 417 26.69 10.23 -18.58
C LEU D 417 27.43 11.33 -19.36
N LYS D 418 26.72 12.28 -19.93
CA LYS D 418 27.34 13.35 -20.77
C LYS D 418 28.10 14.31 -19.86
N PRO D 419 29.17 14.94 -20.41
CA PRO D 419 29.90 15.99 -19.67
C PRO D 419 29.02 17.24 -19.47
N ILE D 420 29.35 18.07 -18.49
CA ILE D 420 28.68 19.38 -18.22
C ILE D 420 28.98 20.28 -19.42
N PRO D 421 28.04 21.11 -19.94
CA PRO D 421 28.39 22.02 -21.02
C PRO D 421 29.57 22.91 -20.58
N SER D 422 30.66 22.96 -21.36
CA SER D 422 31.79 23.92 -21.14
C SER D 422 31.38 25.36 -21.47
N GLY D 423 30.14 25.64 -21.88
CA GLY D 423 29.58 27.02 -21.95
C GLY D 423 29.58 27.72 -20.60
#